data_5FMD
#
_entry.id   5FMD
#
_cell.length_a   74.552
_cell.length_b   205.405
_cell.length_c   146.362
_cell.angle_alpha   90.00
_cell.angle_beta   90.00
_cell.angle_gamma   90.00
#
_symmetry.space_group_name_H-M   'P 21 21 2'
#
loop_
_entity.id
_entity.type
_entity.pdbx_description
1 polymer BETA-FRUCTOFURANOSIDASE
2 branched beta-D-mannopyranose-(1-2)-alpha-D-mannopyranose-(1-3)-[alpha-D-mannopyranose-(1-3)-alpha-D-mannopyranose-(1-6)]beta-D-mannopyranose-(1-4)-2-acetamido-2-deoxy-beta-D-glucopyranose-(1-4)-2-acetamido-2-deoxy-beta-D-glucopyranose
3 branched alpha-D-mannopyranose-(1-2)-alpha-D-mannopyranose-(1-2)-alpha-D-mannopyranose-(1-3)-[alpha-D-mannopyranose-(1-2)-alpha-D-mannopyranose-(1-6)-[alpha-D-mannopyranose-(1-3)]alpha-D-mannopyranose-(1-6)]beta-D-mannopyranose-(1-4)-2-acetamido-2-deoxy-beta-D-glucopyranose-(1-4)-2-acetamido-2-deoxy-beta-D-glucopyranose
4 branched 2-acetamido-2-deoxy-beta-D-glucopyranose-(1-4)-2-acetamido-2-deoxy-beta-D-glucopyranose
5 branched alpha-D-mannopyranose-(1-3)-alpha-D-mannopyranose-(1-6)-[alpha-D-mannopyranose-(1-3)]beta-D-mannopyranose-(1-4)-2-acetamido-2-deoxy-beta-D-glucopyranose-(1-4)-2-acetamido-2-deoxy-beta-D-glucopyranose
6 branched beta-D-fructofuranose-(2-1)-beta-D-fructofuranose-(2-1)-beta-D-fructofuranose-(2-1)-alpha-D-glucopyranose
7 non-polymer 2-acetamido-2-deoxy-beta-D-glucopyranose
8 water water
#
_entity_poly.entity_id   1
_entity_poly.type   'polypeptide(L)'
_entity_poly.pdbx_seq_one_letter_code
;MIAPLLKTLPFLAAAYAAELDLPNFSALNRRQDNSTSSSAGCSLDQTVAPGNLTLCGNATLFTTFRPKARFIAPEGWMNA
PMGLYQRADGSIHAGYQSHPKHIQWGNISQGAAYSSDFTSWTDFNGSEGYKTIWPSQIYDIRGVFDGSIIKEGIDGYPTI
LYTSTSFGPLGATLNEAEGTETQSLAYTTDDGASWIKLGYGAGQNPVIYEWPETNLTGFRDPYVFQSPRLEALLANTTSI
TNATGDHFATISGGVHGDGARLFLYRQHTTGEFIKWTYLGPLVTTGYKESYGEWSGNYGINFETAGVTRLNPAGAAWDNG
SDTTAVDFVTFGTEQGRADHQNHWPLWAAVDYEVRDNGSIEAVIAYSGVQDWGRSYAYASFPVEGYRQVSVGWIYEDDDN
VILAKQFGYQGAFTLFRDLFVKVVENVSPSTPGLFEQASWSTKNSTDGMSVTVTTLGQRVVPETLAAYKGNSTVSTLAPV
MLNESAAAYTPFSSQPTDRFYALTGSFEFGLNTTAKAGFRVLASEEEYTDIWFDPASENLTVVRTASSLIKSFGNDTELA
KVKLYEIVGAESKTLNLTVFVDGSVIEIYANDEVALSTRAYPWLANSTGAGLLADGTTAGDVVGVSGLELWDGLVDAWPA
RPANTSQGLVWDGPTAAMYGLFAGY
;
_entity_poly.pdbx_strand_id   A,B
#
loop_
_chem_comp.id
_chem_comp.type
_chem_comp.name
_chem_comp.formula
BMA D-saccharide, beta linking beta-D-mannopyranose 'C6 H12 O6'
FRU D-saccharide, beta linking beta-D-fructofuranose 'C6 H12 O6'
GLC D-saccharide, alpha linking alpha-D-glucopyranose 'C6 H12 O6'
MAN D-saccharide, alpha linking alpha-D-mannopyranose 'C6 H12 O6'
NAG D-saccharide, beta linking 2-acetamido-2-deoxy-beta-D-glucopyranose 'C8 H15 N O6'
#
# COMPACT_ATOMS: atom_id res chain seq x y z
N CYS A 42 -12.89 -0.06 -40.64
CA CYS A 42 -12.62 -1.14 -39.65
C CYS A 42 -13.77 -1.29 -38.63
N SER A 43 -14.28 -2.50 -38.50
CA SER A 43 -15.35 -2.81 -37.57
C SER A 43 -14.78 -3.42 -36.29
N LEU A 44 -15.28 -2.97 -35.15
CA LEU A 44 -14.90 -3.52 -33.85
C LEU A 44 -16.03 -4.36 -33.25
N ASP A 45 -16.85 -4.97 -34.12
CA ASP A 45 -17.97 -5.78 -33.68
C ASP A 45 -17.44 -7.15 -33.26
N GLN A 46 -17.40 -7.40 -31.96
CA GLN A 46 -16.93 -8.67 -31.42
C GLN A 46 -18.04 -9.73 -31.27
N THR A 47 -19.22 -9.48 -31.86
CA THR A 47 -20.27 -10.49 -31.95
C THR A 47 -20.27 -11.23 -33.29
N VAL A 48 -19.41 -10.81 -34.22
CA VAL A 48 -19.27 -11.46 -35.53
C VAL A 48 -17.79 -11.72 -35.80
N ALA A 49 -17.52 -12.46 -36.87
CA ALA A 49 -16.14 -12.79 -37.25
C ALA A 49 -15.33 -11.52 -37.46
N PRO A 50 -14.02 -11.57 -37.13
CA PRO A 50 -13.19 -10.39 -37.32
C PRO A 50 -12.99 -10.08 -38.79
N GLY A 51 -13.02 -8.81 -39.14
CA GLY A 51 -12.69 -8.39 -40.49
C GLY A 51 -11.20 -8.34 -40.69
N ASN A 52 -10.78 -7.48 -41.61
CA ASN A 52 -9.38 -7.22 -41.84
C ASN A 52 -8.96 -6.16 -40.82
N LEU A 53 -8.40 -6.61 -39.70
CA LEU A 53 -8.05 -5.70 -38.60
C LEU A 53 -6.83 -4.82 -38.90
N THR A 54 -6.05 -5.16 -39.93
CA THR A 54 -4.93 -4.30 -40.37
C THR A 54 -5.39 -2.95 -40.94
N LEU A 55 -6.67 -2.83 -41.29
CA LEU A 55 -7.25 -1.55 -41.73
C LEU A 55 -7.56 -0.61 -40.56
N CYS A 56 -7.59 -1.14 -39.33
CA CYS A 56 -7.92 -0.33 -38.16
C CYS A 56 -6.80 0.65 -37.85
N GLY A 57 -7.19 1.77 -37.26
CA GLY A 57 -6.27 2.85 -36.93
C GLY A 57 -5.38 2.50 -35.75
N ASN A 58 -4.44 3.40 -35.47
CA ASN A 58 -3.51 3.22 -34.34
C ASN A 58 -4.25 3.19 -33.02
N ALA A 59 -3.94 2.20 -32.18
CA ALA A 59 -4.52 2.06 -30.83
C ALA A 59 -6.05 1.86 -30.81
N THR A 60 -6.66 1.48 -31.95
CA THR A 60 -8.10 1.20 -31.98
C THR A 60 -8.42 -0.11 -31.27
N LEU A 61 -7.44 -1.00 -31.15
CA LEU A 61 -7.57 -2.23 -30.39
C LEU A 61 -6.87 -2.15 -29.02
N PHE A 62 -6.76 -0.94 -28.47
CA PHE A 62 -5.98 -0.74 -27.22
C PHE A 62 -6.53 -1.56 -26.05
N THR A 63 -7.84 -1.54 -25.83
CA THR A 63 -8.44 -2.25 -24.70
C THR A 63 -8.83 -3.70 -24.99
N THR A 64 -8.85 -4.10 -26.25
CA THR A 64 -9.46 -5.38 -26.66
C THR A 64 -8.84 -6.61 -26.01
N PHE A 65 -7.51 -6.65 -25.96
CA PHE A 65 -6.76 -7.80 -25.46
C PHE A 65 -5.87 -7.45 -24.26
N ARG A 66 -6.07 -6.28 -23.68
CA ARG A 66 -5.06 -5.69 -22.80
C ARG A 66 -5.17 -6.21 -21.36
N PRO A 67 -4.05 -6.67 -20.78
CA PRO A 67 -4.09 -7.02 -19.36
C PRO A 67 -4.49 -5.83 -18.47
N LYS A 68 -5.25 -6.12 -17.42
CA LYS A 68 -5.68 -5.12 -16.43
C LYS A 68 -5.18 -5.36 -15.01
N ALA A 69 -4.71 -6.57 -14.71
CA ALA A 69 -4.42 -7.00 -13.34
C ALA A 69 -2.93 -7.17 -13.04
N ARG A 70 -2.07 -6.64 -13.91
CA ARG A 70 -0.62 -6.82 -13.80
C ARG A 70 0.14 -5.57 -14.20
N PHE A 71 1.44 -5.61 -13.98
CA PHE A 71 2.31 -4.52 -14.35
C PHE A 71 2.41 -4.46 -15.88
N ILE A 72 2.14 -3.28 -16.41
CA ILE A 72 2.28 -2.99 -17.84
C ILE A 72 2.51 -1.48 -17.99
N ALA A 73 3.26 -1.08 -19.02
CA ALA A 73 3.48 0.34 -19.31
C ALA A 73 2.15 1.03 -19.65
N PRO A 74 2.07 2.37 -19.50
CA PRO A 74 0.85 3.06 -19.93
C PRO A 74 0.50 2.87 -21.42
N GLU A 75 1.52 2.79 -22.26
CA GLU A 75 1.34 2.61 -23.69
C GLU A 75 2.68 2.28 -24.32
N GLY A 76 2.64 1.91 -25.59
CA GLY A 76 3.85 1.71 -26.36
C GLY A 76 4.61 0.45 -26.02
N TRP A 77 5.87 0.46 -26.40
CA TRP A 77 6.74 -0.70 -26.27
C TRP A 77 7.32 -0.82 -24.87
N MET A 78 7.28 -2.02 -24.29
CA MET A 78 8.09 -2.34 -23.12
C MET A 78 8.78 -3.69 -23.30
N ASN A 79 9.92 -3.86 -22.64
CA ASN A 79 10.51 -5.19 -22.49
C ASN A 79 11.00 -5.45 -21.06
N ALA A 80 12.29 -5.68 -20.84
CA ALA A 80 12.82 -6.24 -19.60
C ALA A 80 12.54 -5.36 -18.37
N PRO A 81 12.15 -5.99 -17.24
CA PRO A 81 12.20 -5.32 -15.96
C PRO A 81 13.62 -4.87 -15.66
N MET A 82 13.75 -3.77 -14.92
CA MET A 82 15.06 -3.24 -14.55
C MET A 82 14.93 -2.38 -13.31
N GLY A 83 16.08 -2.09 -12.69
CA GLY A 83 16.14 -1.16 -11.56
C GLY A 83 15.20 -1.47 -10.39
N LEU A 84 14.99 -2.76 -10.13
CA LEU A 84 14.06 -3.20 -9.12
C LEU A 84 14.66 -3.04 -7.74
N TYR A 85 13.93 -2.38 -6.84
CA TYR A 85 14.35 -2.32 -5.44
C TYR A 85 13.23 -1.95 -4.51
N GLN A 86 13.36 -2.40 -3.27
CA GLN A 86 12.44 -2.01 -2.22
C GLN A 86 12.95 -0.72 -1.62
N ARG A 87 12.13 0.32 -1.70
CA ARG A 87 12.49 1.65 -1.23
C ARG A 87 12.45 1.71 0.29
N ALA A 88 12.99 2.79 0.84
CA ALA A 88 13.08 2.98 2.30
C ALA A 88 11.72 2.94 3.01
N ASP A 89 10.65 3.37 2.33
CA ASP A 89 9.30 3.31 2.91
C ASP A 89 8.61 1.94 2.78
N GLY A 90 9.32 0.95 2.24
CA GLY A 90 8.79 -0.40 2.07
C GLY A 90 8.12 -0.65 0.74
N SER A 91 7.86 0.40 -0.03
CA SER A 91 7.26 0.24 -1.36
C SER A 91 8.26 -0.34 -2.35
N ILE A 92 7.73 -0.86 -3.45
CA ILE A 92 8.54 -1.48 -4.49
C ILE A 92 8.66 -0.50 -5.66
N HIS A 93 9.90 -0.21 -6.06
CA HIS A 93 10.19 0.53 -7.28
C HIS A 93 10.47 -0.48 -8.38
N ALA A 94 9.72 -0.39 -9.48
CA ALA A 94 9.93 -1.23 -10.66
C ALA A 94 10.20 -0.35 -11.87
N GLY A 95 11.33 -0.58 -12.49
CA GLY A 95 11.68 0.01 -13.76
C GLY A 95 11.43 -0.98 -14.88
N TYR A 96 11.40 -0.47 -16.11
CA TYR A 96 11.30 -1.32 -17.29
C TYR A 96 11.84 -0.65 -18.53
N GLN A 97 12.42 -1.47 -19.40
CA GLN A 97 12.85 -1.02 -20.72
C GLN A 97 11.61 -0.51 -21.48
N SER A 98 11.66 0.74 -21.94
CA SER A 98 10.48 1.45 -22.45
C SER A 98 10.78 2.27 -23.70
N HIS A 99 9.86 2.23 -24.66
CA HIS A 99 9.86 3.10 -25.85
C HIS A 99 8.44 3.64 -26.08
N PRO A 100 8.08 4.73 -25.40
CA PRO A 100 6.75 5.32 -25.54
C PRO A 100 6.42 5.76 -26.96
N LYS A 101 5.14 5.66 -27.30
CA LYS A 101 4.62 6.14 -28.58
C LYS A 101 5.19 5.39 -29.80
N HIS A 102 5.75 4.21 -29.56
CA HIS A 102 6.28 3.32 -30.57
C HIS A 102 5.82 1.90 -30.20
N ILE A 103 5.81 0.99 -31.18
CA ILE A 103 5.48 -0.41 -30.91
C ILE A 103 6.61 -1.38 -31.28
N GLN A 104 7.80 -0.83 -31.58
CA GLN A 104 9.03 -1.61 -31.64
C GLN A 104 10.07 -0.96 -30.74
N TRP A 105 11.06 -1.75 -30.38
CA TRP A 105 12.17 -1.33 -29.52
C TRP A 105 12.96 -0.16 -30.12
N GLY A 106 13.47 0.71 -29.25
CA GLY A 106 14.33 1.79 -29.68
C GLY A 106 14.44 2.86 -28.61
N ASN A 107 15.42 3.75 -28.76
CA ASN A 107 15.72 4.80 -27.78
C ASN A 107 15.51 4.33 -26.35
N ILE A 108 16.01 3.14 -26.05
CA ILE A 108 15.44 2.41 -24.93
C ILE A 108 15.78 3.13 -23.61
N SER A 109 14.77 3.24 -22.77
CA SER A 109 14.79 4.08 -21.57
C SER A 109 14.22 3.29 -20.41
N GLN A 110 14.41 3.82 -19.20
CA GLN A 110 13.72 3.28 -18.03
C GLN A 110 12.41 4.02 -17.80
N GLY A 111 11.29 3.30 -17.98
CA GLY A 111 9.99 3.71 -17.45
C GLY A 111 9.90 3.21 -16.03
N ALA A 112 9.08 3.84 -15.19
CA ALA A 112 9.03 3.42 -13.79
C ALA A 112 7.69 3.63 -13.12
N ALA A 113 7.47 2.83 -12.07
CA ALA A 113 6.28 2.94 -11.25
C ALA A 113 6.57 2.36 -9.87
N TYR A 114 5.64 2.56 -8.93
CA TYR A 114 5.81 2.04 -7.58
C TYR A 114 4.52 1.44 -7.02
N SER A 115 4.69 0.57 -6.02
CA SER A 115 3.58 -0.13 -5.40
C SER A 115 3.90 -0.49 -3.96
N SER A 116 2.90 -0.45 -3.10
CA SER A 116 3.08 -0.94 -1.72
C SER A 116 2.86 -2.45 -1.56
N ASP A 117 2.36 -3.15 -2.59
CA ASP A 117 1.95 -4.55 -2.44
C ASP A 117 2.19 -5.45 -3.67
N PHE A 118 3.07 -5.01 -4.57
CA PHE A 118 3.35 -5.66 -5.87
C PHE A 118 2.17 -5.68 -6.85
N THR A 119 1.02 -5.14 -6.45
CA THR A 119 -0.24 -5.48 -7.12
C THR A 119 -0.96 -4.26 -7.68
N SER A 120 -1.12 -3.23 -6.86
CA SER A 120 -1.70 -1.96 -7.27
C SER A 120 -0.56 -0.95 -7.43
N TRP A 121 -0.45 -0.36 -8.62
CA TRP A 121 0.72 0.46 -9.00
C TRP A 121 0.34 1.91 -9.30
N THR A 122 1.33 2.78 -9.19
CA THR A 122 1.22 4.18 -9.60
C THR A 122 2.43 4.57 -10.46
N ASP A 123 2.16 5.19 -11.59
CA ASP A 123 3.22 5.68 -12.48
C ASP A 123 3.94 6.87 -11.87
N PHE A 124 5.26 6.95 -12.08
CA PHE A 124 5.95 8.23 -11.88
C PHE A 124 5.51 9.19 -12.99
N ASN A 125 5.50 10.48 -12.68
CA ASN A 125 5.19 11.51 -13.66
C ASN A 125 6.13 12.68 -13.48
N GLY A 126 7.03 12.88 -14.43
CA GLY A 126 8.01 13.96 -14.39
C GLY A 126 8.07 14.65 -15.73
N SER A 127 9.18 15.32 -16.00
CA SER A 127 9.34 16.08 -17.24
C SER A 127 9.30 15.18 -18.48
N GLU A 128 9.69 13.92 -18.34
CA GLU A 128 9.60 12.95 -19.44
C GLU A 128 8.49 11.92 -19.23
N GLY A 129 7.38 12.36 -18.66
CA GLY A 129 6.23 11.50 -18.41
C GLY A 129 6.57 10.42 -17.41
N TYR A 130 6.44 9.16 -17.81
CA TYR A 130 6.73 8.04 -16.93
C TYR A 130 8.16 7.50 -17.07
N LYS A 131 8.97 8.09 -17.96
CA LYS A 131 10.39 7.77 -18.04
C LYS A 131 11.13 8.46 -16.91
N THR A 132 12.15 7.78 -16.39
CA THR A 132 13.05 8.38 -15.39
C THR A 132 14.54 8.32 -15.76
N ILE A 133 14.93 7.49 -16.73
CA ILE A 133 16.29 7.52 -17.30
C ILE A 133 16.15 7.32 -18.80
N TRP A 134 16.90 8.08 -19.57
CA TRP A 134 16.82 8.04 -21.02
C TRP A 134 18.19 8.32 -21.63
N PRO A 135 18.39 7.89 -22.90
CA PRO A 135 19.65 8.22 -23.61
C PRO A 135 19.88 9.71 -23.63
N SER A 136 21.06 10.14 -23.20
CA SER A 136 21.38 11.58 -23.15
C SER A 136 22.84 11.96 -23.31
N GLN A 137 23.74 10.99 -23.39
CA GLN A 137 25.18 11.23 -23.41
C GLN A 137 25.78 10.34 -24.48
N ILE A 138 26.96 10.70 -24.98
CA ILE A 138 27.61 9.90 -26.00
C ILE A 138 27.71 8.41 -25.60
N TYR A 139 27.93 8.16 -24.31
CA TYR A 139 28.14 6.80 -23.81
C TYR A 139 26.86 5.96 -23.70
N ASP A 140 25.68 6.60 -23.62
CA ASP A 140 24.41 5.87 -23.56
C ASP A 140 23.36 6.29 -24.60
N ILE A 141 23.77 7.05 -25.62
CA ILE A 141 22.81 7.62 -26.58
C ILE A 141 22.09 6.54 -27.41
N ARG A 142 22.68 5.35 -27.54
CA ARG A 142 22.07 4.27 -28.31
C ARG A 142 21.05 3.47 -27.50
N GLY A 143 20.97 3.70 -26.19
CA GLY A 143 20.04 3.00 -25.32
C GLY A 143 20.55 2.89 -23.89
N VAL A 144 19.64 3.11 -22.95
CA VAL A 144 19.82 2.84 -21.54
C VAL A 144 19.28 1.43 -21.34
N PHE A 145 20.18 0.46 -21.38
CA PHE A 145 19.82 -0.96 -21.28
C PHE A 145 19.58 -1.34 -19.81
N ASP A 146 19.39 -2.63 -19.55
CA ASP A 146 19.10 -3.15 -18.22
C ASP A 146 20.16 -2.71 -17.19
N GLY A 147 19.70 -2.57 -15.95
CA GLY A 147 20.58 -2.24 -14.84
C GLY A 147 19.93 -2.65 -13.53
N SER A 148 20.71 -2.61 -12.45
CA SER A 148 20.27 -3.06 -11.14
C SER A 148 20.75 -2.07 -10.07
N ILE A 149 20.23 -2.24 -8.86
CA ILE A 149 20.30 -1.22 -7.83
C ILE A 149 21.29 -1.55 -6.72
N ILE A 150 22.15 -0.59 -6.44
CA ILE A 150 22.94 -0.50 -5.21
C ILE A 150 22.13 0.35 -4.24
N LYS A 151 21.55 -0.27 -3.21
CA LYS A 151 20.60 0.43 -2.36
C LYS A 151 21.25 1.56 -1.56
N GLU A 152 22.46 1.31 -1.06
CA GLU A 152 23.24 2.35 -0.38
C GLU A 152 24.46 2.69 -1.21
N GLY A 153 24.27 3.61 -2.17
CA GLY A 153 25.27 3.89 -3.19
C GLY A 153 25.89 5.26 -3.04
N ILE A 154 25.94 6.00 -4.15
CA ILE A 154 26.63 7.29 -4.22
C ILE A 154 26.01 8.24 -3.18
N ASP A 155 26.85 8.78 -2.29
CA ASP A 155 26.40 9.68 -1.22
C ASP A 155 25.27 9.08 -0.35
N GLY A 156 25.25 7.76 -0.24
CA GLY A 156 24.22 7.04 0.50
C GLY A 156 22.88 6.83 -0.22
N TYR A 157 22.76 7.28 -1.47
CA TYR A 157 21.48 7.22 -2.21
C TYR A 157 21.37 5.94 -3.03
N PRO A 158 20.13 5.51 -3.33
CA PRO A 158 20.00 4.39 -4.25
C PRO A 158 20.64 4.74 -5.58
N THR A 159 21.38 3.78 -6.12
CA THR A 159 22.25 3.99 -7.26
C THR A 159 22.04 2.84 -8.24
N ILE A 160 21.88 3.16 -9.52
CA ILE A 160 21.72 2.16 -10.56
C ILE A 160 23.03 2.01 -11.33
N LEU A 161 23.44 0.76 -11.53
CA LEU A 161 24.50 0.42 -12.45
C LEU A 161 23.80 -0.21 -13.65
N TYR A 162 23.96 0.43 -14.82
CA TYR A 162 23.23 0.03 -16.03
C TYR A 162 24.13 -0.05 -17.23
N THR A 163 23.70 -0.78 -18.25
CA THR A 163 24.43 -0.84 -19.48
C THR A 163 24.13 0.39 -20.33
N SER A 164 25.15 1.21 -20.52
CA SER A 164 25.11 2.38 -21.37
C SER A 164 25.63 1.99 -22.74
N THR A 165 24.81 2.16 -23.78
CA THR A 165 25.21 1.76 -25.13
C THR A 165 25.47 2.95 -26.04
N SER A 166 26.46 2.79 -26.92
CA SER A 166 26.79 3.79 -27.92
C SER A 166 26.74 3.13 -29.29
N PHE A 167 27.37 3.75 -30.29
N PHE A 167 27.36 3.75 -30.29
CA PHE A 167 27.26 3.33 -31.68
CA PHE A 167 27.25 3.34 -31.69
C PHE A 167 28.03 2.05 -31.97
C PHE A 167 28.02 2.05 -31.97
N GLY A 168 27.69 1.43 -33.09
CA GLY A 168 28.43 0.27 -33.63
C GLY A 168 27.58 -0.98 -33.65
N PRO A 169 28.03 -2.01 -34.38
CA PRO A 169 27.31 -3.28 -34.34
C PRO A 169 27.15 -3.78 -32.91
N LEU A 170 25.95 -4.20 -32.54
CA LEU A 170 25.67 -4.66 -31.19
C LEU A 170 24.84 -5.93 -31.30
N GLY A 171 25.42 -7.05 -30.88
CA GLY A 171 24.69 -8.31 -30.91
C GLY A 171 25.60 -9.51 -30.92
N ALA A 172 25.08 -10.61 -30.41
CA ALA A 172 25.83 -11.86 -30.28
C ALA A 172 26.19 -12.49 -31.61
N THR A 173 25.43 -12.20 -32.67
CA THR A 173 25.72 -12.68 -34.02
C THR A 173 26.41 -11.65 -34.92
N LEU A 174 26.81 -10.50 -34.36
CA LEU A 174 27.50 -9.45 -35.09
C LEU A 174 28.92 -9.31 -34.57
N ASN A 175 29.70 -8.45 -35.22
CA ASN A 175 31.07 -8.20 -34.80
C ASN A 175 31.11 -6.95 -33.93
N GLU A 176 30.69 -7.11 -32.68
CA GLU A 176 30.69 -6.00 -31.73
C GLU A 176 32.11 -5.66 -31.30
N ALA A 177 32.33 -4.38 -31.02
CA ALA A 177 33.62 -3.89 -30.54
C ALA A 177 33.46 -3.27 -29.19
N GLU A 178 34.59 -3.21 -28.48
CA GLU A 178 34.71 -2.58 -27.19
C GLU A 178 34.23 -1.12 -27.24
N GLY A 179 33.47 -0.70 -26.23
CA GLY A 179 32.92 0.66 -26.17
C GLY A 179 31.44 0.75 -26.51
N THR A 180 30.96 -0.14 -27.38
CA THR A 180 29.55 -0.12 -27.77
C THR A 180 28.63 -0.42 -26.58
N GLU A 181 29.04 -1.33 -25.71
CA GLU A 181 28.35 -1.57 -24.44
C GLU A 181 29.31 -1.31 -23.31
N THR A 182 28.96 -0.35 -22.46
CA THR A 182 29.71 -0.04 -21.25
C THR A 182 28.75 -0.03 -20.07
N GLN A 183 29.27 0.14 -18.87
CA GLN A 183 28.43 0.16 -17.67
C GLN A 183 28.62 1.48 -16.93
N SER A 184 27.51 2.09 -16.54
CA SER A 184 27.50 3.44 -16.00
C SER A 184 26.63 3.53 -14.76
N LEU A 185 26.85 4.58 -13.97
CA LEU A 185 26.13 4.83 -12.74
C LEU A 185 25.24 6.07 -12.78
N ALA A 186 24.11 5.97 -12.09
CA ALA A 186 23.27 7.12 -11.78
C ALA A 186 22.68 6.92 -10.41
N TYR A 187 22.34 8.01 -9.72
CA TYR A 187 21.75 7.92 -8.39
C TYR A 187 20.51 8.79 -8.27
N THR A 188 19.65 8.46 -7.32
CA THR A 188 18.42 9.20 -7.11
C THR A 188 18.35 9.83 -5.72
N THR A 189 18.04 11.12 -5.67
CA THR A 189 17.84 11.83 -4.41
C THR A 189 16.35 11.99 -4.06
N ASP A 190 15.47 11.45 -4.90
CA ASP A 190 14.03 11.60 -4.71
C ASP A 190 13.28 10.27 -4.88
N ASP A 191 13.91 9.20 -4.42
CA ASP A 191 13.30 7.87 -4.37
C ASP A 191 12.79 7.36 -5.73
N GLY A 192 13.54 7.67 -6.79
CA GLY A 192 13.25 7.15 -8.13
C GLY A 192 12.42 8.05 -9.03
N ALA A 193 12.01 9.23 -8.55
CA ALA A 193 11.35 10.19 -9.45
C ALA A 193 12.30 10.70 -10.53
N SER A 194 13.60 10.82 -10.21
CA SER A 194 14.62 11.20 -11.18
C SER A 194 15.96 10.58 -10.81
N TRP A 195 16.85 10.52 -11.79
CA TRP A 195 18.20 9.99 -11.58
C TRP A 195 19.21 10.98 -12.15
N ILE A 196 20.34 11.11 -11.44
CA ILE A 196 21.45 11.94 -11.86
C ILE A 196 22.60 11.03 -12.24
N LYS A 197 23.03 11.11 -13.50
CA LYS A 197 24.16 10.30 -13.97
C LYS A 197 25.44 10.96 -13.48
N LEU A 198 26.46 10.15 -13.19
CA LEU A 198 27.80 10.70 -13.03
C LEU A 198 28.24 11.35 -14.35
N GLY A 199 29.18 12.28 -14.27
CA GLY A 199 29.69 12.93 -15.47
C GLY A 199 30.39 11.98 -16.41
N TYR A 200 30.46 12.35 -17.69
CA TYR A 200 31.26 11.60 -18.66
C TYR A 200 32.74 11.93 -18.47
N GLY A 201 33.57 10.89 -18.33
CA GLY A 201 35.03 11.11 -18.43
C GLY A 201 35.86 10.17 -17.57
N ALA A 202 37.16 10.48 -17.53
CA ALA A 202 38.11 9.65 -16.78
C ALA A 202 37.77 9.67 -15.30
N GLY A 203 37.67 8.49 -14.71
CA GLY A 203 37.32 8.35 -13.29
C GLY A 203 35.85 8.57 -12.99
N GLN A 204 35.02 8.70 -14.04
CA GLN A 204 33.57 8.90 -13.90
C GLN A 204 32.87 7.91 -14.85
N ASN A 205 31.75 8.28 -15.45
CA ASN A 205 31.08 7.38 -16.40
C ASN A 205 31.75 7.30 -17.76
N PRO A 206 31.69 6.15 -18.43
CA PRO A 206 31.25 4.88 -17.85
C PRO A 206 32.31 4.31 -16.91
N VAL A 207 31.86 3.57 -15.90
CA VAL A 207 32.76 3.03 -14.88
C VAL A 207 33.36 1.67 -15.24
N ILE A 208 32.69 0.90 -16.11
CA ILE A 208 33.25 -0.34 -16.62
C ILE A 208 33.14 -0.30 -18.15
N TYR A 209 34.28 -0.42 -18.81
CA TYR A 209 34.33 -0.30 -20.27
C TYR A 209 35.29 -1.25 -20.95
N GLU A 210 36.35 -1.69 -20.26
CA GLU A 210 37.27 -2.67 -20.85
C GLU A 210 36.66 -4.05 -20.84
N TRP A 211 36.71 -4.72 -21.98
CA TRP A 211 36.28 -6.11 -22.07
C TRP A 211 37.22 -6.99 -21.26
N PRO A 212 36.66 -7.87 -20.41
CA PRO A 212 37.50 -8.76 -19.61
C PRO A 212 38.17 -9.89 -20.40
N GLU A 213 37.60 -10.24 -21.55
CA GLU A 213 38.17 -11.25 -22.44
C GLU A 213 37.92 -10.75 -23.87
N THR A 214 38.66 -11.27 -24.85
CA THR A 214 38.49 -10.82 -26.25
C THR A 214 37.29 -11.46 -26.93
N ASN A 215 36.85 -10.85 -28.03
CA ASN A 215 35.81 -11.39 -28.93
C ASN A 215 34.50 -11.75 -28.24
N LEU A 216 34.02 -10.83 -27.41
CA LEU A 216 32.76 -11.02 -26.70
C LEU A 216 31.57 -10.99 -27.65
N THR A 217 30.59 -11.83 -27.34
CA THR A 217 29.30 -11.81 -28.00
C THR A 217 28.39 -10.76 -27.38
N GLY A 218 28.68 -10.35 -26.15
CA GLY A 218 27.84 -9.38 -25.43
C GLY A 218 28.51 -8.98 -24.13
N PHE A 219 28.08 -7.86 -23.56
CA PHE A 219 28.72 -7.31 -22.37
C PHE A 219 27.74 -6.35 -21.70
N ARG A 220 26.74 -6.92 -21.04
CA ARG A 220 25.62 -6.11 -20.54
C ARG A 220 24.89 -6.71 -19.35
N ASP A 221 23.95 -5.92 -18.84
CA ASP A 221 22.98 -6.33 -17.82
C ASP A 221 23.67 -6.56 -16.48
N PRO A 222 24.33 -5.51 -15.95
CA PRO A 222 25.05 -5.67 -14.69
C PRO A 222 24.09 -5.95 -13.54
N TYR A 223 24.40 -6.99 -12.77
CA TYR A 223 23.58 -7.39 -11.65
C TYR A 223 24.41 -7.22 -10.38
N VAL A 224 24.06 -6.22 -9.58
CA VAL A 224 24.80 -5.90 -8.37
C VAL A 224 24.14 -6.59 -7.18
N PHE A 225 24.94 -7.21 -6.32
CA PHE A 225 24.39 -7.93 -5.18
C PHE A 225 25.43 -8.00 -4.06
N GLN A 226 24.95 -8.11 -2.84
CA GLN A 226 25.82 -8.39 -1.68
C GLN A 226 25.77 -9.89 -1.45
N SER A 227 26.86 -10.44 -0.92
CA SER A 227 26.97 -11.88 -0.75
C SER A 227 27.95 -12.23 0.38
N PRO A 228 27.44 -12.40 1.60
CA PRO A 228 28.26 -12.97 2.69
C PRO A 228 28.92 -14.29 2.29
N ARG A 229 28.22 -15.11 1.50
CA ARG A 229 28.76 -16.34 0.94
C ARG A 229 30.03 -16.12 0.13
N LEU A 230 29.96 -15.26 -0.89
CA LEU A 230 31.13 -15.00 -1.73
C LEU A 230 32.24 -14.27 -0.98
N GLU A 231 31.89 -13.36 -0.08
CA GLU A 231 32.89 -12.68 0.76
C GLU A 231 33.70 -13.68 1.60
N ALA A 232 33.00 -14.63 2.22
CA ALA A 232 33.65 -15.68 3.02
C ALA A 232 34.57 -16.55 2.16
N LEU A 233 34.09 -16.92 0.97
CA LEU A 233 34.89 -17.73 0.05
C LEU A 233 36.15 -17.02 -0.46
N LEU A 234 36.07 -15.71 -0.67
CA LEU A 234 37.20 -14.94 -1.22
C LEU A 234 38.13 -14.32 -0.18
N ALA A 235 37.75 -14.39 1.10
CA ALA A 235 38.45 -13.68 2.17
C ALA A 235 39.96 -14.00 2.26
N ASN A 236 40.33 -15.25 1.98
CA ASN A 236 41.75 -15.65 1.96
C ASN A 236 42.53 -15.31 0.70
N THR A 237 41.86 -14.72 -0.31
CA THR A 237 42.50 -14.37 -1.59
C THR A 237 42.54 -12.86 -1.89
N THR A 238 42.09 -12.02 -0.96
CA THR A 238 42.00 -10.58 -1.24
C THR A 238 43.36 -9.88 -1.44
N SER A 239 44.45 -10.49 -0.97
CA SER A 239 45.80 -10.01 -1.31
C SER A 239 46.14 -10.18 -2.78
N ILE A 240 45.56 -11.16 -3.45
CA ILE A 240 45.87 -11.42 -4.86
C ILE A 240 45.24 -10.35 -5.76
N THR A 241 43.99 -9.98 -5.46
CA THR A 241 43.22 -9.05 -6.29
C THR A 241 43.09 -7.63 -5.74
N ASN A 242 43.28 -7.45 -4.44
CA ASN A 242 43.04 -6.19 -3.72
C ASN A 242 41.57 -5.73 -3.67
N ALA A 243 40.62 -6.58 -4.10
CA ALA A 243 39.21 -6.20 -4.13
C ALA A 243 38.57 -6.67 -2.84
N THR A 244 38.09 -5.73 -2.03
CA THR A 244 37.56 -6.02 -0.71
C THR A 244 36.18 -5.43 -0.43
N GLY A 245 35.51 -4.91 -1.46
CA GLY A 245 34.20 -4.30 -1.27
C GLY A 245 33.11 -5.31 -0.94
N ASP A 246 31.99 -4.80 -0.45
CA ASP A 246 30.85 -5.64 -0.05
C ASP A 246 29.79 -5.83 -1.15
N HIS A 247 30.03 -5.28 -2.34
CA HIS A 247 29.16 -5.51 -3.51
C HIS A 247 29.89 -6.28 -4.58
N PHE A 248 29.18 -7.23 -5.17
CA PHE A 248 29.64 -7.92 -6.36
C PHE A 248 28.75 -7.51 -7.53
N ALA A 249 29.24 -7.71 -8.74
CA ALA A 249 28.45 -7.48 -9.95
C ALA A 249 28.78 -8.51 -11.00
N THR A 250 27.75 -9.11 -11.59
CA THR A 250 27.96 -9.93 -12.77
C THR A 250 27.61 -9.13 -14.02
N ILE A 251 28.30 -9.43 -15.11
CA ILE A 251 27.97 -8.89 -16.42
C ILE A 251 27.78 -10.09 -17.35
N SER A 252 26.69 -10.05 -18.12
CA SER A 252 26.27 -11.15 -18.97
C SER A 252 26.86 -11.03 -20.36
N GLY A 253 27.33 -12.16 -20.88
CA GLY A 253 27.90 -12.17 -22.21
C GLY A 253 28.24 -13.54 -22.71
N GLY A 254 29.38 -13.63 -23.39
CA GLY A 254 29.85 -14.87 -23.99
C GLY A 254 31.04 -14.57 -24.88
N VAL A 255 31.55 -15.60 -25.54
CA VAL A 255 32.72 -15.49 -26.41
C VAL A 255 32.38 -16.11 -27.76
N HIS A 256 32.70 -15.41 -28.84
CA HIS A 256 32.35 -15.86 -30.18
C HIS A 256 32.84 -17.29 -30.43
N GLY A 257 31.93 -18.13 -30.89
CA GLY A 257 32.23 -19.53 -31.18
C GLY A 257 32.42 -20.45 -30.00
N ASP A 258 32.38 -19.93 -28.76
CA ASP A 258 32.76 -20.72 -27.58
C ASP A 258 31.80 -20.63 -26.39
N GLY A 259 30.55 -20.23 -26.65
CA GLY A 259 29.50 -20.27 -25.63
C GLY A 259 29.40 -19.05 -24.74
N ALA A 260 28.41 -19.10 -23.85
CA ALA A 260 28.07 -18.00 -22.97
C ALA A 260 29.00 -17.90 -21.77
N ARG A 261 29.04 -16.70 -21.19
CA ARG A 261 29.86 -16.39 -20.03
C ARG A 261 29.10 -15.44 -19.12
N LEU A 262 29.21 -15.67 -17.82
CA LEU A 262 28.81 -14.69 -16.82
C LEU A 262 30.07 -14.24 -16.11
N PHE A 263 30.41 -12.95 -16.23
CA PHE A 263 31.65 -12.39 -15.70
C PHE A 263 31.42 -11.82 -14.31
N LEU A 264 32.29 -12.14 -13.35
CA LEU A 264 32.15 -11.65 -11.99
C LEU A 264 33.13 -10.53 -11.68
N TYR A 265 32.60 -9.43 -11.17
CA TYR A 265 33.37 -8.29 -10.69
C TYR A 265 33.10 -8.14 -9.21
N ARG A 266 34.07 -7.55 -8.51
CA ARG A 266 33.90 -7.16 -7.13
C ARG A 266 34.25 -5.70 -6.98
N GLN A 267 33.41 -4.98 -6.26
CA GLN A 267 33.66 -3.61 -5.85
C GLN A 267 35.02 -3.56 -5.17
N HIS A 268 35.89 -2.67 -5.63
CA HIS A 268 37.28 -2.69 -5.15
C HIS A 268 37.38 -2.30 -3.69
N THR A 269 36.65 -1.26 -3.29
CA THR A 269 36.67 -0.74 -1.92
C THR A 269 35.27 -0.43 -1.44
N THR A 270 34.93 -0.86 -0.23
CA THR A 270 33.64 -0.55 0.39
C THR A 270 33.40 0.96 0.44
N GLY A 271 32.17 1.36 0.13
CA GLY A 271 31.80 2.77 0.12
C GLY A 271 32.28 3.57 -1.08
N GLU A 272 32.94 2.94 -2.05
CA GLU A 272 33.42 3.61 -3.25
C GLU A 272 32.88 2.84 -4.47
N PHE A 273 32.33 3.56 -5.45
CA PHE A 273 31.53 2.91 -6.51
C PHE A 273 32.04 3.06 -7.94
N ILE A 274 33.19 3.69 -8.10
CA ILE A 274 33.80 3.88 -9.40
C ILE A 274 34.58 2.63 -9.84
N LYS A 275 35.39 2.08 -8.92
CA LYS A 275 36.31 1.00 -9.29
C LYS A 275 35.72 -0.38 -9.00
N TRP A 276 35.58 -1.19 -10.05
CA TRP A 276 35.10 -2.56 -9.99
C TRP A 276 36.19 -3.43 -10.59
N THR A 277 36.59 -4.47 -9.85
CA THR A 277 37.69 -5.33 -10.27
C THR A 277 37.16 -6.63 -10.84
N TYR A 278 37.55 -6.94 -12.07
CA TYR A 278 37.19 -8.20 -12.70
C TYR A 278 37.93 -9.33 -12.00
N LEU A 279 37.19 -10.31 -11.52
CA LEU A 279 37.78 -11.50 -10.87
C LEU A 279 37.99 -12.61 -11.88
N GLY A 280 36.92 -12.98 -12.57
CA GLY A 280 36.96 -14.05 -13.56
C GLY A 280 35.57 -14.48 -14.00
N PRO A 281 35.49 -15.45 -14.93
CA PRO A 281 34.20 -16.00 -15.35
C PRO A 281 33.57 -16.83 -14.24
N LEU A 282 32.32 -16.52 -13.92
CA LEU A 282 31.58 -17.22 -12.87
C LEU A 282 30.93 -18.45 -13.46
N VAL A 283 30.22 -18.26 -14.58
CA VAL A 283 29.57 -19.35 -15.29
C VAL A 283 30.12 -19.41 -16.71
N THR A 284 30.53 -20.61 -17.12
CA THR A 284 31.04 -20.87 -18.45
C THR A 284 30.29 -22.07 -19.00
N THR A 285 29.58 -21.88 -20.11
CA THR A 285 28.87 -22.96 -20.79
C THR A 285 29.33 -23.04 -22.23
N GLY A 286 29.04 -24.16 -22.87
CA GLY A 286 29.49 -24.42 -24.24
C GLY A 286 28.55 -23.86 -25.29
N TYR A 287 29.08 -23.72 -26.51
CA TYR A 287 28.31 -23.24 -27.66
C TYR A 287 27.10 -24.14 -27.95
N LYS A 288 25.91 -23.59 -27.70
CA LYS A 288 24.63 -24.31 -27.81
C LYS A 288 24.58 -25.64 -27.03
N GLU A 289 25.30 -25.69 -25.90
CA GLU A 289 25.26 -26.82 -24.97
C GLU A 289 23.88 -26.92 -24.33
N SER A 290 23.36 -28.15 -24.21
CA SER A 290 22.15 -28.40 -23.45
C SER A 290 22.43 -29.41 -22.34
N TYR A 291 21.94 -29.13 -21.14
CA TYR A 291 22.02 -30.08 -20.02
C TYR A 291 20.92 -31.17 -20.16
N GLY A 292 19.95 -30.96 -21.04
CA GLY A 292 18.96 -31.98 -21.39
C GLY A 292 17.56 -31.45 -21.55
N GLU A 293 16.61 -32.38 -21.64
CA GLU A 293 15.20 -32.12 -21.92
C GLU A 293 14.50 -31.22 -20.87
N TRP A 294 15.00 -31.23 -19.65
CA TRP A 294 14.42 -30.46 -18.56
C TRP A 294 15.08 -29.10 -18.36
N SER A 295 16.02 -28.74 -19.23
CA SER A 295 16.96 -27.66 -18.94
C SER A 295 17.15 -26.63 -20.07
N GLY A 296 16.33 -26.67 -21.10
CA GLY A 296 16.49 -25.79 -22.26
C GLY A 296 17.84 -25.95 -22.94
N ASN A 297 18.43 -24.83 -23.33
CA ASN A 297 19.71 -24.82 -24.04
C ASN A 297 20.47 -23.56 -23.66
N TYR A 298 21.78 -23.69 -23.44
CA TYR A 298 22.60 -22.57 -22.97
C TYR A 298 22.99 -21.56 -24.07
N GLY A 299 22.64 -21.84 -25.32
CA GLY A 299 22.76 -20.87 -26.41
C GLY A 299 24.20 -20.42 -26.64
N ILE A 300 24.34 -19.18 -27.08
CA ILE A 300 25.65 -18.60 -27.41
C ILE A 300 26.05 -17.39 -26.55
N ASN A 301 25.11 -16.87 -25.76
CA ASN A 301 25.30 -15.61 -25.08
C ASN A 301 24.26 -15.52 -23.97
N PHE A 302 24.66 -15.01 -22.80
CA PHE A 302 23.74 -14.80 -21.69
C PHE A 302 23.22 -13.37 -21.69
N GLU A 303 22.01 -13.21 -21.19
CA GLU A 303 21.41 -11.90 -20.93
C GLU A 303 20.73 -11.92 -19.58
N THR A 304 20.64 -10.74 -18.97
CA THR A 304 19.91 -10.49 -17.72
C THR A 304 20.18 -11.52 -16.62
N ALA A 305 21.45 -11.91 -16.46
CA ALA A 305 21.78 -12.92 -15.46
C ALA A 305 21.81 -12.32 -14.06
N GLY A 306 21.37 -13.10 -13.08
CA GLY A 306 21.44 -12.72 -11.66
C GLY A 306 21.95 -13.86 -10.81
N VAL A 307 22.36 -13.54 -9.59
CA VAL A 307 22.92 -14.48 -8.63
C VAL A 307 22.17 -14.30 -7.32
N THR A 308 21.73 -15.40 -6.72
CA THR A 308 21.06 -15.35 -5.44
C THR A 308 21.40 -16.58 -4.60
N ARG A 309 20.95 -16.56 -3.36
CA ARG A 309 21.11 -17.68 -2.45
C ARG A 309 19.81 -17.83 -1.71
N LEU A 310 19.27 -19.05 -1.71
CA LEU A 310 17.94 -19.31 -1.20
C LEU A 310 17.96 -20.47 -0.22
N ASN A 311 16.95 -20.52 0.63
CA ASN A 311 16.71 -21.69 1.49
C ASN A 311 15.20 -22.00 1.43
N PRO A 312 14.73 -23.02 2.17
CA PRO A 312 13.32 -23.35 2.00
C PRO A 312 12.32 -22.22 2.28
N ALA A 313 12.68 -21.26 3.13
CA ALA A 313 11.79 -20.15 3.47
C ALA A 313 11.83 -18.96 2.48
N GLY A 314 12.90 -18.85 1.69
CA GLY A 314 13.08 -17.66 0.82
C GLY A 314 14.56 -17.36 0.58
N ALA A 315 14.93 -16.10 0.78
CA ALA A 315 16.32 -15.65 0.62
C ALA A 315 17.17 -16.07 1.81
N ALA A 316 18.41 -16.48 1.54
CA ALA A 316 19.36 -16.86 2.57
C ALA A 316 20.55 -15.92 2.53
N TRP A 317 20.87 -15.29 3.65
CA TRP A 317 21.99 -14.36 3.76
C TRP A 317 23.15 -14.88 4.62
N ASP A 318 23.23 -16.19 4.79
CA ASP A 318 24.33 -16.82 5.54
C ASP A 318 25.61 -16.87 4.71
N ASN A 319 26.73 -17.16 5.37
CA ASN A 319 28.04 -17.26 4.73
C ASN A 319 28.40 -18.64 4.17
N GLY A 320 27.46 -19.57 4.18
CA GLY A 320 27.72 -20.98 3.87
C GLY A 320 27.33 -21.91 5.02
N SER A 321 27.16 -21.35 6.21
CA SER A 321 26.82 -22.13 7.42
C SER A 321 25.44 -22.77 7.42
N ASP A 322 24.50 -22.22 6.65
CA ASP A 322 23.16 -22.82 6.52
C ASP A 322 23.23 -23.97 5.52
N THR A 323 23.17 -25.20 6.02
CA THR A 323 23.23 -26.40 5.19
C THR A 323 21.98 -26.61 4.32
N THR A 324 20.90 -25.89 4.60
CA THR A 324 19.68 -25.96 3.78
C THR A 324 19.69 -24.95 2.63
N ALA A 325 20.67 -24.06 2.58
CA ALA A 325 20.71 -23.00 1.56
C ALA A 325 21.39 -23.49 0.28
N VAL A 326 20.97 -22.93 -0.85
CA VAL A 326 21.48 -23.31 -2.16
C VAL A 326 21.77 -22.04 -2.95
N ASP A 327 22.92 -22.01 -3.65
CA ASP A 327 23.29 -20.90 -4.52
C ASP A 327 22.68 -21.12 -5.90
N PHE A 328 22.07 -20.07 -6.45
CA PHE A 328 21.42 -20.15 -7.75
C PHE A 328 21.89 -19.01 -8.65
N VAL A 329 21.94 -19.29 -9.94
CA VAL A 329 22.08 -18.26 -10.96
C VAL A 329 20.84 -18.35 -11.83
N THR A 330 20.27 -17.20 -12.19
CA THR A 330 19.20 -17.15 -13.20
C THR A 330 19.75 -16.37 -14.39
N PHE A 331 19.33 -16.75 -15.60
CA PHE A 331 19.92 -16.16 -16.81
C PHE A 331 19.09 -16.47 -18.04
N GLY A 332 19.06 -15.52 -18.97
CA GLY A 332 18.52 -15.75 -20.30
C GLY A 332 19.63 -16.23 -21.22
N THR A 333 19.28 -17.06 -22.18
CA THR A 333 20.24 -17.47 -23.21
C THR A 333 19.65 -17.16 -24.57
N GLU A 334 20.49 -16.86 -25.54
CA GLU A 334 20.02 -16.62 -26.89
C GLU A 334 20.64 -17.55 -27.93
N GLN A 335 19.86 -17.76 -28.99
CA GLN A 335 20.24 -18.56 -30.17
C GLN A 335 20.38 -20.06 -29.91
N GLY A 336 19.86 -20.54 -28.78
CA GLY A 336 19.78 -21.98 -28.50
C GLY A 336 18.39 -22.55 -28.65
N ARG A 337 17.48 -21.80 -29.27
CA ARG A 337 16.08 -22.19 -29.38
C ARG A 337 15.54 -21.80 -30.76
N ALA A 338 14.75 -22.69 -31.36
CA ALA A 338 14.23 -22.49 -32.72
C ALA A 338 13.08 -21.49 -32.79
N ASP A 339 12.43 -21.23 -31.66
CA ASP A 339 11.25 -20.37 -31.59
C ASP A 339 11.32 -19.57 -30.28
N HIS A 340 10.22 -18.94 -29.85
CA HIS A 340 10.24 -18.12 -28.63
C HIS A 340 11.34 -17.07 -28.67
N GLN A 341 11.45 -16.40 -29.83
CA GLN A 341 12.43 -15.34 -30.05
C GLN A 341 13.88 -15.79 -29.76
N ASN A 342 14.13 -17.08 -30.01
CA ASN A 342 15.42 -17.73 -29.77
C ASN A 342 15.93 -17.68 -28.32
N HIS A 343 15.01 -17.49 -27.36
CA HIS A 343 15.35 -17.17 -25.98
C HIS A 343 14.88 -18.20 -24.98
N TRP A 344 15.77 -18.65 -24.09
CA TRP A 344 15.41 -19.48 -22.92
C TRP A 344 15.66 -18.70 -21.63
N PRO A 345 14.65 -18.57 -20.75
CA PRO A 345 14.90 -18.07 -19.40
C PRO A 345 15.17 -19.23 -18.44
N LEU A 346 16.42 -19.36 -18.02
CA LEU A 346 16.89 -20.53 -17.30
C LEU A 346 17.31 -20.20 -15.88
N TRP A 347 17.57 -21.26 -15.10
CA TRP A 347 18.22 -21.15 -13.81
C TRP A 347 19.07 -22.38 -13.56
N ALA A 348 20.05 -22.23 -12.68
CA ALA A 348 20.92 -23.33 -12.30
C ALA A 348 21.29 -23.24 -10.84
N ALA A 349 21.28 -24.38 -10.16
CA ALA A 349 21.88 -24.51 -8.84
C ALA A 349 23.37 -24.71 -9.06
N VAL A 350 24.20 -24.03 -8.27
CA VAL A 350 25.64 -24.04 -8.48
C VAL A 350 26.38 -24.30 -7.18
N ASP A 351 27.56 -24.89 -7.30
CA ASP A 351 28.49 -25.03 -6.18
C ASP A 351 29.73 -24.21 -6.50
N TYR A 352 30.05 -23.26 -5.63
CA TYR A 352 31.16 -22.34 -5.86
C TYR A 352 32.51 -23.00 -5.50
N GLU A 353 33.49 -22.83 -6.39
CA GLU A 353 34.88 -23.23 -6.15
C GLU A 353 35.76 -21.99 -6.26
N VAL A 354 36.72 -21.84 -5.36
CA VAL A 354 37.64 -20.69 -5.39
C VAL A 354 38.85 -21.03 -6.26
N ARG A 355 39.15 -20.18 -7.23
CA ARG A 355 40.32 -20.34 -8.08
C ARG A 355 41.56 -19.75 -7.42
N ASP A 356 42.73 -20.19 -7.87
CA ASP A 356 44.02 -19.71 -7.33
C ASP A 356 44.24 -18.21 -7.53
N ASN A 357 43.69 -17.63 -8.59
CA ASN A 357 43.80 -16.18 -8.84
C ASN A 357 42.76 -15.30 -8.09
N GLY A 358 42.04 -15.88 -7.12
CA GLY A 358 41.11 -15.12 -6.30
C GLY A 358 39.79 -14.83 -6.99
N SER A 359 39.32 -15.78 -7.79
CA SER A 359 38.02 -15.69 -8.48
C SER A 359 37.19 -16.92 -8.13
N ILE A 360 35.96 -16.98 -8.65
CA ILE A 360 35.00 -18.03 -8.31
C ILE A 360 34.52 -18.74 -9.56
N GLU A 361 34.56 -20.07 -9.54
CA GLU A 361 33.90 -20.87 -10.56
C GLU A 361 32.59 -21.39 -9.97
N ALA A 362 31.47 -21.07 -10.62
CA ALA A 362 30.17 -21.59 -10.24
C ALA A 362 29.93 -22.85 -11.08
N VAL A 363 30.09 -24.00 -10.44
CA VAL A 363 29.92 -25.27 -11.13
C VAL A 363 28.46 -25.67 -11.06
N ILE A 364 27.84 -25.88 -12.22
CA ILE A 364 26.40 -26.20 -12.28
C ILE A 364 26.15 -27.60 -11.71
N ALA A 365 25.27 -27.68 -10.71
CA ALA A 365 24.89 -28.95 -10.06
C ALA A 365 23.64 -29.55 -10.66
N TYR A 366 22.67 -28.69 -10.96
CA TYR A 366 21.48 -29.04 -11.74
C TYR A 366 20.91 -27.77 -12.33
N SER A 367 20.06 -27.91 -13.34
CA SER A 367 19.75 -26.79 -14.24
C SER A 367 18.33 -26.92 -14.75
N GLY A 368 17.56 -25.84 -14.64
CA GLY A 368 16.17 -25.85 -15.03
C GLY A 368 15.72 -24.63 -15.84
N VAL A 369 14.41 -24.47 -15.91
CA VAL A 369 13.77 -23.45 -16.74
C VAL A 369 12.88 -22.61 -15.83
N GLN A 370 13.03 -21.29 -15.90
CA GLN A 370 12.24 -20.39 -15.05
C GLN A 370 10.81 -20.22 -15.57
N ASP A 371 10.63 -20.20 -16.88
CA ASP A 371 9.32 -20.15 -17.51
C ASP A 371 9.45 -20.78 -18.89
N TRP A 372 8.50 -21.64 -19.24
CA TRP A 372 8.57 -22.41 -20.48
C TRP A 372 7.89 -21.74 -21.67
N GLY A 373 7.27 -20.57 -21.47
CA GLY A 373 6.51 -19.92 -22.51
C GLY A 373 7.10 -18.64 -23.05
N ARG A 374 6.23 -17.70 -23.42
CA ARG A 374 6.61 -16.46 -24.08
C ARG A 374 7.05 -15.40 -23.06
N SER A 375 8.07 -15.73 -22.29
CA SER A 375 8.65 -14.79 -21.34
C SER A 375 10.15 -14.94 -21.27
N TYR A 376 10.79 -13.90 -20.75
CA TYR A 376 12.22 -13.75 -20.79
C TYR A 376 12.59 -12.60 -19.87
N ALA A 377 13.90 -12.45 -19.61
CA ALA A 377 14.44 -11.27 -18.92
C ALA A 377 13.96 -11.20 -17.47
N TYR A 378 14.08 -12.32 -16.77
CA TYR A 378 13.75 -12.35 -15.35
C TYR A 378 14.80 -11.60 -14.53
N ALA A 379 14.31 -10.69 -13.68
CA ALA A 379 15.14 -9.96 -12.72
C ALA A 379 14.68 -10.38 -11.34
N SER A 380 15.61 -10.57 -10.40
CA SER A 380 15.24 -10.82 -9.01
C SER A 380 15.88 -9.79 -8.09
N PHE A 381 15.22 -9.54 -6.97
CA PHE A 381 15.67 -8.54 -6.02
C PHE A 381 15.25 -8.88 -4.59
N PRO A 382 16.02 -8.41 -3.60
CA PRO A 382 15.71 -8.73 -2.21
C PRO A 382 14.55 -7.92 -1.67
N VAL A 383 13.72 -8.55 -0.87
CA VAL A 383 12.58 -7.91 -0.22
C VAL A 383 12.61 -8.28 1.26
N GLU A 384 12.23 -7.33 2.11
CA GLU A 384 12.27 -7.50 3.57
C GLU A 384 11.54 -8.75 4.02
N GLY A 385 12.03 -9.34 5.11
CA GLY A 385 11.50 -10.63 5.59
C GLY A 385 12.14 -11.81 4.89
N TYR A 386 13.39 -11.64 4.44
CA TYR A 386 14.18 -12.72 3.87
C TYR A 386 13.51 -13.32 2.64
N ARG A 387 13.17 -12.44 1.69
CA ARG A 387 12.56 -12.84 0.44
C ARG A 387 13.45 -12.44 -0.73
N GLN A 388 13.38 -13.22 -1.80
CA GLN A 388 13.94 -12.86 -3.09
C GLN A 388 12.77 -12.97 -4.07
N VAL A 389 12.47 -11.87 -4.76
CA VAL A 389 11.31 -11.79 -5.63
C VAL A 389 11.78 -11.63 -7.07
N SER A 390 11.15 -12.39 -7.97
CA SER A 390 11.55 -12.44 -9.38
C SER A 390 10.36 -12.02 -10.25
N VAL A 391 10.65 -11.29 -11.33
CA VAL A 391 9.63 -10.89 -12.29
C VAL A 391 10.26 -10.82 -13.67
N GLY A 392 9.48 -11.16 -14.70
CA GLY A 392 9.96 -11.21 -16.07
C GLY A 392 9.05 -10.43 -17.00
N TRP A 393 9.39 -10.52 -18.28
CA TRP A 393 8.66 -9.84 -19.36
C TRP A 393 7.97 -10.88 -20.21
N ILE A 394 6.66 -10.70 -20.41
CA ILE A 394 5.87 -11.51 -21.33
C ILE A 394 5.70 -10.70 -22.61
N TYR A 395 6.27 -11.21 -23.70
CA TYR A 395 6.14 -10.56 -25.00
C TYR A 395 4.81 -10.97 -25.64
N GLU A 396 4.40 -10.26 -26.69
CA GLU A 396 3.17 -10.59 -27.41
C GLU A 396 3.44 -11.81 -28.30
N ASP A 397 2.39 -12.34 -28.93
CA ASP A 397 2.57 -13.39 -29.95
C ASP A 397 2.11 -12.85 -31.30
N ASP A 398 2.81 -11.80 -31.74
CA ASP A 398 2.56 -11.13 -33.01
C ASP A 398 3.93 -10.80 -33.61
N ASP A 399 4.74 -11.83 -33.80
CA ASP A 399 6.13 -11.66 -34.20
C ASP A 399 6.34 -11.04 -35.59
N ASN A 400 5.32 -11.11 -36.46
CA ASN A 400 5.38 -10.39 -37.75
C ASN A 400 4.87 -8.95 -37.69
N VAL A 401 4.50 -8.48 -36.49
CA VAL A 401 4.14 -7.08 -36.25
C VAL A 401 2.93 -6.64 -37.11
N ILE A 402 1.92 -7.51 -37.14
CA ILE A 402 0.75 -7.32 -38.00
C ILE A 402 -0.27 -6.39 -37.36
N LEU A 403 -0.50 -6.53 -36.05
CA LEU A 403 -1.50 -5.73 -35.36
C LEU A 403 -0.92 -4.86 -34.21
N ALA A 404 0.40 -4.73 -34.16
CA ALA A 404 1.05 -3.96 -33.07
C ALA A 404 0.62 -2.50 -33.05
N LYS A 405 0.58 -1.84 -34.22
CA LYS A 405 0.11 -0.47 -34.28
C LYS A 405 -1.34 -0.31 -33.85
N GLN A 406 -2.16 -1.30 -34.22
CA GLN A 406 -3.56 -1.30 -33.82
C GLN A 406 -3.72 -1.48 -32.30
N PHE A 407 -2.87 -2.31 -31.69
CA PHE A 407 -2.81 -2.40 -30.21
C PHE A 407 -2.45 -1.03 -29.62
N GLY A 408 -1.38 -0.43 -30.13
CA GLY A 408 -0.82 0.79 -29.55
C GLY A 408 0.11 0.55 -28.35
N TYR A 409 0.45 -0.71 -28.14
CA TYR A 409 1.38 -1.12 -27.06
C TYR A 409 1.89 -2.52 -27.38
N GLN A 410 3.02 -2.89 -26.74
CA GLN A 410 3.52 -4.26 -26.77
C GLN A 410 4.13 -4.59 -25.41
N GLY A 411 3.73 -5.73 -24.84
CA GLY A 411 4.42 -6.32 -23.71
C GLY A 411 3.75 -6.10 -22.37
N ALA A 412 4.07 -6.97 -21.42
CA ALA A 412 3.67 -6.82 -20.01
C ALA A 412 4.69 -7.54 -19.14
N PHE A 413 4.58 -7.37 -17.82
CA PHE A 413 5.34 -8.22 -16.92
C PHE A 413 4.59 -9.54 -16.66
N THR A 414 5.34 -10.51 -16.16
CA THR A 414 4.77 -11.64 -15.44
C THR A 414 4.23 -11.15 -14.10
N LEU A 415 3.63 -12.05 -13.33
CA LEU A 415 3.39 -11.77 -11.92
C LEU A 415 4.72 -11.80 -11.17
N PHE A 416 4.74 -11.19 -10.00
CA PHE A 416 5.92 -11.19 -9.14
C PHE A 416 5.93 -12.51 -8.37
N ARG A 417 7.10 -13.14 -8.32
CA ARG A 417 7.21 -14.49 -7.79
C ARG A 417 8.21 -14.54 -6.65
N ASP A 418 7.82 -15.13 -5.52
CA ASP A 418 8.78 -15.45 -4.46
C ASP A 418 9.59 -16.68 -4.91
N LEU A 419 10.91 -16.57 -4.82
CA LEU A 419 11.80 -17.70 -5.00
C LEU A 419 12.15 -18.32 -3.65
N PHE A 420 12.32 -19.63 -3.65
CA PHE A 420 12.68 -20.39 -2.47
C PHE A 420 13.20 -21.75 -2.90
N VAL A 421 13.81 -22.48 -1.98
CA VAL A 421 14.21 -23.87 -2.24
C VAL A 421 13.00 -24.76 -1.98
N LYS A 422 12.49 -25.39 -3.04
CA LYS A 422 11.39 -26.35 -2.91
C LYS A 422 11.99 -27.69 -2.46
N VAL A 423 11.49 -28.20 -1.34
CA VAL A 423 11.93 -29.48 -0.79
C VAL A 423 10.73 -30.42 -0.74
N VAL A 424 10.84 -31.60 -1.34
CA VAL A 424 9.79 -32.61 -1.28
C VAL A 424 10.35 -33.81 -0.53
N GLU A 425 9.72 -34.13 0.60
CA GLU A 425 10.17 -35.23 1.45
C GLU A 425 9.42 -36.51 1.11
N ASN A 426 10.03 -37.63 1.51
CA ASN A 426 9.41 -38.95 1.37
C ASN A 426 9.02 -39.31 -0.04
N VAL A 427 9.88 -38.98 -1.00
CA VAL A 427 9.63 -39.30 -2.38
C VAL A 427 9.98 -40.77 -2.61
N SER A 428 9.10 -41.45 -3.32
CA SER A 428 9.30 -42.86 -3.69
C SER A 428 10.42 -43.01 -4.71
N PRO A 429 11.39 -43.91 -4.44
CA PRO A 429 12.42 -44.23 -5.42
C PRO A 429 11.93 -44.77 -6.78
N SER A 430 10.69 -45.24 -6.87
CA SER A 430 10.12 -45.70 -8.14
C SER A 430 9.48 -44.60 -8.99
N THR A 431 9.56 -43.34 -8.54
CA THR A 431 9.19 -42.20 -9.40
C THR A 431 9.99 -42.29 -10.70
N PRO A 432 9.30 -42.39 -11.85
CA PRO A 432 10.05 -42.53 -13.11
C PRO A 432 11.05 -41.40 -13.35
N GLY A 433 12.26 -41.77 -13.79
CA GLY A 433 13.31 -40.79 -14.13
C GLY A 433 13.85 -39.95 -12.99
N LEU A 434 13.66 -40.39 -11.74
CA LEU A 434 14.00 -39.59 -10.58
C LEU A 434 15.51 -39.32 -10.45
N PHE A 435 16.32 -40.30 -10.83
CA PHE A 435 17.78 -40.21 -10.64
C PHE A 435 18.53 -39.71 -11.86
N GLU A 436 17.80 -39.22 -12.86
CA GLU A 436 18.40 -38.38 -13.87
C GLU A 436 18.91 -37.08 -13.15
N GLN A 437 18.21 -36.66 -12.08
CA GLN A 437 18.54 -35.45 -11.30
C GLN A 437 18.77 -34.23 -12.26
N ALA A 438 17.79 -34.06 -13.14
CA ALA A 438 17.85 -33.09 -14.27
C ALA A 438 17.87 -31.62 -13.78
N SER A 439 16.73 -31.17 -13.28
CA SER A 439 16.54 -29.83 -12.71
C SER A 439 16.22 -29.97 -11.22
N TRP A 440 16.72 -31.03 -10.59
CA TRP A 440 16.54 -31.25 -9.14
C TRP A 440 17.70 -32.09 -8.62
N SER A 441 17.83 -32.13 -7.30
CA SER A 441 18.77 -33.02 -6.63
C SER A 441 18.01 -34.04 -5.82
N THR A 442 18.65 -35.20 -5.60
CA THR A 442 18.10 -36.26 -4.75
C THR A 442 19.08 -36.58 -3.64
N LYS A 443 18.54 -36.80 -2.44
CA LYS A 443 19.32 -37.25 -1.30
C LYS A 443 18.59 -38.47 -0.74
N ASN A 444 19.23 -39.63 -0.79
CA ASN A 444 18.65 -40.85 -0.25
C ASN A 444 18.58 -40.84 1.26
N SER A 445 17.52 -41.45 1.80
CA SER A 445 17.45 -41.75 3.23
C SER A 445 18.53 -42.78 3.58
N THR A 446 18.89 -42.86 4.85
CA THR A 446 19.89 -43.84 5.31
C THR A 446 19.57 -45.27 4.84
N ASP A 447 18.30 -45.66 4.91
CA ASP A 447 17.87 -47.01 4.51
C ASP A 447 17.59 -47.21 3.00
N GLY A 448 17.67 -46.14 2.21
CA GLY A 448 17.46 -46.22 0.77
C GLY A 448 16.03 -46.37 0.27
N MET A 449 15.06 -46.28 1.18
CA MET A 449 13.64 -46.51 0.85
C MET A 449 12.87 -45.23 0.50
N SER A 450 13.46 -44.07 0.78
CA SER A 450 12.87 -42.79 0.38
C SER A 450 13.95 -41.79 -0.01
N VAL A 451 13.50 -40.72 -0.67
CA VAL A 451 14.39 -39.70 -1.22
C VAL A 451 13.85 -38.32 -0.85
N THR A 452 14.76 -37.39 -0.58
CA THR A 452 14.42 -35.98 -0.46
C THR A 452 14.80 -35.30 -1.78
N VAL A 453 13.85 -34.62 -2.40
CA VAL A 453 14.07 -33.90 -3.65
C VAL A 453 14.20 -32.40 -3.34
N THR A 454 15.18 -31.76 -3.98
CA THR A 454 15.38 -30.33 -3.85
C THR A 454 15.41 -29.70 -5.24
N THR A 455 14.70 -28.59 -5.42
CA THR A 455 14.73 -27.84 -6.67
C THR A 455 14.41 -26.36 -6.41
N LEU A 456 14.36 -25.56 -7.48
CA LEU A 456 13.97 -24.16 -7.34
C LEU A 456 12.44 -24.08 -7.22
N GLY A 457 11.96 -23.42 -6.18
CA GLY A 457 10.54 -23.14 -6.03
C GLY A 457 10.21 -21.74 -6.50
N GLN A 458 9.03 -21.59 -7.12
CA GLN A 458 8.49 -20.30 -7.52
C GLN A 458 7.01 -20.26 -7.18
N ARG A 459 6.57 -19.20 -6.52
CA ARG A 459 5.14 -19.00 -6.26
C ARG A 459 4.81 -17.53 -6.36
N VAL A 460 3.57 -17.22 -6.74
CA VAL A 460 3.14 -15.84 -6.86
C VAL A 460 3.21 -15.24 -5.46
N VAL A 461 3.70 -14.00 -5.37
CA VAL A 461 3.79 -13.32 -4.08
C VAL A 461 2.43 -13.30 -3.38
N PRO A 462 2.40 -13.57 -2.07
CA PRO A 462 1.11 -13.71 -1.38
C PRO A 462 0.26 -12.43 -1.36
N GLU A 463 0.90 -11.27 -1.42
CA GLU A 463 0.19 -10.00 -1.50
C GLU A 463 -0.76 -9.96 -2.72
N THR A 464 -0.28 -10.49 -3.84
CA THR A 464 -1.05 -10.50 -5.09
C THR A 464 -2.18 -11.51 -5.01
N LEU A 465 -1.90 -12.71 -4.49
CA LEU A 465 -2.94 -13.73 -4.35
C LEU A 465 -4.06 -13.26 -3.41
N ALA A 466 -3.69 -12.62 -2.30
CA ALA A 466 -4.68 -12.10 -1.36
C ALA A 466 -5.52 -10.98 -1.96
N ALA A 467 -4.88 -10.05 -2.66
CA ALA A 467 -5.58 -8.94 -3.30
C ALA A 467 -6.51 -9.45 -4.42
N TYR A 468 -6.00 -10.35 -5.24
CA TYR A 468 -6.79 -10.98 -6.31
C TYR A 468 -8.05 -11.65 -5.76
N LYS A 469 -7.86 -12.53 -4.78
CA LYS A 469 -8.99 -13.27 -4.20
C LYS A 469 -9.99 -12.33 -3.54
N GLY A 470 -9.50 -11.39 -2.75
CA GLY A 470 -10.37 -10.47 -2.01
C GLY A 470 -11.17 -9.50 -2.86
N ASN A 471 -10.65 -9.13 -4.03
CA ASN A 471 -11.35 -8.26 -4.95
C ASN A 471 -12.21 -9.00 -5.98
N SER A 472 -12.07 -10.32 -6.05
CA SER A 472 -12.80 -11.14 -7.02
C SER A 472 -14.12 -11.65 -6.46
N THR A 473 -15.02 -12.04 -7.35
CA THR A 473 -16.15 -12.91 -7.01
C THR A 473 -15.60 -14.33 -7.01
N VAL A 474 -15.55 -14.95 -5.82
CA VAL A 474 -14.95 -16.26 -5.65
C VAL A 474 -16.05 -17.33 -5.69
N SER A 475 -15.87 -18.34 -6.55
CA SER A 475 -16.72 -19.52 -6.58
C SER A 475 -15.90 -20.73 -6.19
N THR A 476 -16.26 -21.36 -5.07
CA THR A 476 -15.66 -22.62 -4.64
C THR A 476 -16.49 -23.72 -5.28
N LEU A 477 -15.87 -24.52 -6.14
CA LEU A 477 -16.59 -25.48 -6.98
C LEU A 477 -16.50 -26.87 -6.37
N ALA A 478 -17.54 -27.68 -6.60
CA ALA A 478 -17.59 -29.04 -6.08
C ALA A 478 -16.52 -29.91 -6.76
N PRO A 479 -15.95 -30.89 -6.03
CA PRO A 479 -14.98 -31.77 -6.68
C PRO A 479 -15.63 -32.59 -7.82
N VAL A 480 -14.83 -32.98 -8.80
CA VAL A 480 -15.31 -33.67 -10.00
C VAL A 480 -14.43 -34.89 -10.26
N MET A 481 -15.06 -36.07 -10.38
CA MET A 481 -14.38 -37.27 -10.84
C MET A 481 -14.54 -37.34 -12.35
N LEU A 482 -13.41 -37.36 -13.06
CA LEU A 482 -13.41 -37.51 -14.51
C LEU A 482 -13.24 -38.99 -14.84
N ASN A 483 -14.30 -39.61 -15.36
CA ASN A 483 -14.32 -41.05 -15.64
C ASN A 483 -14.91 -41.31 -17.04
N GLU A 484 -15.51 -42.48 -17.26
CA GLU A 484 -16.14 -42.79 -18.56
C GLU A 484 -17.23 -41.80 -19.00
N SER A 485 -17.89 -41.17 -18.03
CA SER A 485 -18.98 -40.21 -18.32
C SER A 485 -18.49 -38.77 -18.63
N ALA A 486 -17.19 -38.50 -18.48
CA ALA A 486 -16.66 -37.15 -18.66
C ALA A 486 -16.70 -36.73 -20.12
N ALA A 487 -17.29 -35.57 -20.40
CA ALA A 487 -17.18 -34.97 -21.72
C ALA A 487 -15.73 -34.50 -21.94
N ALA A 488 -15.39 -34.22 -23.20
CA ALA A 488 -14.07 -33.67 -23.53
C ALA A 488 -13.85 -32.36 -22.78
N TYR A 489 -14.88 -31.51 -22.80
CA TYR A 489 -14.89 -30.22 -22.10
C TYR A 489 -16.13 -30.12 -21.22
N THR A 490 -15.92 -29.81 -19.94
CA THR A 490 -17.01 -29.61 -18.98
C THR A 490 -16.89 -28.21 -18.37
N PRO A 491 -17.76 -27.27 -18.78
CA PRO A 491 -17.73 -25.92 -18.19
C PRO A 491 -17.90 -25.93 -16.69
N PHE A 492 -17.23 -25.03 -15.98
CA PHE A 492 -17.44 -24.89 -14.54
C PHE A 492 -18.87 -24.44 -14.26
N SER A 493 -19.38 -24.83 -13.08
CA SER A 493 -20.74 -24.46 -12.66
C SER A 493 -20.95 -22.95 -12.47
N SER A 494 -19.86 -22.23 -12.19
CA SER A 494 -19.85 -20.76 -12.28
C SER A 494 -18.85 -20.36 -13.35
N GLN A 495 -19.18 -19.30 -14.08
CA GLN A 495 -18.37 -18.85 -15.20
C GLN A 495 -17.78 -17.48 -14.97
N PRO A 496 -16.62 -17.20 -15.60
CA PRO A 496 -16.09 -15.83 -15.60
C PRO A 496 -17.04 -14.86 -16.30
N THR A 497 -16.88 -13.57 -16.02
CA THR A 497 -17.68 -12.52 -16.67
C THR A 497 -16.87 -11.66 -17.65
N ASP A 498 -15.57 -11.91 -17.75
CA ASP A 498 -14.67 -11.12 -18.59
C ASP A 498 -13.34 -11.87 -18.67
N ARG A 499 -12.31 -11.28 -19.26
CA ARG A 499 -11.03 -11.95 -19.48
C ARG A 499 -10.03 -11.74 -18.34
N PHE A 500 -10.53 -11.65 -17.11
CA PHE A 500 -9.69 -11.36 -15.94
C PHE A 500 -10.12 -12.30 -14.83
N TYR A 501 -9.43 -13.42 -14.72
CA TYR A 501 -9.77 -14.42 -13.72
C TYR A 501 -8.65 -15.37 -13.41
N ALA A 502 -8.80 -16.08 -12.29
CA ALA A 502 -7.87 -17.12 -11.89
C ALA A 502 -8.61 -18.42 -11.61
N LEU A 503 -7.94 -19.52 -11.89
CA LEU A 503 -8.45 -20.88 -11.65
C LEU A 503 -7.44 -21.64 -10.86
N THR A 504 -7.89 -22.50 -9.96
CA THR A 504 -7.01 -23.47 -9.36
C THR A 504 -7.70 -24.81 -9.22
N GLY A 505 -6.90 -25.87 -9.20
CA GLY A 505 -7.40 -27.23 -9.03
C GLY A 505 -6.27 -28.20 -8.74
N SER A 506 -6.61 -29.30 -8.05
CA SER A 506 -5.67 -30.39 -7.79
C SER A 506 -6.18 -31.59 -8.55
N PHE A 507 -5.35 -32.12 -9.43
CA PHE A 507 -5.69 -33.25 -10.31
C PHE A 507 -4.97 -34.47 -9.80
N GLU A 508 -5.73 -35.46 -9.33
CA GLU A 508 -5.17 -36.69 -8.77
C GLU A 508 -5.23 -37.79 -9.83
N PHE A 509 -4.06 -38.31 -10.20
CA PHE A 509 -3.93 -39.32 -11.24
C PHE A 509 -3.48 -40.64 -10.66
N GLY A 510 -3.89 -41.75 -11.28
CA GLY A 510 -3.29 -43.06 -10.98
C GLY A 510 -1.83 -43.10 -11.38
N LEU A 511 -1.03 -43.90 -10.68
CA LEU A 511 0.40 -44.00 -10.96
C LEU A 511 0.75 -44.51 -12.36
N ASN A 512 -0.14 -45.28 -12.99
CA ASN A 512 0.09 -45.77 -14.35
C ASN A 512 -0.96 -45.25 -15.33
N THR A 513 -1.47 -44.04 -15.07
CA THR A 513 -2.50 -43.44 -15.92
C THR A 513 -1.98 -43.19 -17.34
N THR A 514 -2.88 -43.25 -18.30
CA THR A 514 -2.65 -42.70 -19.64
C THR A 514 -3.69 -41.63 -19.97
N ALA A 515 -4.42 -41.18 -18.95
CA ALA A 515 -5.43 -40.15 -19.14
C ALA A 515 -4.76 -38.78 -19.16
N LYS A 516 -5.43 -37.82 -19.77
CA LYS A 516 -4.99 -36.42 -19.75
C LYS A 516 -6.12 -35.59 -19.15
N ALA A 517 -5.75 -34.54 -18.43
CA ALA A 517 -6.74 -33.60 -17.92
C ALA A 517 -6.15 -32.20 -17.79
N GLY A 518 -7.01 -31.23 -17.64
CA GLY A 518 -6.57 -29.85 -17.42
C GLY A 518 -7.71 -28.86 -17.50
N PHE A 519 -7.40 -27.67 -17.99
CA PHE A 519 -8.34 -26.56 -18.01
C PHE A 519 -8.45 -25.98 -19.40
N ARG A 520 -9.68 -25.68 -19.83
CA ARG A 520 -9.91 -24.85 -21.00
C ARG A 520 -10.26 -23.46 -20.51
N VAL A 521 -9.69 -22.44 -21.15
CA VAL A 521 -9.92 -21.03 -20.78
C VAL A 521 -10.18 -20.18 -22.01
N LEU A 522 -10.67 -18.96 -21.78
CA LEU A 522 -11.01 -17.98 -22.83
C LEU A 522 -11.83 -18.66 -23.94
N ALA A 523 -12.90 -19.31 -23.50
CA ALA A 523 -13.62 -20.27 -24.31
C ALA A 523 -15.03 -19.86 -24.68
N SER A 524 -15.33 -19.94 -25.98
CA SER A 524 -16.69 -19.96 -26.50
C SER A 524 -16.78 -21.24 -27.35
N GLU A 525 -17.86 -21.43 -28.08
CA GLU A 525 -17.97 -22.56 -29.01
C GLU A 525 -16.84 -22.56 -30.06
N GLU A 526 -16.50 -21.37 -30.55
CA GLU A 526 -15.60 -21.22 -31.70
C GLU A 526 -14.14 -20.89 -31.39
N GLU A 527 -13.88 -20.36 -30.20
CA GLU A 527 -12.51 -20.01 -29.77
C GLU A 527 -12.28 -20.54 -28.38
N TYR A 528 -11.10 -21.10 -28.14
CA TYR A 528 -10.73 -21.62 -26.81
C TYR A 528 -9.26 -21.98 -26.77
N THR A 529 -8.72 -22.03 -25.57
CA THR A 529 -7.32 -22.36 -25.32
C THR A 529 -7.30 -23.50 -24.32
N ASP A 530 -6.61 -24.58 -24.67
CA ASP A 530 -6.62 -25.80 -23.87
C ASP A 530 -5.29 -26.02 -23.17
N ILE A 531 -5.35 -26.16 -21.85
CA ILE A 531 -4.19 -26.44 -21.02
C ILE A 531 -4.29 -27.88 -20.55
N TRP A 532 -3.41 -28.74 -21.06
CA TRP A 532 -3.43 -30.18 -20.78
C TRP A 532 -2.23 -30.61 -19.98
N PHE A 533 -2.43 -31.54 -19.04
CA PHE A 533 -1.31 -32.28 -18.52
C PHE A 533 -1.49 -33.76 -18.87
N ASP A 534 -0.39 -34.37 -19.29
CA ASP A 534 -0.34 -35.76 -19.75
C ASP A 534 0.72 -36.45 -18.92
N PRO A 535 0.32 -37.03 -17.76
CA PRO A 535 1.32 -37.63 -16.87
C PRO A 535 2.22 -38.69 -17.51
N ALA A 536 1.70 -39.45 -18.47
CA ALA A 536 2.49 -40.50 -19.13
C ALA A 536 3.71 -39.96 -19.89
N SER A 537 3.56 -38.79 -20.51
CA SER A 537 4.68 -38.10 -21.19
C SER A 537 5.41 -37.07 -20.31
N GLU A 538 4.80 -36.68 -19.19
CA GLU A 538 5.30 -35.63 -18.28
C GLU A 538 5.23 -34.23 -18.91
N ASN A 539 4.32 -34.06 -19.86
CA ASN A 539 4.22 -32.82 -20.62
C ASN A 539 2.97 -32.04 -20.25
N LEU A 540 3.19 -30.76 -19.90
CA LEU A 540 2.12 -29.79 -19.74
C LEU A 540 2.09 -28.98 -21.02
N THR A 541 0.96 -28.97 -21.72
CA THR A 541 0.86 -28.28 -23.01
C THR A 541 -0.25 -27.23 -23.01
N VAL A 542 -0.06 -26.21 -23.84
CA VAL A 542 -1.10 -25.25 -24.13
C VAL A 542 -1.34 -25.29 -25.63
N VAL A 543 -2.49 -25.84 -26.00
CA VAL A 543 -2.87 -26.00 -27.39
C VAL A 543 -3.67 -24.78 -27.81
N ARG A 544 -3.18 -24.11 -28.84
CA ARG A 544 -3.71 -22.81 -29.25
C ARG A 544 -4.20 -22.77 -30.69
N THR A 545 -4.48 -23.94 -31.27
CA THR A 545 -5.00 -24.03 -32.64
C THR A 545 -6.34 -23.34 -32.80
N ALA A 546 -7.14 -23.28 -31.73
CA ALA A 546 -8.42 -22.60 -31.74
C ALA A 546 -8.45 -21.34 -30.86
N SER A 547 -7.29 -20.87 -30.37
CA SER A 547 -7.27 -19.71 -29.46
C SER A 547 -7.96 -18.47 -30.03
N SER A 548 -7.80 -18.22 -31.32
CA SER A 548 -8.40 -17.04 -31.95
C SER A 548 -8.81 -17.27 -33.41
N LEU A 549 -9.90 -16.62 -33.80
CA LEU A 549 -10.30 -16.49 -35.20
C LEU A 549 -9.36 -15.60 -36.00
N ILE A 550 -8.62 -14.71 -35.31
CA ILE A 550 -7.62 -13.85 -35.95
C ILE A 550 -6.37 -14.68 -36.22
N LYS A 551 -6.06 -14.90 -37.50
CA LYS A 551 -5.05 -15.90 -37.88
C LYS A 551 -3.60 -15.41 -37.83
N SER A 552 -3.38 -14.11 -37.65
CA SER A 552 -2.01 -13.58 -37.65
C SER A 552 -1.25 -13.79 -36.33
N PHE A 553 -1.97 -14.07 -35.24
CA PHE A 553 -1.31 -14.36 -33.95
C PHE A 553 -0.74 -15.77 -33.91
N GLY A 554 0.26 -15.99 -33.05
CA GLY A 554 0.86 -17.32 -32.93
C GLY A 554 -0.15 -18.35 -32.46
N ASN A 555 -0.02 -19.56 -32.99
CA ASN A 555 -0.91 -20.68 -32.62
C ASN A 555 -0.17 -21.97 -32.29
N ASP A 556 1.15 -21.88 -32.09
CA ASP A 556 1.96 -23.04 -31.76
C ASP A 556 1.68 -23.53 -30.35
N THR A 557 1.87 -24.83 -30.16
CA THR A 557 1.62 -25.47 -28.87
C THR A 557 2.75 -25.18 -27.90
N GLU A 558 2.42 -24.67 -26.72
CA GLU A 558 3.42 -24.47 -25.66
C GLU A 558 3.64 -25.79 -24.95
N LEU A 559 4.84 -25.98 -24.39
CA LEU A 559 5.19 -27.22 -23.70
C LEU A 559 6.12 -26.97 -22.52
N ALA A 560 5.74 -27.51 -21.36
CA ALA A 560 6.61 -27.59 -20.20
C ALA A 560 6.72 -29.04 -19.73
N LYS A 561 7.88 -29.40 -19.20
CA LYS A 561 8.04 -30.69 -18.49
C LYS A 561 7.68 -30.47 -17.02
N VAL A 562 6.91 -31.40 -16.45
CA VAL A 562 6.58 -31.38 -15.02
C VAL A 562 6.80 -32.77 -14.44
N LYS A 563 7.65 -32.85 -13.41
CA LYS A 563 7.92 -34.09 -12.70
C LYS A 563 6.98 -34.19 -11.51
N LEU A 564 6.07 -35.17 -11.53
CA LEU A 564 5.24 -35.45 -10.37
C LEU A 564 6.03 -36.39 -9.46
N TYR A 565 6.56 -35.85 -8.37
CA TYR A 565 7.36 -36.63 -7.43
C TYR A 565 6.36 -37.48 -6.62
N GLU A 566 6.42 -38.79 -6.83
CA GLU A 566 5.48 -39.72 -6.19
C GLU A 566 5.89 -39.92 -4.74
N ILE A 567 4.93 -39.91 -3.82
CA ILE A 567 5.21 -39.98 -2.39
C ILE A 567 5.12 -41.44 -1.90
N VAL A 568 6.01 -41.81 -0.99
CA VAL A 568 6.07 -43.20 -0.45
C VAL A 568 4.72 -43.54 0.16
N GLY A 569 4.16 -44.68 -0.25
CA GLY A 569 2.86 -45.13 0.25
C GLY A 569 1.64 -44.63 -0.51
N ALA A 570 1.81 -43.65 -1.39
CA ALA A 570 0.69 -43.10 -2.14
C ALA A 570 0.35 -44.02 -3.31
N GLU A 571 -0.94 -44.11 -3.63
CA GLU A 571 -1.40 -44.87 -4.80
C GLU A 571 -1.88 -43.93 -5.90
N SER A 572 -1.40 -42.69 -5.87
CA SER A 572 -1.77 -41.69 -6.85
C SER A 572 -0.68 -40.62 -6.88
N LYS A 573 -0.76 -39.74 -7.87
CA LYS A 573 0.17 -38.62 -8.00
C LYS A 573 -0.66 -37.39 -8.38
N THR A 574 -0.28 -36.23 -7.84
CA THR A 574 -1.10 -35.03 -7.92
C THR A 574 -0.41 -33.84 -8.59
N LEU A 575 -1.16 -33.17 -9.46
CA LEU A 575 -0.76 -31.92 -10.10
C LEU A 575 -1.66 -30.83 -9.53
N ASN A 576 -1.04 -29.85 -8.87
CA ASN A 576 -1.72 -28.62 -8.46
C ASN A 576 -1.48 -27.55 -9.52
N LEU A 577 -2.54 -27.15 -10.20
CA LEU A 577 -2.45 -26.29 -11.36
C LEU A 577 -3.22 -25.01 -11.07
N THR A 578 -2.54 -23.86 -11.21
CA THR A 578 -3.17 -22.56 -11.07
C THR A 578 -2.98 -21.77 -12.37
N VAL A 579 -4.04 -21.14 -12.86
CA VAL A 579 -4.01 -20.39 -14.11
C VAL A 579 -4.56 -18.99 -13.90
N PHE A 580 -3.79 -17.98 -14.34
CA PHE A 580 -4.22 -16.60 -14.38
C PHE A 580 -4.48 -16.21 -15.82
N VAL A 581 -5.68 -15.68 -16.05
CA VAL A 581 -6.11 -15.17 -17.33
C VAL A 581 -6.29 -13.67 -17.15
N ASP A 582 -5.58 -12.90 -17.97
CA ASP A 582 -5.50 -11.46 -17.78
C ASP A 582 -5.37 -10.77 -19.14
N GLY A 583 -6.52 -10.48 -19.75
CA GLY A 583 -6.58 -9.94 -21.10
C GLY A 583 -6.18 -11.04 -22.06
N SER A 584 -4.97 -10.92 -22.60
CA SER A 584 -4.39 -11.92 -23.48
C SER A 584 -3.36 -12.82 -22.80
N VAL A 585 -2.93 -12.48 -21.58
CA VAL A 585 -1.96 -13.30 -20.87
C VAL A 585 -2.65 -14.51 -20.26
N ILE A 586 -2.03 -15.67 -20.45
CA ILE A 586 -2.37 -16.90 -19.73
C ILE A 586 -1.08 -17.30 -19.01
N GLU A 587 -1.10 -17.29 -17.68
CA GLU A 587 0.08 -17.58 -16.89
C GLU A 587 -0.21 -18.75 -15.97
N ILE A 588 0.55 -19.82 -16.16
CA ILE A 588 0.25 -21.11 -15.54
C ILE A 588 1.33 -21.46 -14.54
N TYR A 589 0.92 -21.92 -13.35
CA TYR A 589 1.82 -22.37 -12.32
C TYR A 589 1.46 -23.80 -11.92
N ALA A 590 2.45 -24.67 -11.87
CA ALA A 590 2.26 -26.06 -11.42
C ALA A 590 3.14 -26.38 -10.24
N ASN A 591 2.52 -26.83 -9.14
CA ASN A 591 3.23 -27.33 -7.96
C ASN A 591 4.27 -26.36 -7.37
N ASP A 592 4.01 -25.06 -7.48
CA ASP A 592 4.95 -24.01 -7.02
C ASP A 592 6.37 -24.26 -7.53
N GLU A 593 6.47 -24.61 -8.79
CA GLU A 593 7.72 -25.06 -9.40
C GLU A 593 7.79 -24.68 -10.86
N VAL A 594 6.82 -25.12 -11.66
CA VAL A 594 6.82 -24.94 -13.10
C VAL A 594 5.94 -23.75 -13.47
N ALA A 595 6.46 -22.85 -14.30
CA ALA A 595 5.71 -21.70 -14.79
C ALA A 595 5.72 -21.70 -16.31
N LEU A 596 4.59 -21.32 -16.89
CA LEU A 596 4.45 -21.22 -18.34
C LEU A 596 3.54 -20.02 -18.65
N SER A 597 4.10 -18.98 -19.27
CA SER A 597 3.36 -17.78 -19.67
C SER A 597 3.12 -17.82 -21.17
N THR A 598 1.90 -17.53 -21.60
CA THR A 598 1.63 -17.50 -23.03
C THR A 598 0.55 -16.47 -23.34
N ARG A 599 0.13 -16.42 -24.61
CA ARG A 599 -0.79 -15.41 -25.10
C ARG A 599 -1.91 -16.04 -25.92
N ALA A 600 -3.12 -15.51 -25.74
CA ALA A 600 -4.27 -15.89 -26.57
C ALA A 600 -5.11 -14.65 -26.83
N TYR A 601 -5.53 -14.47 -28.08
CA TYR A 601 -6.23 -13.27 -28.50
C TYR A 601 -7.57 -13.56 -29.19
N PRO A 602 -8.48 -14.26 -28.50
CA PRO A 602 -9.79 -14.51 -29.12
C PRO A 602 -10.53 -13.20 -29.43
N TRP A 603 -11.18 -13.17 -30.59
CA TRP A 603 -11.91 -11.99 -31.03
C TRP A 603 -13.28 -11.84 -30.37
N LEU A 604 -14.01 -12.95 -30.21
CA LEU A 604 -15.42 -12.85 -29.80
C LEU A 604 -15.54 -12.41 -28.36
N ALA A 605 -16.52 -11.53 -28.11
CA ALA A 605 -16.78 -11.01 -26.76
C ALA A 605 -17.12 -12.09 -25.75
N ASN A 606 -17.74 -13.18 -26.21
CA ASN A 606 -18.11 -14.29 -25.32
C ASN A 606 -17.07 -15.40 -25.19
N SER A 607 -15.86 -15.21 -25.73
CA SER A 607 -14.78 -16.18 -25.54
C SER A 607 -14.06 -15.95 -24.20
N THR A 608 -14.83 -16.10 -23.12
CA THR A 608 -14.35 -15.88 -21.75
C THR A 608 -14.55 -17.09 -20.82
N GLY A 609 -15.23 -18.14 -21.30
CA GLY A 609 -15.57 -19.27 -20.45
C GLY A 609 -14.41 -20.16 -20.07
N ALA A 610 -14.66 -21.01 -19.08
CA ALA A 610 -13.64 -21.93 -18.59
C ALA A 610 -14.23 -23.20 -18.01
N GLY A 611 -13.43 -24.24 -17.98
CA GLY A 611 -13.85 -25.52 -17.42
C GLY A 611 -12.79 -26.58 -17.48
N LEU A 612 -13.20 -27.82 -17.26
CA LEU A 612 -12.30 -28.97 -17.17
C LEU A 612 -12.18 -29.68 -18.50
N LEU A 613 -10.96 -30.14 -18.78
CA LEU A 613 -10.65 -30.95 -19.94
C LEU A 613 -10.36 -32.37 -19.49
N ALA A 614 -10.81 -33.34 -20.27
CA ALA A 614 -10.59 -34.76 -19.99
C ALA A 614 -10.36 -35.51 -21.29
N ASP A 615 -9.34 -36.36 -21.31
CA ASP A 615 -9.09 -37.23 -22.46
C ASP A 615 -8.63 -38.59 -21.99
N GLY A 616 -9.27 -39.64 -22.50
CA GLY A 616 -8.93 -41.01 -22.12
C GLY A 616 -9.26 -41.38 -20.68
N THR A 617 -10.19 -40.65 -20.05
CA THR A 617 -10.66 -41.03 -18.72
C THR A 617 -11.74 -42.11 -18.90
N THR A 618 -11.67 -43.13 -18.06
CA THR A 618 -12.55 -44.29 -18.17
C THR A 618 -13.04 -44.68 -16.77
N ALA A 619 -13.84 -45.76 -16.68
CA ALA A 619 -14.22 -46.32 -15.39
C ALA A 619 -13.02 -46.74 -14.56
N GLY A 620 -11.96 -47.22 -15.23
CA GLY A 620 -10.75 -47.70 -14.57
C GLY A 620 -9.64 -46.66 -14.44
N ASP A 621 -9.55 -45.75 -15.40
CA ASP A 621 -8.49 -44.72 -15.42
C ASP A 621 -9.16 -43.38 -15.14
N VAL A 622 -9.24 -43.03 -13.86
CA VAL A 622 -10.04 -41.91 -13.38
C VAL A 622 -9.12 -40.78 -12.93
N VAL A 623 -9.55 -39.55 -13.17
CA VAL A 623 -8.84 -38.36 -12.65
C VAL A 623 -9.77 -37.63 -11.68
N GLY A 624 -9.32 -37.53 -10.42
CA GLY A 624 -10.08 -36.86 -9.39
C GLY A 624 -9.62 -35.41 -9.32
N VAL A 625 -10.56 -34.49 -9.51
CA VAL A 625 -10.24 -33.06 -9.43
C VAL A 625 -10.90 -32.49 -8.17
N SER A 626 -10.10 -31.83 -7.33
CA SER A 626 -10.56 -31.22 -6.09
C SER A 626 -9.87 -29.87 -5.89
N GLY A 627 -10.25 -29.17 -4.82
CA GLY A 627 -9.73 -27.84 -4.54
C GLY A 627 -10.00 -26.84 -5.65
N LEU A 628 -11.12 -27.02 -6.35
CA LEU A 628 -11.46 -26.18 -7.51
C LEU A 628 -12.00 -24.84 -7.06
N GLU A 629 -11.44 -23.77 -7.62
CA GLU A 629 -11.87 -22.42 -7.29
C GLU A 629 -11.68 -21.49 -8.48
N LEU A 630 -12.69 -20.63 -8.71
CA LEU A 630 -12.65 -19.59 -9.71
C LEU A 630 -12.65 -18.25 -9.00
N TRP A 631 -11.68 -17.39 -9.33
CA TRP A 631 -11.69 -15.99 -8.89
C TRP A 631 -12.00 -15.11 -10.10
N ASP A 632 -13.20 -14.55 -10.15
CA ASP A 632 -13.60 -13.70 -11.26
C ASP A 632 -13.38 -12.22 -10.95
N GLY A 633 -12.52 -11.57 -11.75
CA GLY A 633 -12.33 -10.11 -11.69
C GLY A 633 -10.90 -9.67 -11.39
N LEU A 634 -10.23 -10.35 -10.47
CA LEU A 634 -8.89 -10.00 -10.03
C LEU A 634 -8.87 -8.55 -9.49
N VAL A 635 -7.81 -7.79 -9.77
CA VAL A 635 -7.64 -6.42 -9.26
C VAL A 635 -7.34 -5.50 -10.43
N ASP A 636 -7.86 -4.29 -10.37
CA ASP A 636 -7.46 -3.20 -11.26
C ASP A 636 -6.04 -2.74 -10.82
N ALA A 637 -5.01 -3.17 -11.52
CA ALA A 637 -3.62 -2.91 -11.10
C ALA A 637 -3.16 -1.46 -11.23
N TRP A 638 -3.86 -0.67 -12.06
CA TRP A 638 -3.49 0.72 -12.32
C TRP A 638 -4.70 1.64 -12.10
N PRO A 639 -5.11 1.80 -10.84
CA PRO A 639 -6.37 2.50 -10.56
C PRO A 639 -6.43 3.94 -11.03
N ALA A 640 -5.30 4.64 -11.08
CA ALA A 640 -5.29 6.03 -11.55
C ALA A 640 -5.35 6.17 -13.06
N ARG A 641 -5.08 5.10 -13.81
CA ARG A 641 -5.08 5.17 -15.27
C ARG A 641 -6.50 5.06 -15.81
N PRO A 642 -6.86 5.90 -16.79
CA PRO A 642 -8.09 5.60 -17.52
C PRO A 642 -7.95 4.34 -18.36
N ALA A 643 -9.04 3.86 -18.95
CA ALA A 643 -9.03 2.63 -19.75
C ALA A 643 -8.08 2.73 -20.94
N ASN A 644 -8.06 3.88 -21.60
CA ASN A 644 -7.22 4.12 -22.76
C ASN A 644 -6.15 5.14 -22.42
N THR A 645 -4.92 4.66 -22.18
CA THR A 645 -3.78 5.54 -21.92
C THR A 645 -2.88 5.73 -23.13
N SER A 646 -3.36 5.38 -24.33
CA SER A 646 -2.62 5.71 -25.54
C SER A 646 -2.40 7.22 -25.66
N GLN A 647 -1.23 7.61 -26.14
CA GLN A 647 -0.97 8.97 -26.55
C GLN A 647 -0.72 9.07 -28.04
N GLY A 648 -1.18 8.06 -28.79
CA GLY A 648 -0.88 7.96 -30.22
C GLY A 648 0.51 7.39 -30.48
N LEU A 649 0.77 7.10 -31.73
CA LEU A 649 2.05 6.57 -32.17
C LEU A 649 2.71 7.55 -33.12
N VAL A 650 4.04 7.53 -33.15
CA VAL A 650 4.82 8.40 -34.01
C VAL A 650 5.86 7.63 -34.78
N TRP A 651 6.31 8.24 -35.90
CA TRP A 651 7.36 7.71 -36.72
C TRP A 651 8.59 8.60 -36.58
N ASP A 652 9.75 7.99 -36.44
CA ASP A 652 11.03 8.72 -36.34
C ASP A 652 11.44 9.40 -37.67
N GLY A 653 10.86 8.97 -38.78
CA GLY A 653 11.14 9.55 -40.07
C GLY A 653 12.26 8.84 -40.80
N PRO A 654 12.67 9.38 -41.96
CA PRO A 654 13.67 8.73 -42.79
C PRO A 654 15.04 8.57 -42.14
N THR A 655 15.39 9.37 -41.13
CA THR A 655 16.68 9.21 -40.47
C THR A 655 16.82 7.91 -39.67
N ALA A 656 15.71 7.27 -39.30
CA ALA A 656 15.81 6.02 -38.54
C ALA A 656 16.59 4.97 -39.32
N ALA A 657 16.28 4.83 -40.61
CA ALA A 657 17.01 3.92 -41.49
C ALA A 657 18.46 4.37 -41.75
N MET A 658 18.70 5.68 -41.78
CA MET A 658 20.06 6.20 -41.96
C MET A 658 20.97 5.86 -40.77
N TYR A 659 20.47 6.07 -39.56
CA TYR A 659 21.25 5.76 -38.36
C TYR A 659 21.36 4.26 -38.16
N GLY A 660 20.30 3.53 -38.51
CA GLY A 660 20.30 2.07 -38.49
C GLY A 660 20.23 1.41 -37.13
N LEU A 661 19.82 2.17 -36.12
CA LEU A 661 19.82 1.71 -34.73
C LEU A 661 18.46 1.19 -34.28
N PHE A 662 17.41 1.88 -34.69
CA PHE A 662 16.04 1.61 -34.24
C PHE A 662 15.14 1.48 -35.46
N ALA A 663 14.12 0.63 -35.36
CA ALA A 663 13.13 0.49 -36.44
C ALA A 663 12.53 1.84 -36.85
N GLY A 664 12.23 2.67 -35.85
CA GLY A 664 11.68 4.01 -36.08
C GLY A 664 10.18 4.15 -35.82
N TYR A 665 9.52 3.04 -35.47
CA TYR A 665 8.08 3.06 -35.19
C TYR A 665 7.78 2.12 -34.03
N CYS B 42 22.20 17.28 32.00
CA CYS B 42 20.96 16.49 31.77
C CYS B 42 21.26 15.00 31.68
N SER B 43 20.64 14.21 32.57
CA SER B 43 20.75 12.76 32.55
C SER B 43 19.52 12.15 31.88
N LEU B 44 19.77 11.20 30.99
CA LEU B 44 18.70 10.47 30.32
C LEU B 44 18.61 9.03 30.85
N ASP B 45 19.01 8.83 32.11
CA ASP B 45 19.00 7.51 32.72
C ASP B 45 17.56 7.18 33.13
N GLN B 46 16.92 6.29 32.38
CA GLN B 46 15.54 5.89 32.68
C GLN B 46 15.45 4.66 33.63
N THR B 47 16.57 4.29 34.26
CA THR B 47 16.55 3.28 35.33
C THR B 47 16.49 3.91 36.73
N VAL B 48 16.56 5.23 36.80
CA VAL B 48 16.47 5.97 38.08
C VAL B 48 15.44 7.10 37.94
N ALA B 49 15.12 7.74 39.06
CA ALA B 49 14.17 8.86 39.07
C ALA B 49 14.63 9.96 38.11
N PRO B 50 13.66 10.68 37.49
CA PRO B 50 14.05 11.74 36.57
C PRO B 50 14.64 12.92 37.32
N GLY B 51 15.66 13.53 36.75
CA GLY B 51 16.21 14.77 37.29
C GLY B 51 15.36 15.95 36.87
N ASN B 52 16.01 17.10 36.80
CA ASN B 52 15.40 18.31 36.28
C ASN B 52 15.54 18.26 34.76
N LEU B 53 14.48 17.81 34.09
CA LEU B 53 14.53 17.63 32.63
C LEU B 53 14.48 18.96 31.84
N THR B 54 14.11 20.07 32.50
CA THR B 54 14.18 21.40 31.86
C THR B 54 15.62 21.85 31.55
N LEU B 55 16.61 21.21 32.16
CA LEU B 55 18.02 21.46 31.83
C LEU B 55 18.48 20.77 30.54
N CYS B 56 17.69 19.81 30.04
CA CYS B 56 18.05 19.09 28.81
C CYS B 56 17.92 20.00 27.58
N GLY B 57 18.73 19.69 26.58
CA GLY B 57 18.77 20.48 25.34
C GLY B 57 17.57 20.23 24.45
N ASN B 58 17.51 20.99 23.35
CA ASN B 58 16.42 20.85 22.39
C ASN B 58 16.40 19.47 21.76
N ALA B 59 15.23 18.84 21.72
CA ALA B 59 15.02 17.53 21.09
C ALA B 59 15.85 16.39 21.72
N THR B 60 16.35 16.59 22.95
CA THR B 60 17.07 15.51 23.65
C THR B 60 16.12 14.42 24.12
N LEU B 61 14.83 14.76 24.29
CA LEU B 61 13.79 13.78 24.62
C LEU B 61 12.94 13.41 23.39
N PHE B 62 13.50 13.51 22.19
CA PHE B 62 12.73 13.32 20.95
C PHE B 62 12.08 11.93 20.87
N THR B 63 12.85 10.88 21.17
CA THR B 63 12.35 9.51 21.05
C THR B 63 11.68 8.96 22.32
N THR B 64 11.85 9.65 23.45
CA THR B 64 11.49 9.11 24.76
C THR B 64 10.02 8.74 24.90
N PHE B 65 9.14 9.63 24.45
CA PHE B 65 7.69 9.47 24.60
C PHE B 65 6.96 9.43 23.25
N ARG B 66 7.70 9.27 22.16
CA ARG B 66 7.17 9.58 20.85
C ARG B 66 6.38 8.42 20.25
N PRO B 67 5.14 8.68 19.78
CA PRO B 67 4.43 7.61 19.04
C PRO B 67 5.20 7.13 17.81
N LYS B 68 5.11 5.84 17.53
CA LYS B 68 5.73 5.20 16.35
C LYS B 68 4.74 4.55 15.38
N ALA B 69 3.49 4.33 15.80
CA ALA B 69 2.54 3.51 15.06
C ALA B 69 1.39 4.30 14.44
N ARG B 70 1.52 5.62 14.41
CA ARG B 70 0.46 6.50 13.93
C ARG B 70 0.99 7.69 13.14
N PHE B 71 0.07 8.43 12.56
CA PHE B 71 0.41 9.64 11.81
C PHE B 71 0.92 10.71 12.78
N ILE B 72 2.09 11.25 12.46
CA ILE B 72 2.71 12.34 13.19
C ILE B 72 3.67 13.05 12.23
N ALA B 73 3.83 14.36 12.41
CA ALA B 73 4.79 15.13 11.62
C ALA B 73 6.23 14.64 11.86
N PRO B 74 7.15 14.90 10.91
CA PRO B 74 8.55 14.53 11.18
C PRO B 74 9.14 15.20 12.44
N GLU B 75 8.73 16.43 12.70
CA GLU B 75 9.22 17.18 13.86
C GLU B 75 8.39 18.43 14.03
N GLY B 76 8.58 19.10 15.16
CA GLY B 76 7.96 20.39 15.38
C GLY B 76 6.48 20.31 15.70
N TRP B 77 5.82 21.44 15.51
CA TRP B 77 4.43 21.61 15.88
C TRP B 77 3.50 21.07 14.81
N MET B 78 2.50 20.31 15.21
CA MET B 78 1.35 20.03 14.35
C MET B 78 0.04 20.21 15.11
N ASN B 79 -1.03 20.53 14.37
CA ASN B 79 -2.37 20.43 14.94
C ASN B 79 -3.36 19.77 13.96
N ALA B 80 -4.40 20.48 13.51
CA ALA B 80 -5.54 19.85 12.86
C ALA B 80 -5.18 19.12 11.56
N PRO B 81 -5.75 17.92 11.34
CA PRO B 81 -5.78 17.35 10.01
C PRO B 81 -6.46 18.30 9.02
N MET B 82 -6.04 18.25 7.76
CA MET B 82 -6.62 19.08 6.71
C MET B 82 -6.37 18.44 5.33
N GLY B 83 -7.09 18.92 4.34
CA GLY B 83 -6.90 18.52 2.93
C GLY B 83 -6.93 17.02 2.69
N LEU B 84 -7.79 16.32 3.42
CA LEU B 84 -7.87 14.86 3.35
C LEU B 84 -8.61 14.43 2.09
N TYR B 85 -8.01 13.55 1.30
CA TYR B 85 -8.72 12.96 0.16
C TYR B 85 -8.08 11.68 -0.31
N GLN B 86 -8.90 10.81 -0.89
CA GLN B 86 -8.41 9.61 -1.53
C GLN B 86 -8.04 9.97 -2.96
N ARG B 87 -6.78 9.76 -3.29
CA ARG B 87 -6.24 10.12 -4.61
C ARG B 87 -6.71 9.11 -5.66
N ALA B 88 -6.47 9.43 -6.92
CA ALA B 88 -6.94 8.61 -8.05
C ALA B 88 -6.38 7.19 -8.03
N ASP B 89 -5.16 7.01 -7.50
CA ASP B 89 -4.56 5.67 -7.37
C ASP B 89 -5.04 4.87 -6.15
N GLY B 90 -5.98 5.43 -5.38
CA GLY B 90 -6.53 4.77 -4.20
C GLY B 90 -5.80 5.08 -2.91
N SER B 91 -4.64 5.72 -2.98
CA SER B 91 -3.90 6.10 -1.78
C SER B 91 -4.59 7.29 -1.08
N ILE B 92 -4.24 7.46 0.19
CA ILE B 92 -4.81 8.53 1.02
C ILE B 92 -3.82 9.67 1.14
N HIS B 93 -4.24 10.88 0.79
CA HIS B 93 -3.47 12.09 1.02
C HIS B 93 -3.97 12.71 2.33
N ALA B 94 -3.06 12.93 3.26
CA ALA B 94 -3.36 13.58 4.53
C ALA B 94 -2.50 14.81 4.68
N GLY B 95 -3.16 15.94 4.88
CA GLY B 95 -2.51 17.18 5.25
C GLY B 95 -2.65 17.44 6.73
N TYR B 96 -1.86 18.37 7.23
CA TYR B 96 -1.99 18.80 8.63
C TYR B 96 -1.42 20.18 8.84
N GLN B 97 -2.03 20.91 9.78
CA GLN B 97 -1.53 22.20 10.21
C GLN B 97 -0.15 21.98 10.83
N SER B 98 0.85 22.71 10.32
CA SER B 98 2.25 22.43 10.61
C SER B 98 3.07 23.69 10.83
N HIS B 99 3.96 23.66 11.83
CA HIS B 99 4.98 24.70 12.06
C HIS B 99 6.32 24.01 12.36
N PRO B 100 7.07 23.66 11.30
CA PRO B 100 8.36 22.99 11.48
C PRO B 100 9.36 23.82 12.28
N LYS B 101 10.22 23.11 13.02
CA LYS B 101 11.34 23.71 13.77
C LYS B 101 10.89 24.67 14.88
N HIS B 102 9.61 24.55 15.27
CA HIS B 102 9.02 25.31 16.37
C HIS B 102 8.20 24.32 17.19
N ILE B 103 7.91 24.67 18.44
CA ILE B 103 7.03 23.83 19.28
C ILE B 103 5.78 24.55 19.76
N GLN B 104 5.52 25.74 19.21
CA GLN B 104 4.24 26.40 19.33
C GLN B 104 3.73 26.77 17.94
N TRP B 105 2.44 27.00 17.86
CA TRP B 105 1.73 27.35 16.62
C TRP B 105 2.27 28.64 15.99
N GLY B 106 2.24 28.69 14.66
CA GLY B 106 2.61 29.91 13.94
C GLY B 106 2.91 29.61 12.49
N ASN B 107 2.97 30.66 11.67
CA ASN B 107 3.17 30.56 10.22
C ASN B 107 2.49 29.33 9.64
N ILE B 108 1.25 29.13 10.04
CA ILE B 108 0.71 27.78 9.94
C ILE B 108 0.52 27.38 8.47
N SER B 109 0.94 26.16 8.18
CA SER B 109 1.10 25.67 6.82
C SER B 109 0.52 24.26 6.74
N GLN B 110 0.35 23.76 5.51
CA GLN B 110 -0.01 22.37 5.30
C GLN B 110 1.24 21.52 5.12
N GLY B 111 1.48 20.64 6.09
CA GLY B 111 2.40 19.52 5.92
C GLY B 111 1.61 18.37 5.32
N ALA B 112 2.26 17.44 4.63
CA ALA B 112 1.52 16.38 3.97
C ALA B 112 2.28 15.07 3.83
N ALA B 113 1.51 13.99 3.70
CA ALA B 113 2.05 12.65 3.51
C ALA B 113 0.97 11.79 2.86
N TYR B 114 1.37 10.60 2.40
CA TYR B 114 0.42 9.69 1.77
C TYR B 114 0.62 8.25 2.22
N SER B 115 -0.44 7.46 2.05
CA SER B 115 -0.45 6.07 2.47
C SER B 115 -1.40 5.25 1.62
N SER B 116 -1.04 4.00 1.34
CA SER B 116 -1.95 3.09 0.66
C SER B 116 -2.94 2.36 1.60
N ASP B 117 -2.74 2.46 2.92
CA ASP B 117 -3.54 1.66 3.87
C ASP B 117 -3.88 2.35 5.21
N PHE B 118 -3.84 3.69 5.23
CA PHE B 118 -4.00 4.52 6.44
C PHE B 118 -2.94 4.34 7.51
N THR B 119 -1.97 3.44 7.31
CA THR B 119 -1.19 2.90 8.41
C THR B 119 0.31 3.13 8.25
N SER B 120 0.84 2.79 7.08
CA SER B 120 2.23 3.04 6.74
C SER B 120 2.27 4.23 5.81
N TRP B 121 3.03 5.26 6.19
CA TRP B 121 3.00 6.58 5.52
C TRP B 121 4.36 6.95 4.94
N THR B 122 4.30 7.85 3.96
CA THR B 122 5.49 8.45 3.35
C THR B 122 5.31 9.96 3.26
N ASP B 123 6.31 10.69 3.71
CA ASP B 123 6.29 12.16 3.63
C ASP B 123 6.45 12.63 2.19
N PHE B 124 5.76 13.71 1.81
CA PHE B 124 6.13 14.47 0.62
C PHE B 124 7.46 15.16 0.90
N ASN B 125 8.26 15.36 -0.15
CA ASN B 125 9.53 16.08 -0.02
C ASN B 125 9.69 16.98 -1.25
N GLY B 126 9.60 18.28 -1.04
CA GLY B 126 9.72 19.26 -2.11
C GLY B 126 10.63 20.38 -1.69
N SER B 127 10.49 21.53 -2.33
CA SER B 127 11.35 22.68 -2.04
C SER B 127 11.19 23.19 -0.61
N GLU B 128 10.01 22.98 0.00
CA GLU B 128 9.78 23.34 1.40
C GLU B 128 9.70 22.12 2.30
N GLY B 129 10.50 21.10 2.02
CA GLY B 129 10.52 19.88 2.81
C GLY B 129 9.21 19.13 2.72
N TYR B 130 8.56 18.92 3.86
CA TYR B 130 7.28 18.21 3.89
C TYR B 130 6.06 19.14 3.84
N LYS B 131 6.28 20.45 3.78
CA LYS B 131 5.20 21.40 3.54
C LYS B 131 4.81 21.40 2.07
N THR B 132 3.51 21.57 1.81
CA THR B 132 3.02 21.73 0.44
C THR B 132 2.17 22.99 0.21
N ILE B 133 1.69 23.65 1.26
CA ILE B 133 1.06 24.98 1.16
C ILE B 133 1.53 25.79 2.36
N TRP B 134 1.85 27.05 2.12
CA TRP B 134 2.40 27.93 3.17
C TRP B 134 1.95 29.36 2.92
N PRO B 135 1.93 30.19 3.98
CA PRO B 135 1.65 31.62 3.81
C PRO B 135 2.56 32.26 2.76
N SER B 136 1.98 32.93 1.78
CA SER B 136 2.77 33.55 0.70
C SER B 136 2.17 34.81 0.05
N GLN B 137 0.95 35.20 0.43
CA GLN B 137 0.22 36.27 -0.22
C GLN B 137 -0.41 37.12 0.86
N ILE B 138 -0.72 38.37 0.55
CA ILE B 138 -1.32 39.26 1.55
C ILE B 138 -2.57 38.64 2.21
N TYR B 139 -3.32 37.87 1.43
CA TYR B 139 -4.57 37.27 1.90
C TYR B 139 -4.41 36.04 2.81
N ASP B 140 -3.25 35.36 2.75
CA ASP B 140 -2.97 34.22 3.64
C ASP B 140 -1.66 34.28 4.44
N ILE B 141 -1.03 35.46 4.48
CA ILE B 141 0.30 35.59 5.09
C ILE B 141 0.29 35.29 6.60
N ARG B 142 -0.86 35.44 7.26
CA ARG B 142 -0.96 35.19 8.69
C ARG B 142 -1.17 33.71 9.03
N GLY B 143 -1.42 32.87 8.00
CA GLY B 143 -1.63 31.46 8.21
C GLY B 143 -2.53 30.85 7.14
N VAL B 144 -2.12 29.66 6.69
CA VAL B 144 -2.94 28.80 5.84
C VAL B 144 -3.63 27.85 6.81
N PHE B 145 -4.87 28.20 7.15
CA PHE B 145 -5.66 27.46 8.13
C PHE B 145 -6.29 26.23 7.46
N ASP B 146 -7.16 25.54 8.19
CA ASP B 146 -7.81 24.33 7.72
C ASP B 146 -8.51 24.52 6.38
N GLY B 147 -8.56 23.44 5.60
CA GLY B 147 -9.28 23.41 4.33
C GLY B 147 -9.62 21.99 3.94
N SER B 148 -10.46 21.86 2.91
CA SER B 148 -10.97 20.57 2.46
C SER B 148 -10.96 20.50 0.95
N ILE B 149 -11.17 19.30 0.42
CA ILE B 149 -10.85 18.99 -0.98
C ILE B 149 -12.08 18.87 -1.85
N ILE B 150 -12.04 19.58 -2.97
CA ILE B 150 -12.91 19.37 -4.13
C ILE B 150 -12.15 18.42 -5.05
N LYS B 151 -12.58 17.17 -5.14
CA LYS B 151 -11.79 16.17 -5.86
C LYS B 151 -11.70 16.44 -7.35
N GLU B 152 -12.80 16.89 -7.95
CA GLU B 152 -12.81 17.30 -9.35
C GLU B 152 -13.04 18.80 -9.43
N GLY B 153 -11.95 19.56 -9.30
CA GLY B 153 -12.02 21.00 -9.15
C GLY B 153 -11.51 21.75 -10.36
N ILE B 154 -10.65 22.73 -10.10
CA ILE B 154 -10.15 23.65 -11.14
C ILE B 154 -9.46 22.83 -12.24
N ASP B 155 -9.92 23.00 -13.49
CA ASP B 155 -9.40 22.25 -14.64
C ASP B 155 -9.41 20.72 -14.45
N GLY B 156 -10.35 20.23 -13.65
CA GLY B 156 -10.45 18.82 -13.32
C GLY B 156 -9.50 18.29 -12.25
N TYR B 157 -8.67 19.15 -11.65
CA TYR B 157 -7.67 18.73 -10.68
C TYR B 157 -8.21 18.81 -9.24
N PRO B 158 -7.65 17.98 -8.34
CA PRO B 158 -8.01 18.15 -6.93
C PRO B 158 -7.70 19.58 -6.49
N THR B 159 -8.65 20.15 -5.75
CA THR B 159 -8.64 21.57 -5.42
C THR B 159 -8.97 21.70 -3.93
N ILE B 160 -8.20 22.52 -3.22
CA ILE B 160 -8.44 22.76 -1.81
C ILE B 160 -9.08 24.14 -1.66
N LEU B 161 -10.14 24.19 -0.84
CA LEU B 161 -10.73 25.43 -0.37
C LEU B 161 -10.31 25.54 1.09
N TYR B 162 -9.56 26.60 1.42
CA TYR B 162 -8.95 26.75 2.74
C TYR B 162 -9.14 28.14 3.29
N THR B 163 -9.02 28.27 4.60
CA THR B 163 -9.10 29.58 5.23
C THR B 163 -7.74 30.29 5.12
N SER B 164 -7.76 31.36 4.36
CA SER B 164 -6.61 32.24 4.18
C SER B 164 -6.74 33.37 5.19
N THR B 165 -5.74 33.53 6.05
CA THR B 165 -5.79 34.56 7.09
C THR B 165 -4.80 35.69 6.84
N SER B 166 -5.23 36.89 7.19
CA SER B 166 -4.39 38.09 7.11
C SER B 166 -4.32 38.75 8.49
N PHE B 167 -3.94 40.02 8.53
N PHE B 167 -3.88 40.01 8.53
CA PHE B 167 -3.68 40.71 9.77
CA PHE B 167 -3.63 40.73 9.78
C PHE B 167 -4.96 41.07 10.53
C PHE B 167 -4.93 41.09 10.53
N GLY B 168 -4.79 41.36 11.82
CA GLY B 168 -5.88 41.85 12.67
C GLY B 168 -6.20 40.90 13.80
N PRO B 169 -6.95 41.38 14.82
CA PRO B 169 -7.39 40.46 15.87
C PRO B 169 -8.14 39.26 15.27
N LEU B 170 -7.81 38.06 15.73
CA LEU B 170 -8.43 36.84 15.22
C LEU B 170 -8.75 35.95 16.40
N GLY B 171 -10.04 35.73 16.64
CA GLY B 171 -10.45 34.86 17.72
C GLY B 171 -11.85 35.14 18.20
N ALA B 172 -12.47 34.10 18.76
CA ALA B 172 -13.86 34.16 19.22
C ALA B 172 -14.05 35.10 20.41
N THR B 173 -12.99 35.34 21.19
CA THR B 173 -13.05 36.25 22.34
C THR B 173 -12.45 37.64 22.02
N LEU B 174 -12.11 37.89 20.76
CA LEU B 174 -11.55 39.18 20.34
C LEU B 174 -12.53 39.88 19.42
N ASN B 175 -12.20 41.11 19.03
CA ASN B 175 -13.03 41.88 18.11
C ASN B 175 -12.49 41.73 16.69
N GLU B 176 -12.77 40.57 16.08
CA GLU B 176 -12.33 40.30 14.72
C GLU B 176 -13.12 41.12 13.72
N ALA B 177 -12.47 41.50 12.63
CA ALA B 177 -13.11 42.21 11.54
C ALA B 177 -13.04 41.42 10.26
N GLU B 178 -13.95 41.76 9.36
CA GLU B 178 -14.06 41.20 8.04
C GLU B 178 -12.72 41.34 7.29
N GLY B 179 -12.30 40.27 6.60
CA GLY B 179 -11.04 40.25 5.85
C GLY B 179 -9.92 39.49 6.53
N THR B 180 -9.92 39.47 7.86
CA THR B 180 -8.91 38.74 8.61
C THR B 180 -8.94 37.23 8.30
N GLU B 181 -10.14 36.67 8.16
CA GLU B 181 -10.32 35.30 7.71
C GLU B 181 -11.14 35.30 6.44
N THR B 182 -10.55 34.80 5.36
CA THR B 182 -11.24 34.63 4.08
C THR B 182 -11.04 33.19 3.60
N GLN B 183 -11.67 32.81 2.49
CA GLN B 183 -11.54 31.47 1.97
C GLN B 183 -10.99 31.54 0.55
N SER B 184 -10.00 30.70 0.26
CA SER B 184 -9.23 30.75 -0.98
C SER B 184 -9.08 29.36 -1.58
N LEU B 185 -8.76 29.32 -2.87
CA LEU B 185 -8.57 28.09 -3.62
C LEU B 185 -7.13 27.87 -4.07
N ALA B 186 -6.73 26.60 -4.07
CA ALA B 186 -5.51 26.17 -4.74
C ALA B 186 -5.76 24.78 -5.33
N TYR B 187 -5.02 24.44 -6.39
CA TYR B 187 -5.20 23.13 -7.03
C TYR B 187 -3.85 22.47 -7.24
N THR B 188 -3.86 21.14 -7.38
CA THR B 188 -2.65 20.36 -7.57
C THR B 188 -2.66 19.61 -8.89
N THR B 189 -1.58 19.75 -9.66
CA THR B 189 -1.39 19.00 -10.91
C THR B 189 -0.49 17.79 -10.73
N ASP B 190 -0.03 17.54 -9.50
CA ASP B 190 0.92 16.47 -9.21
C ASP B 190 0.53 15.67 -7.98
N ASP B 191 -0.78 15.48 -7.81
CA ASP B 191 -1.34 14.62 -6.78
C ASP B 191 -0.90 14.98 -5.35
N GLY B 192 -0.77 16.28 -5.09
CA GLY B 192 -0.48 16.78 -3.76
C GLY B 192 0.97 17.07 -3.44
N ALA B 193 1.89 16.83 -4.39
CA ALA B 193 3.29 17.23 -4.17
C ALA B 193 3.41 18.76 -4.10
N SER B 194 2.58 19.48 -4.85
CA SER B 194 2.54 20.94 -4.80
C SER B 194 1.14 21.46 -5.10
N TRP B 195 0.88 22.70 -4.71
CA TRP B 195 -0.40 23.35 -4.97
C TRP B 195 -0.16 24.72 -5.58
N ILE B 196 -1.02 25.09 -6.53
CA ILE B 196 -1.00 26.38 -7.19
C ILE B 196 -2.23 27.16 -6.74
N LYS B 197 -2.00 28.29 -6.08
CA LYS B 197 -3.09 29.16 -5.64
C LYS B 197 -3.61 29.94 -6.84
N LEU B 198 -4.91 30.22 -6.87
CA LEU B 198 -5.42 31.21 -7.80
C LEU B 198 -4.77 32.57 -7.48
N GLY B 199 -4.74 33.44 -8.47
CA GLY B 199 -4.18 34.78 -8.28
C GLY B 199 -4.96 35.60 -7.26
N TYR B 200 -4.30 36.60 -6.67
CA TYR B 200 -4.98 37.55 -5.81
C TYR B 200 -5.74 38.56 -6.65
N GLY B 201 -7.02 38.75 -6.36
CA GLY B 201 -7.75 39.89 -6.94
C GLY B 201 -9.22 39.64 -7.20
N ALA B 202 -9.84 40.61 -7.87
CA ALA B 202 -11.26 40.55 -8.18
C ALA B 202 -11.56 39.34 -9.07
N GLY B 203 -12.53 38.53 -8.65
CA GLY B 203 -12.91 37.33 -9.40
C GLY B 203 -11.94 36.17 -9.24
N GLN B 204 -10.96 36.31 -8.34
CA GLN B 204 -9.97 35.28 -8.06
C GLN B 204 -9.89 35.12 -6.53
N ASN B 205 -8.72 34.82 -5.96
CA ASN B 205 -8.60 34.69 -4.50
C ASN B 205 -8.59 36.03 -3.77
N PRO B 206 -9.13 36.08 -2.55
CA PRO B 206 -9.95 35.00 -1.94
C PRO B 206 -11.33 34.96 -2.57
N VAL B 207 -11.92 33.77 -2.61
CA VAL B 207 -13.22 33.58 -3.28
C VAL B 207 -14.43 33.82 -2.35
N ILE B 208 -14.24 33.67 -1.04
CA ILE B 208 -15.28 34.01 -0.07
C ILE B 208 -14.65 34.92 0.97
N TYR B 209 -15.20 36.13 1.10
CA TYR B 209 -14.63 37.14 1.99
C TYR B 209 -15.67 37.98 2.75
N GLU B 210 -16.87 38.14 2.21
CA GLU B 210 -17.93 38.87 2.92
C GLU B 210 -18.52 37.99 4.02
N TRP B 211 -18.62 38.57 5.21
CA TRP B 211 -19.29 37.90 6.32
C TRP B 211 -20.79 37.75 6.02
N PRO B 212 -21.34 36.54 6.21
CA PRO B 212 -22.78 36.34 5.95
C PRO B 212 -23.70 36.97 7.00
N GLU B 213 -23.18 37.21 8.20
CA GLU B 213 -23.92 37.88 9.27
C GLU B 213 -22.92 38.78 10.01
N THR B 214 -23.41 39.76 10.76
CA THR B 214 -22.52 40.70 11.47
C THR B 214 -21.96 40.09 12.76
N ASN B 215 -20.89 40.70 13.26
CA ASN B 215 -20.31 40.38 14.57
C ASN B 215 -19.97 38.91 14.79
N LEU B 216 -19.31 38.32 13.79
CA LEU B 216 -18.89 36.93 13.87
C LEU B 216 -17.79 36.71 14.90
N THR B 217 -17.86 35.58 15.58
CA THR B 217 -16.81 35.12 16.47
C THR B 217 -15.73 34.40 15.67
N GLY B 218 -16.05 33.92 14.47
CA GLY B 218 -15.10 33.18 13.63
C GLY B 218 -15.70 32.93 12.26
N PHE B 219 -14.83 32.62 11.29
CA PHE B 219 -15.28 32.46 9.91
C PHE B 219 -14.22 31.62 9.17
N ARG B 220 -14.22 30.32 9.44
CA ARG B 220 -13.13 29.46 8.97
C ARG B 220 -13.52 28.00 8.81
N ASP B 221 -12.55 27.26 8.28
CA ASP B 221 -12.58 25.80 8.17
C ASP B 221 -13.66 25.35 7.17
N PRO B 222 -13.54 25.79 5.91
CA PRO B 222 -14.53 25.42 4.91
C PRO B 222 -14.53 23.92 4.64
N TYR B 223 -15.71 23.31 4.70
CA TYR B 223 -15.86 21.89 4.48
C TYR B 223 -16.70 21.69 3.23
N VAL B 224 -16.07 21.23 2.16
CA VAL B 224 -16.75 21.07 0.88
C VAL B 224 -17.22 19.63 0.74
N PHE B 225 -18.45 19.44 0.29
CA PHE B 225 -19.03 18.11 0.16
C PHE B 225 -20.12 18.09 -0.89
N GLN B 226 -20.32 16.92 -1.48
CA GLN B 226 -21.46 16.69 -2.38
C GLN B 226 -22.55 16.07 -1.54
N SER B 227 -23.80 16.30 -1.93
CA SER B 227 -24.94 15.83 -1.15
C SER B 227 -26.19 15.69 -2.03
N PRO B 228 -26.41 14.50 -2.59
CA PRO B 228 -27.71 14.20 -3.23
C PRO B 228 -28.90 14.52 -2.33
N ARG B 229 -28.75 14.27 -1.02
CA ARG B 229 -29.76 14.63 -0.02
C ARG B 229 -30.12 16.12 -0.05
N LEU B 230 -29.12 16.99 0.12
CA LEU B 230 -29.38 18.42 0.12
C LEU B 230 -29.85 18.93 -1.24
N GLU B 231 -29.30 18.39 -2.33
CA GLU B 231 -29.76 18.75 -3.67
C GLU B 231 -31.25 18.47 -3.87
N ALA B 232 -31.69 17.30 -3.44
CA ALA B 232 -33.11 16.91 -3.52
C ALA B 232 -33.99 17.83 -2.67
N LEU B 233 -33.54 18.15 -1.47
CA LEU B 233 -34.27 19.07 -0.58
C LEU B 233 -34.38 20.48 -1.12
N LEU B 234 -33.34 20.96 -1.81
CA LEU B 234 -33.33 22.34 -2.31
C LEU B 234 -33.84 22.50 -3.75
N ALA B 235 -34.11 21.39 -4.44
CA ALA B 235 -34.42 21.42 -5.88
C ALA B 235 -35.61 22.31 -6.25
N ASN B 236 -36.63 22.35 -5.39
CA ASN B 236 -37.81 23.20 -5.61
C ASN B 236 -37.62 24.69 -5.20
N THR B 237 -36.43 25.05 -4.68
CA THR B 237 -36.13 26.43 -4.27
C THR B 237 -35.00 27.11 -5.06
N THR B 238 -34.46 26.45 -6.08
CA THR B 238 -33.30 27.00 -6.82
C THR B 238 -33.61 28.28 -7.60
N SER B 239 -34.89 28.56 -7.90
CA SER B 239 -35.30 29.86 -8.45
C SER B 239 -35.13 31.02 -7.47
N ILE B 240 -35.21 30.75 -6.18
CA ILE B 240 -35.08 31.80 -5.16
C ILE B 240 -33.62 32.27 -5.05
N THR B 241 -32.68 31.32 -5.06
CA THR B 241 -31.26 31.61 -4.82
C THR B 241 -30.38 31.59 -6.08
N ASN B 242 -30.84 30.93 -7.15
CA ASN B 242 -30.05 30.65 -8.36
C ASN B 242 -28.80 29.77 -8.18
N ALA B 243 -28.65 29.13 -7.01
CA ALA B 243 -27.49 28.28 -6.74
C ALA B 243 -27.86 26.85 -7.10
N THR B 244 -27.19 26.29 -8.11
CA THR B 244 -27.52 24.96 -8.63
C THR B 244 -26.33 24.00 -8.73
N GLY B 245 -25.20 24.36 -8.13
CA GLY B 245 -24.00 23.51 -8.20
C GLY B 245 -24.15 22.24 -7.39
N ASP B 246 -23.26 21.29 -7.67
CA ASP B 246 -23.26 19.98 -7.01
C ASP B 246 -22.35 19.90 -5.77
N HIS B 247 -21.70 21.01 -5.41
CA HIS B 247 -20.92 21.09 -4.17
C HIS B 247 -21.54 22.06 -3.19
N PHE B 248 -21.54 21.66 -1.92
CA PHE B 248 -21.90 22.53 -0.82
C PHE B 248 -20.64 22.80 -0.01
N ALA B 249 -20.66 23.88 0.77
CA ALA B 249 -19.58 24.16 1.70
C ALA B 249 -20.14 24.76 2.97
N THR B 250 -19.70 24.23 4.13
CA THR B 250 -19.98 24.90 5.38
C THR B 250 -18.77 25.70 5.84
N ILE B 251 -19.03 26.80 6.52
CA ILE B 251 -17.99 27.59 7.18
C ILE B 251 -18.37 27.69 8.65
N SER B 252 -17.39 27.43 9.51
CA SER B 252 -17.60 27.35 10.95
C SER B 252 -17.40 28.70 11.62
N GLY B 253 -18.30 29.02 12.54
CA GLY B 253 -18.18 30.28 13.26
C GLY B 253 -19.19 30.42 14.37
N GLY B 254 -19.72 31.62 14.50
CA GLY B 254 -20.67 31.96 15.56
C GLY B 254 -20.92 33.45 15.55
N VAL B 255 -21.71 33.93 16.50
CA VAL B 255 -22.08 35.35 16.60
C VAL B 255 -21.82 35.78 18.04
N HIS B 256 -21.16 36.92 18.21
CA HIS B 256 -20.77 37.41 19.53
C HIS B 256 -21.98 37.49 20.46
N GLY B 257 -21.84 36.89 21.63
CA GLY B 257 -22.90 36.85 22.64
C GLY B 257 -24.07 35.92 22.37
N ASP B 258 -24.12 35.26 21.22
CA ASP B 258 -25.33 34.52 20.81
C ASP B 258 -25.07 33.09 20.29
N GLY B 259 -23.92 32.52 20.61
CA GLY B 259 -23.62 31.13 20.32
C GLY B 259 -23.03 30.85 18.94
N ALA B 260 -22.75 29.57 18.71
CA ALA B 260 -22.08 29.09 17.52
C ALA B 260 -23.02 28.99 16.31
N ARG B 261 -22.41 29.02 15.13
CA ARG B 261 -23.13 28.93 13.87
C ARG B 261 -22.32 28.11 12.88
N LEU B 262 -23.00 27.28 12.10
CA LEU B 262 -22.41 26.65 10.94
C LEU B 262 -23.14 27.21 9.72
N PHE B 263 -22.40 27.93 8.86
CA PHE B 263 -23.00 28.62 7.71
C PHE B 263 -22.93 27.73 6.47
N LEU B 264 -24.04 27.61 5.75
CA LEU B 264 -24.09 26.78 4.55
C LEU B 264 -24.05 27.63 3.28
N TYR B 265 -23.11 27.26 2.40
CA TYR B 265 -22.98 27.82 1.06
C TYR B 265 -23.24 26.73 0.05
N ARG B 266 -23.68 27.13 -1.14
CA ARG B 266 -23.79 26.23 -2.27
C ARG B 266 -23.04 26.83 -3.44
N GLN B 267 -22.25 25.99 -4.10
CA GLN B 267 -21.60 26.33 -5.36
C GLN B 267 -22.67 26.85 -6.31
N HIS B 268 -22.44 28.02 -6.87
CA HIS B 268 -23.48 28.67 -7.68
C HIS B 268 -23.78 27.89 -8.95
N THR B 269 -22.74 27.44 -9.64
CA THR B 269 -22.86 26.74 -10.92
C THR B 269 -21.92 25.54 -10.97
N THR B 270 -22.44 24.39 -11.40
CA THR B 270 -21.63 23.19 -11.57
C THR B 270 -20.44 23.45 -12.49
N GLY B 271 -19.28 22.91 -12.13
CA GLY B 271 -18.06 23.09 -12.91
C GLY B 271 -17.38 24.45 -12.79
N GLU B 272 -17.90 25.33 -11.93
CA GLU B 272 -17.32 26.67 -11.71
C GLU B 272 -17.10 26.86 -10.22
N PHE B 273 -15.91 27.32 -9.84
CA PHE B 273 -15.48 27.24 -8.42
C PHE B 273 -15.21 28.56 -7.72
N ILE B 274 -15.45 29.68 -8.42
CA ILE B 274 -15.23 31.00 -7.86
C ILE B 274 -16.43 31.45 -7.03
N LYS B 275 -17.64 31.27 -7.57
CA LYS B 275 -18.85 31.81 -6.95
C LYS B 275 -19.55 30.79 -6.03
N TRP B 276 -19.65 31.12 -4.75
CA TRP B 276 -20.33 30.33 -3.73
C TRP B 276 -21.41 31.21 -3.13
N THR B 277 -22.64 30.70 -3.10
CA THR B 277 -23.80 31.47 -2.64
C THR B 277 -24.17 31.07 -1.23
N TYR B 278 -24.18 32.05 -0.33
CA TYR B 278 -24.62 31.83 1.05
C TYR B 278 -26.11 31.54 1.05
N LEU B 279 -26.50 30.41 1.62
CA LEU B 279 -27.91 30.05 1.75
C LEU B 279 -28.46 30.49 3.10
N GLY B 280 -27.80 30.08 4.17
CA GLY B 280 -28.22 30.43 5.53
C GLY B 280 -27.51 29.60 6.59
N PRO B 281 -27.80 29.85 7.88
CA PRO B 281 -27.22 29.06 8.96
C PRO B 281 -27.80 27.65 8.98
N LEU B 282 -26.91 26.66 8.98
CA LEU B 282 -27.30 25.26 8.97
C LEU B 282 -27.53 24.80 10.39
N VAL B 283 -26.57 25.09 11.27
CA VAL B 283 -26.67 24.76 12.69
C VAL B 283 -26.54 26.03 13.49
N THR B 284 -27.48 26.20 14.42
CA THR B 284 -27.53 27.36 15.32
C THR B 284 -27.68 26.81 16.72
N THR B 285 -26.72 27.10 17.58
CA THR B 285 -26.79 26.72 18.99
C THR B 285 -26.63 27.95 19.86
N GLY B 286 -26.99 27.82 21.13
CA GLY B 286 -26.98 28.94 22.07
C GLY B 286 -25.65 29.14 22.74
N TYR B 287 -25.45 30.33 23.28
CA TYR B 287 -24.24 30.70 24.02
C TYR B 287 -24.01 29.76 25.20
N LYS B 288 -22.96 28.94 25.10
CA LYS B 288 -22.63 27.90 26.09
C LYS B 288 -23.79 26.95 26.44
N GLU B 289 -24.67 26.71 25.46
CA GLU B 289 -25.75 25.74 25.58
C GLU B 289 -25.19 24.34 25.69
N SER B 290 -25.75 23.52 26.57
CA SER B 290 -25.43 22.09 26.63
C SER B 290 -26.69 21.28 26.40
N TYR B 291 -26.59 20.25 25.56
CA TYR B 291 -27.66 19.29 25.36
C TYR B 291 -27.76 18.32 26.53
N GLY B 292 -26.71 18.23 27.34
CA GLY B 292 -26.71 17.41 28.56
C GLY B 292 -25.40 16.70 28.85
N GLU B 293 -25.43 15.83 29.86
CA GLU B 293 -24.25 15.12 30.38
C GLU B 293 -23.53 14.23 29.35
N TRP B 294 -24.27 13.76 28.34
CA TRP B 294 -23.73 12.88 27.31
C TRP B 294 -23.26 13.63 26.06
N SER B 295 -23.29 14.97 26.09
CA SER B 295 -23.22 15.76 24.87
C SER B 295 -22.25 16.94 24.90
N GLY B 296 -21.40 17.02 25.93
CA GLY B 296 -20.49 18.15 26.07
C GLY B 296 -21.21 19.48 26.17
N ASN B 297 -20.68 20.50 25.51
CA ASN B 297 -21.21 21.86 25.54
C ASN B 297 -20.94 22.53 24.20
N TYR B 298 -21.93 23.26 23.68
CA TYR B 298 -21.83 23.88 22.36
C TYR B 298 -20.98 25.16 22.32
N GLY B 299 -20.51 25.64 23.47
CA GLY B 299 -19.55 26.73 23.53
C GLY B 299 -20.05 28.02 22.91
N ILE B 300 -19.12 28.80 22.34
CA ILE B 300 -19.44 30.11 21.75
C ILE B 300 -19.14 30.20 20.24
N ASN B 301 -18.47 29.19 19.69
CA ASN B 301 -17.94 29.26 18.33
C ASN B 301 -17.62 27.85 17.88
N PHE B 302 -17.94 27.52 16.63
CA PHE B 302 -17.60 26.22 16.05
C PHE B 302 -16.27 26.30 15.29
N GLU B 303 -15.56 25.18 15.27
CA GLU B 303 -14.36 25.01 14.46
C GLU B 303 -14.42 23.63 13.79
N THR B 304 -13.75 23.54 12.64
CA THR B 304 -13.58 22.30 11.87
C THR B 304 -14.85 21.47 11.69
N ALA B 305 -15.97 22.12 11.39
CA ALA B 305 -17.24 21.41 11.27
C ALA B 305 -17.33 20.71 9.92
N GLY B 306 -17.95 19.54 9.91
CA GLY B 306 -18.23 18.79 8.69
C GLY B 306 -19.64 18.23 8.68
N VAL B 307 -20.10 17.83 7.51
CA VAL B 307 -21.44 17.31 7.27
C VAL B 307 -21.30 16.00 6.53
N THR B 308 -21.99 14.96 7.00
CA THR B 308 -21.98 13.68 6.31
C THR B 308 -23.34 13.00 6.42
N ARG B 309 -23.48 11.88 5.71
CA ARG B 309 -24.70 11.07 5.76
C ARG B 309 -24.24 9.62 5.81
N LEU B 310 -24.76 8.88 6.77
CA LEU B 310 -24.29 7.52 7.05
C LEU B 310 -25.46 6.56 7.11
N ASN B 311 -25.16 5.29 6.92
CA ASN B 311 -26.11 4.21 7.19
C ASN B 311 -25.37 3.10 7.94
N PRO B 312 -26.04 1.98 8.27
CA PRO B 312 -25.34 1.00 9.09
C PRO B 312 -24.02 0.46 8.51
N ALA B 313 -23.87 0.46 7.18
CA ALA B 313 -22.65 -0.05 6.52
C ALA B 313 -21.52 0.99 6.40
N GLY B 314 -21.82 2.28 6.50
CA GLY B 314 -20.81 3.33 6.28
C GLY B 314 -21.42 4.60 5.74
N ALA B 315 -20.84 5.13 4.66
CA ALA B 315 -21.35 6.35 4.01
C ALA B 315 -22.58 6.05 3.17
N ALA B 316 -23.55 6.97 3.19
CA ALA B 316 -24.77 6.85 2.40
C ALA B 316 -24.84 8.01 1.43
N TRP B 317 -25.00 7.69 0.15
CA TRP B 317 -25.09 8.71 -0.92
C TRP B 317 -26.48 8.79 -1.56
N ASP B 318 -27.50 8.34 -0.85
CA ASP B 318 -28.89 8.42 -1.33
C ASP B 318 -29.44 9.84 -1.17
N ASN B 319 -30.56 10.09 -1.83
CA ASN B 319 -31.24 11.41 -1.77
C ASN B 319 -32.24 11.60 -0.61
N GLY B 320 -32.30 10.64 0.31
CA GLY B 320 -33.35 10.58 1.33
C GLY B 320 -34.14 9.28 1.28
N SER B 321 -34.07 8.58 0.15
CA SER B 321 -34.81 7.33 -0.05
C SER B 321 -34.38 6.15 0.85
N ASP B 322 -33.15 6.15 1.34
CA ASP B 322 -32.68 5.13 2.29
C ASP B 322 -33.18 5.48 3.69
N THR B 323 -34.19 4.74 4.16
CA THR B 323 -34.76 4.96 5.49
C THR B 323 -33.83 4.59 6.64
N THR B 324 -32.75 3.85 6.35
CA THR B 324 -31.75 3.51 7.37
C THR B 324 -30.63 4.57 7.50
N ALA B 325 -30.62 5.56 6.62
CA ALA B 325 -29.55 6.57 6.62
C ALA B 325 -29.88 7.73 7.56
N VAL B 326 -28.83 8.33 8.13
CA VAL B 326 -28.96 9.41 9.08
C VAL B 326 -27.97 10.52 8.68
N ASP B 327 -28.43 11.76 8.75
CA ASP B 327 -27.59 12.94 8.51
C ASP B 327 -26.87 13.35 9.79
N PHE B 328 -25.56 13.59 9.69
CA PHE B 328 -24.75 13.95 10.85
C PHE B 328 -23.94 15.21 10.56
N VAL B 329 -23.71 15.99 11.61
CA VAL B 329 -22.72 17.07 11.58
C VAL B 329 -21.71 16.77 12.67
N THR B 330 -20.42 16.96 12.37
CA THR B 330 -19.36 16.88 13.37
C THR B 330 -18.77 18.27 13.49
N PHE B 331 -18.34 18.65 14.69
CA PHE B 331 -17.87 20.01 14.94
C PHE B 331 -17.14 20.12 16.26
N GLY B 332 -16.13 20.99 16.29
CA GLY B 332 -15.47 21.40 17.52
C GLY B 332 -16.17 22.62 18.07
N THR B 333 -16.19 22.75 19.39
CA THR B 333 -16.71 23.96 20.03
C THR B 333 -15.66 24.50 20.95
N GLU B 334 -15.63 25.82 21.11
CA GLU B 334 -14.70 26.43 22.04
C GLU B 334 -15.37 27.26 23.14
N GLN B 335 -14.67 27.33 24.27
CA GLN B 335 -15.05 28.12 25.45
C GLN B 335 -16.28 27.58 26.20
N GLY B 336 -16.68 26.34 25.93
CA GLY B 336 -17.72 25.65 26.69
C GLY B 336 -17.20 24.61 27.66
N ARG B 337 -15.89 24.61 27.91
CA ARG B 337 -15.25 23.58 28.72
C ARG B 337 -14.17 24.20 29.60
N ALA B 338 -14.10 23.76 30.85
CA ALA B 338 -13.17 24.31 31.84
C ALA B 338 -11.73 23.86 31.64
N ASP B 339 -11.54 22.76 30.93
CA ASP B 339 -10.21 22.16 30.73
C ASP B 339 -10.16 21.61 29.29
N HIS B 340 -9.19 20.76 28.97
CA HIS B 340 -9.04 20.23 27.60
C HIS B 340 -8.97 21.37 26.56
N GLN B 341 -8.17 22.38 26.88
CA GLN B 341 -7.96 23.55 26.01
C GLN B 341 -9.27 24.25 25.61
N ASN B 342 -10.25 24.19 26.52
CA ASN B 342 -11.61 24.72 26.32
C ASN B 342 -12.38 24.16 25.14
N HIS B 343 -12.02 22.96 24.69
CA HIS B 343 -12.48 22.40 23.41
C HIS B 343 -13.26 21.09 23.56
N TRP B 344 -14.43 21.02 22.93
CA TRP B 344 -15.18 19.76 22.80
C TRP B 344 -15.24 19.35 21.32
N PRO B 345 -14.83 18.11 20.98
CA PRO B 345 -15.12 17.58 19.66
C PRO B 345 -16.44 16.80 19.68
N LEU B 346 -17.45 17.36 19.04
CA LEU B 346 -18.82 16.86 19.14
C LEU B 346 -19.35 16.35 17.82
N TRP B 347 -20.51 15.70 17.89
CA TRP B 347 -21.29 15.35 16.71
C TRP B 347 -22.77 15.43 17.05
N ALA B 348 -23.59 15.58 16.02
CA ALA B 348 -25.05 15.58 16.18
C ALA B 348 -25.72 14.92 15.00
N ALA B 349 -26.75 14.11 15.29
CA ALA B 349 -27.66 13.65 14.27
C ALA B 349 -28.66 14.77 14.04
N VAL B 350 -28.99 15.04 12.78
CA VAL B 350 -29.85 16.17 12.44
C VAL B 350 -30.95 15.77 11.49
N ASP B 351 -32.07 16.48 11.56
CA ASP B 351 -33.15 16.36 10.60
C ASP B 351 -33.25 17.67 9.84
N TYR B 352 -33.09 17.62 8.53
CA TYR B 352 -33.07 18.84 7.72
C TYR B 352 -34.48 19.36 7.46
N GLU B 353 -34.67 20.67 7.60
CA GLU B 353 -35.90 21.37 7.21
C GLU B 353 -35.55 22.45 6.19
N VAL B 354 -36.37 22.59 5.15
CA VAL B 354 -36.13 23.59 4.10
C VAL B 354 -36.83 24.90 4.49
N ARG B 355 -36.07 25.99 4.50
CA ARG B 355 -36.62 27.33 4.77
C ARG B 355 -37.22 27.94 3.51
N ASP B 356 -38.10 28.91 3.71
CA ASP B 356 -38.78 29.59 2.60
C ASP B 356 -37.80 30.33 1.65
N ASN B 357 -36.69 30.81 2.19
CA ASN B 357 -35.66 31.49 1.36
C ASN B 357 -34.67 30.56 0.63
N GLY B 358 -34.94 29.24 0.62
CA GLY B 358 -34.12 28.30 -0.11
C GLY B 358 -32.84 27.91 0.62
N SER B 359 -32.93 27.82 1.95
CA SER B 359 -31.82 27.38 2.80
C SER B 359 -32.27 26.19 3.65
N ILE B 360 -31.36 25.66 4.47
CA ILE B 360 -31.61 24.44 5.24
C ILE B 360 -31.36 24.68 6.71
N GLU B 361 -32.31 24.30 7.56
CA GLU B 361 -32.09 24.25 9.00
C GLU B 361 -31.85 22.81 9.39
N ALA B 362 -30.71 22.55 10.02
CA ALA B 362 -30.38 21.22 10.54
C ALA B 362 -30.81 21.19 11.99
N VAL B 363 -31.93 20.54 12.26
CA VAL B 363 -32.49 20.48 13.61
C VAL B 363 -31.87 19.29 14.32
N ILE B 364 -31.22 19.53 15.46
CA ILE B 364 -30.51 18.49 16.17
C ILE B 364 -31.50 17.50 16.81
N ALA B 365 -31.35 16.21 16.46
CA ALA B 365 -32.22 15.13 16.96
C ALA B 365 -31.62 14.44 18.19
N TYR B 366 -30.32 14.24 18.15
CA TYR B 366 -29.53 13.83 19.31
C TYR B 366 -28.08 14.22 19.09
N SER B 367 -27.29 14.23 20.15
CA SER B 367 -26.01 14.93 20.15
C SER B 367 -25.03 14.24 21.05
N GLY B 368 -23.83 13.97 20.53
CA GLY B 368 -22.82 13.25 21.28
C GLY B 368 -21.43 13.83 21.18
N VAL B 369 -20.46 13.01 21.58
CA VAL B 369 -19.06 13.41 21.71
C VAL B 369 -18.25 12.45 20.84
N GLN B 370 -17.40 13.01 19.98
CA GLN B 370 -16.59 12.19 19.10
C GLN B 370 -15.41 11.56 19.83
N ASP B 371 -14.82 12.30 20.78
CA ASP B 371 -13.76 11.78 21.63
C ASP B 371 -13.79 12.57 22.94
N TRP B 372 -13.67 11.87 24.06
CA TRP B 372 -13.82 12.49 25.38
C TRP B 372 -12.51 13.00 25.99
N GLY B 373 -11.38 12.78 25.32
CA GLY B 373 -10.09 13.11 25.87
C GLY B 373 -9.38 14.26 25.19
N ARG B 374 -8.05 14.17 25.15
CA ARG B 374 -7.20 15.26 24.66
C ARG B 374 -7.08 15.24 23.15
N SER B 375 -8.22 15.36 22.48
CA SER B 375 -8.25 15.44 21.02
C SER B 375 -9.32 16.39 20.56
N TYR B 376 -9.17 16.82 19.30
CA TYR B 376 -9.96 17.91 18.74
C TYR B 376 -9.71 17.94 17.24
N ALA B 377 -10.52 18.72 16.52
CA ALA B 377 -10.29 19.02 15.11
C ALA B 377 -10.46 17.79 14.23
N TYR B 378 -11.56 17.08 14.42
CA TYR B 378 -11.86 15.91 13.61
C TYR B 378 -12.27 16.33 12.21
N ALA B 379 -11.65 15.71 11.22
CA ALA B 379 -12.00 15.88 9.81
C ALA B 379 -12.48 14.54 9.30
N SER B 380 -13.52 14.52 8.46
CA SER B 380 -13.94 13.29 7.80
C SER B 380 -13.95 13.46 6.29
N PHE B 381 -13.76 12.34 5.59
CA PHE B 381 -13.67 12.36 4.13
C PHE B 381 -14.14 11.04 3.53
N PRO B 382 -14.64 11.07 2.30
CA PRO B 382 -15.17 9.86 1.67
C PRO B 382 -14.06 8.94 1.17
N VAL B 383 -14.26 7.64 1.32
CA VAL B 383 -13.31 6.63 0.86
C VAL B 383 -14.10 5.57 0.08
N GLU B 384 -13.48 5.04 -0.98
CA GLU B 384 -14.15 4.07 -1.87
C GLU B 384 -14.72 2.89 -1.11
N GLY B 385 -15.80 2.33 -1.64
CA GLY B 385 -16.55 1.27 -0.95
C GLY B 385 -17.55 1.82 0.06
N TYR B 386 -18.05 3.04 -0.19
CA TYR B 386 -19.09 3.64 0.63
C TYR B 386 -18.67 3.79 2.09
N ARG B 387 -17.51 4.43 2.28
CA ARG B 387 -16.97 4.70 3.61
C ARG B 387 -16.82 6.18 3.84
N GLN B 388 -16.94 6.59 5.11
CA GLN B 388 -16.60 7.93 5.56
C GLN B 388 -15.63 7.72 6.71
N VAL B 389 -14.44 8.29 6.57
CA VAL B 389 -13.34 8.06 7.50
C VAL B 389 -13.02 9.36 8.21
N SER B 390 -12.83 9.29 9.52
CA SER B 390 -12.62 10.44 10.38
C SER B 390 -11.30 10.31 11.11
N VAL B 391 -10.60 11.44 11.27
CA VAL B 391 -9.34 11.46 12.01
C VAL B 391 -9.22 12.82 12.69
N GLY B 392 -8.60 12.82 13.87
CA GLY B 392 -8.43 14.04 14.66
C GLY B 392 -7.01 14.25 15.10
N TRP B 393 -6.83 15.28 15.93
CA TRP B 393 -5.53 15.67 16.46
C TRP B 393 -5.51 15.42 17.95
N ILE B 394 -4.50 14.69 18.42
CA ILE B 394 -4.24 14.49 19.85
C ILE B 394 -3.12 15.44 20.27
N TYR B 395 -3.47 16.39 21.14
CA TYR B 395 -2.48 17.33 21.65
C TYR B 395 -1.72 16.69 22.81
N GLU B 396 -0.61 17.30 23.21
CA GLU B 396 0.20 16.81 24.33
C GLU B 396 -0.50 17.20 25.64
N ASP B 397 0.00 16.71 26.77
CA ASP B 397 -0.48 17.16 28.08
C ASP B 397 0.65 17.88 28.82
N ASP B 398 1.09 18.98 28.20
CA ASP B 398 2.16 19.82 28.71
C ASP B 398 1.74 21.27 28.44
N ASP B 399 0.58 21.64 28.96
CA ASP B 399 -0.04 22.93 28.62
C ASP B 399 0.74 24.16 29.09
N ASN B 400 1.63 24.00 30.08
CA ASN B 400 2.55 25.08 30.48
C ASN B 400 3.85 25.13 29.67
N VAL B 401 4.00 24.25 28.68
CA VAL B 401 5.12 24.27 27.73
C VAL B 401 6.46 24.12 28.46
N ILE B 402 6.51 23.16 29.39
CA ILE B 402 7.68 22.96 30.25
C ILE B 402 8.74 22.10 29.57
N LEU B 403 8.33 21.06 28.83
CA LEU B 403 9.28 20.16 28.17
C LEU B 403 9.12 20.10 26.64
N ALA B 404 8.37 21.04 26.05
CA ALA B 404 8.11 21.02 24.61
C ALA B 404 9.39 21.15 23.79
N LYS B 405 10.26 22.08 24.17
CA LYS B 405 11.56 22.23 23.48
C LYS B 405 12.42 20.97 23.58
N GLN B 406 12.38 20.34 24.75
CA GLN B 406 13.12 19.10 24.96
C GLN B 406 12.56 17.95 24.10
N PHE B 407 11.24 17.90 23.93
CA PHE B 407 10.62 16.96 22.96
C PHE B 407 11.13 17.25 21.55
N GLY B 408 11.06 18.52 21.15
CA GLY B 408 11.36 18.90 19.76
C GLY B 408 10.19 18.71 18.79
N TYR B 409 9.02 18.43 19.33
CA TYR B 409 7.78 18.25 18.56
C TYR B 409 6.59 18.38 19.51
N GLN B 410 5.42 18.64 18.93
CA GLN B 410 4.15 18.59 19.66
C GLN B 410 3.08 18.03 18.73
N GLY B 411 2.34 17.04 19.22
CA GLY B 411 1.09 16.60 18.60
C GLY B 411 1.20 15.35 17.76
N ALA B 412 0.06 14.68 17.59
CA ALA B 412 -0.07 13.53 16.69
C ALA B 412 -1.50 13.47 16.21
N PHE B 413 -1.79 12.59 15.24
CA PHE B 413 -3.16 12.26 14.91
C PHE B 413 -3.69 11.18 15.83
N THR B 414 -5.01 11.07 15.85
CA THR B 414 -5.68 9.85 16.31
C THR B 414 -5.47 8.77 15.27
N LEU B 415 -6.00 7.57 15.54
CA LEU B 415 -6.16 6.58 14.48
C LEU B 415 -7.27 7.03 13.53
N PHE B 416 -7.27 6.47 12.33
CA PHE B 416 -8.31 6.74 11.34
C PHE B 416 -9.50 5.84 11.67
N ARG B 417 -10.70 6.41 11.62
CA ARG B 417 -11.90 5.75 12.10
C ARG B 417 -12.96 5.71 11.02
N ASP B 418 -13.50 4.53 10.76
CA ASP B 418 -14.70 4.41 9.93
C ASP B 418 -15.91 4.88 10.74
N LEU B 419 -16.71 5.77 10.16
CA LEU B 419 -17.99 6.17 10.70
C LEU B 419 -19.10 5.35 10.07
N PHE B 420 -20.13 5.07 10.86
CA PHE B 420 -21.29 4.32 10.41
C PHE B 420 -22.42 4.55 11.43
N VAL B 421 -23.64 4.16 11.06
CA VAL B 421 -24.77 4.20 12.00
C VAL B 421 -24.73 2.92 12.81
N LYS B 422 -24.47 3.04 14.12
CA LYS B 422 -24.52 1.90 15.02
C LYS B 422 -25.99 1.64 15.38
N VAL B 423 -26.45 0.41 15.13
CA VAL B 423 -27.83 0.01 15.45
C VAL B 423 -27.76 -1.14 16.44
N VAL B 424 -28.47 -1.02 17.57
CA VAL B 424 -28.54 -2.09 18.56
C VAL B 424 -30.00 -2.52 18.65
N GLU B 425 -30.26 -3.78 18.30
CA GLU B 425 -31.63 -4.32 18.31
C GLU B 425 -31.95 -5.01 19.62
N ASN B 426 -33.24 -5.15 19.89
CA ASN B 426 -33.75 -5.89 21.06
C ASN B 426 -33.20 -5.38 22.39
N VAL B 427 -33.15 -4.05 22.52
CA VAL B 427 -32.68 -3.43 23.75
C VAL B 427 -33.84 -3.47 24.77
N SER B 428 -33.50 -3.85 26.00
CA SER B 428 -34.46 -3.89 27.10
C SER B 428 -34.87 -2.48 27.53
N PRO B 429 -36.19 -2.24 27.65
CA PRO B 429 -36.68 -0.95 28.17
C PRO B 429 -36.27 -0.60 29.59
N SER B 430 -35.81 -1.58 30.37
CA SER B 430 -35.31 -1.32 31.72
C SER B 430 -33.83 -0.92 31.77
N THR B 431 -33.17 -0.78 30.62
CA THR B 431 -31.84 -0.17 30.57
C THR B 431 -31.92 1.19 31.26
N PRO B 432 -31.14 1.41 32.34
CA PRO B 432 -31.22 2.69 33.04
C PRO B 432 -30.95 3.88 32.13
N GLY B 433 -31.78 4.92 32.27
CA GLY B 433 -31.61 6.17 31.54
C GLY B 433 -31.75 6.11 30.02
N LEU B 434 -32.40 5.07 29.51
CA LEU B 434 -32.47 4.84 28.07
C LEU B 434 -33.23 5.96 27.31
N PHE B 435 -34.23 6.52 27.97
CA PHE B 435 -35.12 7.50 27.34
C PHE B 435 -34.79 8.96 27.66
N GLU B 436 -33.64 9.19 28.30
CA GLU B 436 -33.07 10.54 28.47
C GLU B 436 -32.56 11.21 27.21
N GLN B 437 -32.50 12.54 27.26
CA GLN B 437 -31.99 13.33 26.15
C GLN B 437 -30.49 13.18 26.10
N ALA B 438 -29.97 12.39 25.17
CA ALA B 438 -28.56 12.22 25.12
C ALA B 438 -28.09 11.98 23.69
N SER B 439 -27.35 10.90 23.43
CA SER B 439 -26.59 10.77 22.17
C SER B 439 -27.03 9.56 21.36
N TRP B 440 -28.31 9.19 21.46
CA TRP B 440 -28.87 8.09 20.68
C TRP B 440 -30.36 8.35 20.48
N SER B 441 -30.96 7.63 19.55
CA SER B 441 -32.42 7.63 19.40
C SER B 441 -32.93 6.25 19.78
N THR B 442 -34.18 6.22 20.20
CA THR B 442 -34.89 4.99 20.55
C THR B 442 -36.14 4.89 19.68
N LYS B 443 -36.41 3.68 19.21
CA LYS B 443 -37.65 3.37 18.50
C LYS B 443 -38.24 2.16 19.20
N ASN B 444 -39.42 2.34 19.81
CA ASN B 444 -40.13 1.25 20.49
C ASN B 444 -40.67 0.24 19.50
N SER B 445 -40.65 -1.03 19.90
CA SER B 445 -41.39 -2.07 19.16
C SER B 445 -42.88 -1.80 19.31
N THR B 446 -43.69 -2.34 18.40
CA THR B 446 -45.15 -2.21 18.46
C THR B 446 -45.71 -2.60 19.84
N ASP B 447 -45.21 -3.69 20.42
CA ASP B 447 -45.69 -4.18 21.72
C ASP B 447 -45.06 -3.52 22.96
N GLY B 448 -44.10 -2.61 22.74
CA GLY B 448 -43.45 -1.87 23.83
C GLY B 448 -42.48 -2.67 24.70
N MET B 449 -42.16 -3.90 24.32
CA MET B 449 -41.31 -4.78 25.11
C MET B 449 -39.83 -4.69 24.74
N SER B 450 -39.52 -4.08 23.60
CA SER B 450 -38.13 -3.88 23.18
C SER B 450 -37.96 -2.56 22.43
N VAL B 451 -36.70 -2.15 22.31
CA VAL B 451 -36.33 -0.89 21.70
C VAL B 451 -35.18 -1.13 20.70
N THR B 452 -35.21 -0.38 19.60
CA THR B 452 -34.05 -0.30 18.69
C THR B 452 -33.33 1.02 18.99
N VAL B 453 -32.03 0.92 19.27
CA VAL B 453 -31.20 2.08 19.57
C VAL B 453 -30.35 2.40 18.33
N THR B 454 -30.28 3.69 18.00
CA THR B 454 -29.45 4.17 16.89
C THR B 454 -28.52 5.26 17.41
N THR B 455 -27.24 5.20 17.03
CA THR B 455 -26.28 6.24 17.39
C THR B 455 -25.15 6.28 16.36
N LEU B 456 -24.17 7.17 16.57
CA LEU B 456 -22.99 7.24 15.71
C LEU B 456 -22.05 6.11 16.11
N GLY B 457 -21.66 5.30 15.13
CA GLY B 457 -20.63 4.29 15.34
C GLY B 457 -19.27 4.81 14.89
N GLN B 458 -18.23 4.41 15.60
CA GLN B 458 -16.84 4.69 15.23
C GLN B 458 -16.00 3.46 15.49
N ARG B 459 -15.21 3.04 14.51
CA ARG B 459 -14.28 1.93 14.70
C ARG B 459 -13.00 2.21 13.93
N VAL B 460 -11.89 1.69 14.43
CA VAL B 460 -10.60 1.90 13.76
C VAL B 460 -10.69 1.21 12.40
N VAL B 461 -10.18 1.89 11.37
CA VAL B 461 -10.23 1.31 10.01
C VAL B 461 -9.60 -0.08 10.00
N PRO B 462 -10.24 -1.03 9.29
CA PRO B 462 -9.76 -2.42 9.35
C PRO B 462 -8.35 -2.65 8.81
N GLU B 463 -7.92 -1.79 7.87
CA GLU B 463 -6.55 -1.84 7.36
C GLU B 463 -5.52 -1.70 8.48
N THR B 464 -5.79 -0.80 9.42
CA THR B 464 -4.89 -0.55 10.55
C THR B 464 -4.91 -1.70 11.54
N LEU B 465 -6.10 -2.20 11.86
CA LEU B 465 -6.22 -3.33 12.78
C LEU B 465 -5.50 -4.57 12.23
N ALA B 466 -5.68 -4.84 10.93
CA ALA B 466 -5.01 -5.99 10.28
C ALA B 466 -3.49 -5.84 10.26
N ALA B 467 -3.01 -4.65 9.92
CA ALA B 467 -1.58 -4.40 9.89
C ALA B 467 -0.97 -4.48 11.29
N TYR B 468 -1.63 -3.87 12.26
CA TYR B 468 -1.19 -3.93 13.66
C TYR B 468 -1.06 -5.36 14.16
N LYS B 469 -2.13 -6.14 13.99
CA LYS B 469 -2.14 -7.52 14.46
C LYS B 469 -1.10 -8.37 13.75
N GLY B 470 -1.03 -8.25 12.42
CA GLY B 470 -0.10 -9.05 11.63
C GLY B 470 1.38 -8.77 11.86
N ASN B 471 1.71 -7.53 12.24
CA ASN B 471 3.10 -7.16 12.54
C ASN B 471 3.47 -7.31 14.02
N SER B 472 2.48 -7.57 14.87
CA SER B 472 2.72 -7.72 16.31
C SER B 472 3.00 -9.17 16.71
N THR B 473 3.60 -9.34 17.89
CA THR B 473 3.58 -10.61 18.59
C THR B 473 2.26 -10.68 19.33
N VAL B 474 1.38 -11.58 18.90
CA VAL B 474 0.03 -11.67 19.42
C VAL B 474 -0.02 -12.75 20.52
N SER B 475 -0.55 -12.38 21.68
CA SER B 475 -0.82 -13.33 22.77
C SER B 475 -2.32 -13.37 23.00
N THR B 476 -2.92 -14.53 22.76
CA THR B 476 -4.33 -14.77 23.07
C THR B 476 -4.35 -15.29 24.49
N LEU B 477 -5.00 -14.55 25.39
CA LEU B 477 -4.94 -14.80 26.83
C LEU B 477 -6.19 -15.54 27.28
N ALA B 478 -6.03 -16.38 28.31
CA ALA B 478 -7.13 -17.18 28.83
C ALA B 478 -8.18 -16.27 29.47
N PRO B 479 -9.48 -16.62 29.37
CA PRO B 479 -10.48 -15.81 30.07
C PRO B 479 -10.28 -15.80 31.58
N VAL B 480 -10.71 -14.72 32.24
CA VAL B 480 -10.47 -14.51 33.67
C VAL B 480 -11.78 -14.12 34.31
N MET B 481 -12.19 -14.85 35.36
CA MET B 481 -13.30 -14.45 36.22
C MET B 481 -12.72 -13.63 37.36
N LEU B 482 -13.18 -12.39 37.48
CA LEU B 482 -12.76 -11.50 38.56
C LEU B 482 -13.79 -11.62 39.68
N ASN B 483 -13.38 -12.23 40.79
CA ASN B 483 -14.27 -12.52 41.92
C ASN B 483 -13.57 -12.15 43.24
N GLU B 484 -13.93 -12.80 44.34
CA GLU B 484 -13.29 -12.53 45.65
C GLU B 484 -11.77 -12.74 45.67
N SER B 485 -11.27 -13.62 44.81
CA SER B 485 -9.82 -13.89 44.74
C SER B 485 -9.01 -12.90 43.87
N ALA B 486 -9.69 -11.98 43.18
CA ALA B 486 -9.02 -11.05 42.27
C ALA B 486 -8.19 -10.03 43.02
N ALA B 487 -6.92 -9.88 42.66
CA ALA B 487 -6.11 -8.76 43.15
C ALA B 487 -6.61 -7.45 42.52
N ALA B 488 -6.18 -6.32 43.08
CA ALA B 488 -6.50 -5.00 42.50
C ALA B 488 -5.98 -4.91 41.06
N TYR B 489 -4.72 -5.34 40.88
CA TYR B 489 -4.06 -5.38 39.58
C TYR B 489 -3.51 -6.78 39.34
N THR B 490 -3.87 -7.35 38.19
CA THR B 490 -3.40 -8.68 37.79
C THR B 490 -2.70 -8.55 36.43
N PRO B 491 -1.34 -8.59 36.41
CA PRO B 491 -0.62 -8.53 35.14
C PRO B 491 -1.03 -9.63 34.18
N PHE B 492 -1.08 -9.32 32.88
CA PHE B 492 -1.35 -10.35 31.88
C PHE B 492 -0.25 -11.41 31.90
N SER B 493 -0.61 -12.64 31.53
CA SER B 493 0.34 -13.76 31.47
C SER B 493 1.46 -13.55 30.45
N SER B 494 1.20 -12.74 29.42
CA SER B 494 2.24 -12.24 28.52
C SER B 494 2.28 -10.72 28.65
N GLN B 495 3.48 -10.15 28.56
CA GLN B 495 3.68 -8.73 28.77
C GLN B 495 4.19 -8.02 27.50
N PRO B 496 3.87 -6.73 27.35
CA PRO B 496 4.50 -5.92 26.31
C PRO B 496 6.02 -5.84 26.47
N THR B 497 6.73 -5.50 25.40
CA THR B 497 8.18 -5.33 25.43
C THR B 497 8.61 -3.88 25.27
N ASP B 498 7.66 -2.98 25.04
CA ASP B 498 7.94 -1.56 24.80
C ASP B 498 6.62 -0.81 24.87
N ARG B 499 6.59 0.49 24.54
CA ARG B 499 5.39 1.31 24.67
C ARG B 499 4.51 1.34 23.42
N PHE B 500 4.45 0.23 22.70
CA PHE B 500 3.72 0.15 21.44
C PHE B 500 2.96 -1.15 21.44
N TYR B 501 1.71 -1.10 21.85
CA TYR B 501 0.87 -2.28 21.94
C TYR B 501 -0.61 -1.99 21.97
N ALA B 502 -1.40 -3.03 21.72
CA ALA B 502 -2.84 -2.96 21.79
C ALA B 502 -3.39 -4.05 22.69
N LEU B 503 -4.49 -3.74 23.36
CA LEU B 503 -5.18 -4.67 24.25
C LEU B 503 -6.63 -4.69 23.86
N THR B 504 -7.25 -5.86 23.95
CA THR B 504 -8.69 -5.92 23.84
C THR B 504 -9.26 -6.91 24.85
N GLY B 505 -10.51 -6.69 25.23
CA GLY B 505 -11.21 -7.58 26.17
C GLY B 505 -12.70 -7.26 26.19
N SER B 506 -13.49 -8.27 26.53
CA SER B 506 -14.93 -8.13 26.74
C SER B 506 -15.19 -8.37 28.22
N PHE B 507 -15.77 -7.38 28.88
CA PHE B 507 -16.04 -7.41 30.31
C PHE B 507 -17.54 -7.61 30.51
N GLU B 508 -17.91 -8.74 31.09
CA GLU B 508 -19.32 -9.08 31.31
C GLU B 508 -19.69 -8.79 32.77
N PHE B 509 -20.64 -7.89 32.97
CA PHE B 509 -21.06 -7.43 34.29
C PHE B 509 -22.48 -7.90 34.59
N GLY B 510 -22.78 -8.12 35.86
CA GLY B 510 -24.16 -8.31 36.30
C GLY B 510 -24.95 -7.02 36.11
N LEU B 511 -26.26 -7.15 35.88
CA LEU B 511 -27.12 -5.99 35.67
C LEU B 511 -27.20 -5.01 36.84
N ASN B 512 -26.97 -5.48 38.07
CA ASN B 512 -26.97 -4.60 39.25
C ASN B 512 -25.61 -4.55 39.92
N THR B 513 -24.55 -4.71 39.14
CA THR B 513 -23.19 -4.71 39.67
C THR B 513 -22.83 -3.35 40.30
N THR B 514 -21.97 -3.41 41.31
CA THR B 514 -21.27 -2.21 41.79
C THR B 514 -19.76 -2.42 41.68
N ALA B 515 -19.34 -3.44 40.93
CA ALA B 515 -17.92 -3.72 40.74
C ALA B 515 -17.39 -2.81 39.63
N LYS B 516 -16.08 -2.60 39.64
CA LYS B 516 -15.38 -1.87 38.58
C LYS B 516 -14.33 -2.79 38.01
N ALA B 517 -14.05 -2.66 36.72
CA ALA B 517 -12.97 -3.39 36.10
C ALA B 517 -12.41 -2.62 34.91
N GLY B 518 -11.22 -3.03 34.48
CA GLY B 518 -10.61 -2.42 33.29
C GLY B 518 -9.18 -2.88 33.07
N PHE B 519 -8.36 -1.97 32.54
CA PHE B 519 -6.99 -2.27 32.19
C PHE B 519 -6.04 -1.26 32.82
N ARG B 520 -4.93 -1.76 33.34
CA ARG B 520 -3.78 -0.92 33.69
C ARG B 520 -2.76 -1.04 32.57
N VAL B 521 -2.17 0.08 32.16
CA VAL B 521 -1.18 0.13 31.06
C VAL B 521 0.00 1.01 31.44
N LEU B 522 1.09 0.89 30.65
CA LEU B 522 2.34 1.63 30.87
C LEU B 522 2.78 1.55 32.34
N ALA B 523 2.84 0.32 32.83
CA ALA B 523 2.90 0.04 34.27
C ALA B 523 4.22 -0.58 34.72
N SER B 524 4.80 0.02 35.75
CA SER B 524 5.83 -0.60 36.58
C SER B 524 5.29 -0.49 38.01
N GLU B 525 6.11 -0.83 39.01
CA GLU B 525 5.72 -0.65 40.42
C GLU B 525 5.39 0.81 40.74
N GLU B 526 6.18 1.73 40.18
CA GLU B 526 6.11 3.14 40.56
C GLU B 526 5.32 4.06 39.63
N GLU B 527 5.09 3.63 38.38
CA GLU B 527 4.32 4.42 37.41
C GLU B 527 3.30 3.50 36.74
N TYR B 528 2.08 3.99 36.55
CA TYR B 528 1.03 3.24 35.85
C TYR B 528 -0.15 4.13 35.55
N THR B 529 -0.94 3.72 34.56
CA THR B 529 -2.14 4.44 34.15
C THR B 529 -3.30 3.46 34.19
N ASP B 530 -4.37 3.83 34.88
CA ASP B 530 -5.50 2.95 35.13
C ASP B 530 -6.72 3.35 34.33
N ILE B 531 -7.24 2.41 33.54
CA ILE B 531 -8.45 2.63 32.74
C ILE B 531 -9.56 1.81 33.38
N TRP B 532 -10.54 2.48 33.97
CA TRP B 532 -11.62 1.85 34.73
C TRP B 532 -12.94 2.04 34.04
N PHE B 533 -13.79 1.02 34.06
CA PHE B 533 -15.21 1.24 33.81
C PHE B 533 -16.00 0.88 35.06
N ASP B 534 -16.97 1.74 35.38
CA ASP B 534 -17.79 1.64 36.59
C ASP B 534 -19.23 1.64 36.10
N PRO B 535 -19.80 0.44 35.83
CA PRO B 535 -21.15 0.39 35.27
C PRO B 535 -22.22 1.11 36.10
N ALA B 536 -22.09 1.12 37.43
CA ALA B 536 -23.08 1.80 38.29
C ALA B 536 -23.18 3.31 38.05
N SER B 537 -22.05 3.96 37.75
CA SER B 537 -22.04 5.39 37.40
C SER B 537 -22.05 5.68 35.88
N GLU B 538 -21.79 4.65 35.07
CA GLU B 538 -21.71 4.73 33.61
C GLU B 538 -20.48 5.52 33.15
N ASN B 539 -19.45 5.54 33.99
CA ASN B 539 -18.26 6.33 33.73
C ASN B 539 -17.08 5.45 33.39
N LEU B 540 -16.45 5.76 32.25
CA LEU B 540 -15.17 5.20 31.86
C LEU B 540 -14.14 6.26 32.21
N THR B 541 -13.17 5.92 33.04
CA THR B 541 -12.20 6.89 33.52
C THR B 541 -10.78 6.44 33.21
N VAL B 542 -9.89 7.41 33.06
CA VAL B 542 -8.47 7.16 33.01
C VAL B 542 -7.83 7.94 34.15
N VAL B 543 -7.35 7.21 35.14
CA VAL B 543 -6.75 7.79 36.32
C VAL B 543 -5.26 7.87 36.10
N ARG B 544 -4.74 9.09 36.19
CA ARG B 544 -3.37 9.39 35.83
C ARG B 544 -2.53 9.99 36.96
N THR B 545 -2.96 9.77 38.21
CA THR B 545 -2.24 10.27 39.37
C THR B 545 -0.86 9.63 39.53
N ALA B 546 -0.69 8.41 39.02
CA ALA B 546 0.60 7.73 39.03
C ALA B 546 1.21 7.55 37.62
N SER B 547 0.65 8.19 36.60
CA SER B 547 1.11 7.97 35.21
C SER B 547 2.60 8.25 35.01
N SER B 548 3.12 9.28 35.68
CA SER B 548 4.54 9.62 35.56
C SER B 548 5.15 10.20 36.83
N LEU B 549 6.41 9.89 37.06
CA LEU B 549 7.24 10.56 38.07
C LEU B 549 7.55 12.01 37.71
N ILE B 550 7.45 12.35 36.41
CA ILE B 550 7.66 13.72 35.95
C ILE B 550 6.39 14.53 36.24
N LYS B 551 6.49 15.51 37.14
CA LYS B 551 5.30 16.16 37.70
C LYS B 551 4.72 17.29 36.86
N SER B 552 5.43 17.74 35.83
CA SER B 552 4.94 18.85 35.00
C SER B 552 3.86 18.47 33.99
N PHE B 553 3.72 17.17 33.67
CA PHE B 553 2.66 16.71 32.76
C PHE B 553 1.30 16.66 33.46
N GLY B 554 0.23 16.73 32.68
CA GLY B 554 -1.12 16.65 33.24
C GLY B 554 -1.37 15.33 33.95
N ASN B 555 -2.09 15.39 35.05
CA ASN B 555 -2.46 14.17 35.81
C ASN B 555 -3.93 14.07 36.16
N ASP B 556 -4.76 14.90 35.51
CA ASP B 556 -6.20 14.90 35.76
C ASP B 556 -6.86 13.65 35.20
N THR B 557 -7.96 13.25 35.83
CA THR B 557 -8.68 12.05 35.47
C THR B 557 -9.54 12.31 34.23
N GLU B 558 -9.38 11.48 33.20
CA GLU B 558 -10.22 11.57 32.01
C GLU B 558 -11.52 10.86 32.30
N LEU B 559 -12.59 11.29 31.65
CA LEU B 559 -13.92 10.71 31.84
C LEU B 559 -14.74 10.68 30.58
N ALA B 560 -15.28 9.51 30.26
CA ALA B 560 -16.28 9.35 29.22
C ALA B 560 -17.51 8.68 29.82
N LYS B 561 -18.69 9.04 29.30
CA LYS B 561 -19.92 8.31 29.59
C LYS B 561 -20.06 7.17 28.59
N VAL B 562 -20.43 5.98 29.06
CA VAL B 562 -20.71 4.85 28.19
C VAL B 562 -22.02 4.21 28.62
N LYS B 563 -22.96 4.11 27.68
CA LYS B 563 -24.23 3.44 27.90
C LYS B 563 -24.13 1.99 27.48
N LEU B 564 -24.24 1.08 28.44
CA LEU B 564 -24.35 -0.34 28.11
C LEU B 564 -25.82 -0.65 27.84
N TYR B 565 -26.18 -0.80 26.56
CA TYR B 565 -27.55 -1.08 26.17
C TYR B 565 -27.83 -2.55 26.51
N GLU B 566 -28.71 -2.78 27.49
CA GLU B 566 -29.01 -4.12 27.97
C GLU B 566 -29.94 -4.80 26.99
N ILE B 567 -29.68 -6.07 26.69
CA ILE B 567 -30.44 -6.80 25.67
C ILE B 567 -31.57 -7.60 26.34
N VAL B 568 -32.74 -7.66 25.67
CA VAL B 568 -33.92 -8.36 26.20
C VAL B 568 -33.54 -9.82 26.44
N GLY B 569 -33.81 -10.31 27.65
CA GLY B 569 -33.51 -11.69 28.03
C GLY B 569 -32.12 -11.94 28.59
N ALA B 570 -31.23 -10.96 28.50
CA ALA B 570 -29.87 -11.12 29.02
C ALA B 570 -29.86 -10.90 30.52
N GLU B 571 -29.00 -11.64 31.21
CA GLU B 571 -28.81 -11.47 32.65
C GLU B 571 -27.46 -10.80 32.95
N SER B 572 -26.90 -10.11 31.94
CA SER B 572 -25.63 -9.44 32.08
C SER B 572 -25.55 -8.32 31.04
N LYS B 573 -24.53 -7.47 31.18
CA LYS B 573 -24.26 -6.39 30.24
C LYS B 573 -22.76 -6.35 29.98
N THR B 574 -22.38 -6.07 28.73
CA THR B 574 -21.00 -6.25 28.29
C THR B 574 -20.36 -4.97 27.75
N LEU B 575 -19.12 -4.74 28.17
CA LEU B 575 -18.27 -3.66 27.66
C LEU B 575 -17.14 -4.31 26.87
N ASN B 576 -17.08 -4.01 25.57
CA ASN B 576 -15.94 -4.37 24.73
C ASN B 576 -14.98 -3.20 24.68
N LEU B 577 -13.79 -3.38 25.26
CA LEU B 577 -12.84 -2.31 25.46
C LEU B 577 -11.56 -2.65 24.70
N THR B 578 -11.13 -1.74 23.83
CA THR B 578 -9.88 -1.86 23.10
C THR B 578 -9.00 -0.64 23.44
N VAL B 579 -7.72 -0.88 23.72
CA VAL B 579 -6.77 0.18 24.07
C VAL B 579 -5.53 0.08 23.21
N PHE B 580 -5.15 1.22 22.61
CA PHE B 580 -3.89 1.36 21.89
C PHE B 580 -2.95 2.23 22.70
N VAL B 581 -1.76 1.70 22.92
CA VAL B 581 -0.69 2.39 23.62
C VAL B 581 0.40 2.60 22.60
N ASP B 582 0.77 3.86 22.40
CA ASP B 582 1.67 4.24 21.31
C ASP B 582 2.53 5.43 21.75
N GLY B 583 3.67 5.11 22.36
CA GLY B 583 4.55 6.10 22.95
C GLY B 583 3.88 6.66 24.19
N SER B 584 3.39 7.89 24.07
CA SER B 584 2.65 8.56 25.11
C SER B 584 1.14 8.56 24.87
N VAL B 585 0.69 8.18 23.68
CA VAL B 585 -0.75 8.15 23.39
C VAL B 585 -1.38 6.90 23.99
N ILE B 586 -2.50 7.10 24.66
CA ILE B 586 -3.39 6.02 25.07
C ILE B 586 -4.72 6.34 24.40
N GLU B 587 -5.16 5.47 23.49
CA GLU B 587 -6.39 5.70 22.74
C GLU B 587 -7.36 4.54 22.96
N ILE B 588 -8.53 4.86 23.51
CA ILE B 588 -9.44 3.85 24.04
C ILE B 588 -10.72 3.87 23.22
N TYR B 589 -11.19 2.68 22.85
CA TYR B 589 -12.43 2.50 22.12
C TYR B 589 -13.34 1.55 22.90
N ALA B 590 -14.61 1.95 23.08
CA ALA B 590 -15.60 1.10 23.75
C ALA B 590 -16.80 0.86 22.86
N ASN B 591 -17.11 -0.41 22.62
CA ASN B 591 -18.32 -0.82 21.89
C ASN B 591 -18.50 -0.18 20.51
N ASP B 592 -17.39 0.10 19.82
CA ASP B 592 -17.41 0.78 18.52
C ASP B 592 -18.29 2.02 18.52
N GLU B 593 -18.16 2.81 19.58
CA GLU B 593 -19.04 3.93 19.86
C GLU B 593 -18.30 5.05 20.59
N VAL B 594 -17.72 4.74 21.75
CA VAL B 594 -17.09 5.73 22.59
C VAL B 594 -15.56 5.71 22.38
N ALA B 595 -14.98 6.89 22.18
CA ALA B 595 -13.53 7.03 22.03
C ALA B 595 -13.00 8.01 23.07
N LEU B 596 -11.82 7.71 23.61
CA LEU B 596 -11.14 8.58 24.56
C LEU B 596 -9.64 8.51 24.32
N SER B 597 -9.05 9.62 23.89
CA SER B 597 -7.62 9.73 23.64
C SER B 597 -6.98 10.50 24.78
N THR B 598 -5.86 10.02 25.30
CA THR B 598 -5.16 10.77 26.34
C THR B 598 -3.66 10.54 26.25
N ARG B 599 -2.93 11.09 27.22
CA ARG B 599 -1.47 11.07 27.24
C ARG B 599 -0.93 10.60 28.58
N ALA B 600 0.13 9.80 28.54
CA ALA B 600 0.88 9.40 29.74
C ALA B 600 2.35 9.37 29.40
N TYR B 601 3.18 9.94 30.27
CA TYR B 601 4.60 10.10 30.02
C TYR B 601 5.48 9.51 31.14
N PRO B 602 5.34 8.20 31.43
CA PRO B 602 6.20 7.62 32.46
C PRO B 602 7.68 7.72 32.08
N TRP B 603 8.51 8.02 33.07
CA TRP B 603 9.94 8.13 32.86
C TRP B 603 10.68 6.79 32.77
N LEU B 604 10.31 5.83 33.62
CA LEU B 604 11.12 4.62 33.76
C LEU B 604 11.00 3.73 32.53
N ALA B 605 12.13 3.16 32.12
CA ALA B 605 12.19 2.27 30.95
C ALA B 605 11.29 1.04 31.09
N ASN B 606 11.09 0.57 32.33
CA ASN B 606 10.24 -0.61 32.57
C ASN B 606 8.76 -0.30 32.85
N SER B 607 8.33 0.95 32.68
CA SER B 607 6.91 1.28 32.82
C SER B 607 6.16 1.00 31.51
N THR B 608 6.16 -0.28 31.14
CA THR B 608 5.53 -0.76 29.90
C THR B 608 4.49 -1.88 30.13
N GLY B 609 4.35 -2.36 31.37
CA GLY B 609 3.48 -3.50 31.65
C GLY B 609 2.00 -3.21 31.56
N ALA B 610 1.21 -4.28 31.53
CA ALA B 610 -0.24 -4.17 31.44
C ALA B 610 -0.97 -5.36 32.05
N GLY B 611 -2.22 -5.14 32.42
CA GLY B 611 -3.03 -6.19 33.02
C GLY B 611 -4.42 -5.73 33.39
N LEU B 612 -5.11 -6.56 34.16
CA LEU B 612 -6.50 -6.34 34.52
C LEU B 612 -6.62 -5.63 35.84
N LEU B 613 -7.60 -4.72 35.91
CA LEU B 613 -7.96 -4.01 37.11
C LEU B 613 -9.30 -4.54 37.62
N ALA B 614 -9.43 -4.67 38.93
CA ALA B 614 -10.66 -5.15 39.57
C ALA B 614 -10.86 -4.38 40.86
N ASP B 615 -12.09 -3.92 41.09
CA ASP B 615 -12.45 -3.27 42.36
C ASP B 615 -13.86 -3.68 42.74
N GLY B 616 -14.02 -4.13 44.00
CA GLY B 616 -15.31 -4.55 44.50
C GLY B 616 -15.85 -5.82 43.87
N THR B 617 -14.99 -6.66 43.31
CA THR B 617 -15.43 -7.97 42.81
C THR B 617 -15.44 -8.95 43.97
N THR B 618 -16.49 -9.76 44.04
CA THR B 618 -16.71 -10.68 45.14
C THR B 618 -17.17 -12.03 44.60
N ALA B 619 -17.46 -12.98 45.50
CA ALA B 619 -18.09 -14.25 45.10
C ALA B 619 -19.45 -14.03 44.43
N GLY B 620 -20.19 -13.01 44.86
CA GLY B 620 -21.52 -12.70 44.32
C GLY B 620 -21.53 -11.68 43.20
N ASP B 621 -20.60 -10.73 43.22
CA ASP B 621 -20.53 -9.66 42.21
C ASP B 621 -19.27 -9.91 41.36
N VAL B 622 -19.45 -10.67 40.29
CA VAL B 622 -18.35 -11.20 39.50
C VAL B 622 -18.27 -10.48 38.14
N VAL B 623 -17.06 -10.25 37.65
CA VAL B 623 -16.85 -9.71 36.30
C VAL B 623 -16.12 -10.76 35.48
N GLY B 624 -16.77 -11.22 34.41
CA GLY B 624 -16.17 -12.20 33.50
C GLY B 624 -15.47 -11.49 32.37
N VAL B 625 -14.18 -11.72 32.22
CA VAL B 625 -13.38 -11.12 31.16
C VAL B 625 -13.01 -12.21 30.15
N SER B 626 -13.34 -11.97 28.88
CA SER B 626 -13.05 -12.91 27.80
C SER B 626 -12.59 -12.14 26.56
N GLY B 627 -12.23 -12.87 25.51
CA GLY B 627 -11.73 -12.28 24.28
C GLY B 627 -10.47 -11.45 24.50
N LEU B 628 -9.65 -11.84 25.48
CA LEU B 628 -8.46 -11.08 25.86
C LEU B 628 -7.33 -11.33 24.88
N GLU B 629 -6.73 -10.25 24.39
CA GLU B 629 -5.64 -10.36 23.45
C GLU B 629 -4.69 -9.17 23.60
N LEU B 630 -3.40 -9.46 23.56
CA LEU B 630 -2.33 -8.46 23.56
C LEU B 630 -1.64 -8.52 22.21
N TRP B 631 -1.52 -7.36 21.54
CA TRP B 631 -0.70 -7.22 20.34
C TRP B 631 0.52 -6.40 20.71
N ASP B 632 1.68 -7.03 20.79
CA ASP B 632 2.92 -6.34 21.13
C ASP B 632 3.70 -5.92 19.88
N GLY B 633 3.88 -4.60 19.71
CA GLY B 633 4.76 -4.06 18.66
C GLY B 633 4.07 -3.11 17.69
N LEU B 634 2.85 -3.45 17.29
CA LEU B 634 2.09 -2.69 16.28
C LEU B 634 2.91 -2.58 14.97
N VAL B 635 2.88 -1.43 14.30
CA VAL B 635 3.54 -1.22 13.01
C VAL B 635 4.41 0.03 13.11
N ASP B 636 5.56 0.00 12.45
CA ASP B 636 6.37 1.19 12.21
C ASP B 636 5.66 2.04 11.15
N ALA B 637 4.94 3.09 11.56
CA ALA B 637 4.10 3.87 10.62
C ALA B 637 4.88 4.73 9.61
N TRP B 638 6.16 5.00 9.89
CA TRP B 638 7.00 5.86 9.04
C TRP B 638 8.30 5.15 8.73
N PRO B 639 8.23 4.08 7.91
CA PRO B 639 9.42 3.23 7.70
C PRO B 639 10.63 3.94 7.10
N ALA B 640 10.43 4.98 6.30
CA ALA B 640 11.54 5.70 5.70
C ALA B 640 12.21 6.71 6.65
N ARG B 641 11.55 7.06 7.74
CA ARG B 641 12.10 8.02 8.68
C ARG B 641 13.09 7.36 9.63
N PRO B 642 14.25 8.01 9.88
CA PRO B 642 15.09 7.52 10.99
C PRO B 642 14.41 7.77 12.33
N ALA B 643 14.98 7.24 13.41
CA ALA B 643 14.40 7.38 14.75
C ALA B 643 14.28 8.85 15.17
N ASN B 644 15.31 9.63 14.86
CA ASN B 644 15.33 11.05 15.19
C ASN B 644 15.24 11.89 13.92
N THR B 645 14.06 12.45 13.66
CA THR B 645 13.87 13.34 12.52
C THR B 645 13.85 14.82 12.90
N SER B 646 14.34 15.16 14.11
CA SER B 646 14.53 16.56 14.47
C SER B 646 15.48 17.25 13.49
N GLN B 647 15.17 18.50 13.17
CA GLN B 647 16.10 19.36 12.46
C GLN B 647 16.54 20.53 13.34
N GLY B 648 16.38 20.40 14.65
CA GLY B 648 16.61 21.49 15.59
C GLY B 648 15.44 22.45 15.65
N LEU B 649 15.53 23.38 16.59
CA LEU B 649 14.50 24.38 16.79
C LEU B 649 15.09 25.76 16.59
N VAL B 650 14.26 26.69 16.15
CA VAL B 650 14.67 28.06 15.88
C VAL B 650 13.75 29.07 16.56
N TRP B 651 14.28 30.27 16.75
CA TRP B 651 13.54 31.40 17.28
C TRP B 651 13.35 32.43 16.19
N ASP B 652 12.14 32.98 16.08
CA ASP B 652 11.82 34.01 15.09
C ASP B 652 12.50 35.37 15.39
N GLY B 653 12.94 35.55 16.63
CA GLY B 653 13.63 36.77 17.02
C GLY B 653 12.69 37.82 17.58
N PRO B 654 13.23 39.01 17.87
CA PRO B 654 12.44 40.08 18.49
C PRO B 654 11.24 40.58 17.68
N THR B 655 11.25 40.39 16.35
CA THR B 655 10.09 40.82 15.55
C THR B 655 8.81 40.00 15.82
N ALA B 656 8.93 38.78 16.36
CA ALA B 656 7.73 37.99 16.65
C ALA B 656 6.78 38.74 17.58
N ALA B 657 7.32 39.32 18.64
CA ALA B 657 6.55 40.14 19.58
C ALA B 657 6.05 41.45 18.95
N MET B 658 6.82 42.02 18.03
CA MET B 658 6.41 43.24 17.33
C MET B 658 5.19 43.01 16.45
N TYR B 659 5.23 41.94 15.65
CA TYR B 659 4.11 41.59 14.77
C TYR B 659 2.92 41.10 15.58
N GLY B 660 3.20 40.38 16.67
CA GLY B 660 2.17 39.94 17.62
C GLY B 660 1.28 38.80 17.15
N LEU B 661 1.72 38.08 16.11
CA LEU B 661 0.90 37.03 15.49
C LEU B 661 1.22 35.64 15.99
N PHE B 662 2.51 35.36 16.20
CA PHE B 662 3.01 34.04 16.55
C PHE B 662 3.90 34.14 17.78
N ALA B 663 3.92 33.10 18.61
CA ALA B 663 4.80 33.07 19.77
C ALA B 663 6.26 33.30 19.38
N GLY B 664 6.69 32.70 18.27
CA GLY B 664 8.03 32.87 17.75
C GLY B 664 8.96 31.70 17.99
N TYR B 665 8.50 30.68 18.72
CA TYR B 665 9.31 29.49 19.03
C TYR B 665 8.45 28.24 18.95
C1 NAG C . -0.10 5.94 -36.72
C2 NAG C . -0.20 7.43 -37.01
C3 NAG C . 0.83 7.79 -38.06
C4 NAG C . 2.22 7.40 -37.54
C5 NAG C . 2.28 5.93 -37.13
C6 NAG C . 3.59 5.58 -36.41
C7 NAG C . -2.26 8.77 -36.88
C8 NAG C . -3.59 9.06 -37.52
N2 NAG C . -1.52 7.83 -37.47
O3 NAG C . 0.74 9.18 -38.36
O4 NAG C . 3.25 7.78 -38.47
O5 NAG C . 1.22 5.67 -36.22
O6 NAG C . 3.84 4.18 -36.50
O7 NAG C . -1.93 9.36 -35.86
C1 NAG C . 3.40 6.96 -39.63
C2 NAG C . 3.97 7.80 -40.78
C3 NAG C . 4.21 6.94 -42.00
C4 NAG C . 5.04 5.72 -41.62
C5 NAG C . 4.43 4.97 -40.44
C6 NAG C . 5.27 3.82 -39.90
C7 NAG C . 3.20 10.16 -40.64
C8 NAG C . 4.39 10.57 -39.85
N2 NAG C . 3.06 8.89 -41.05
O3 NAG C . 4.88 7.75 -42.97
O4 NAG C . 5.12 4.78 -42.70
O5 NAG C . 4.24 5.86 -39.36
O6 NAG C . 4.50 3.11 -38.93
O7 NAG C . 2.35 11.03 -40.90
C1 BMA C . 6.31 4.85 -43.48
C2 BMA C . 6.51 3.48 -44.09
C3 BMA C . 7.71 3.46 -45.04
C4 BMA C . 7.60 4.62 -46.03
C5 BMA C . 7.29 5.95 -45.37
C6 BMA C . 6.97 6.99 -46.45
O2 BMA C . 5.31 3.14 -44.81
O3 BMA C . 7.77 2.27 -45.81
O4 BMA C . 8.83 4.71 -46.73
O5 BMA C . 6.17 5.85 -44.47
O6 BMA C . 6.52 8.18 -45.80
C1 MAN C . 8.12 1.07 -45.08
C2 MAN C . 8.84 0.09 -46.00
C3 MAN C . 7.89 -0.34 -47.13
C4 MAN C . 6.61 -0.96 -46.55
C5 MAN C . 6.00 -0.11 -45.43
C6 MAN C . 4.94 -0.90 -44.65
O2 MAN C . 9.20 -1.01 -45.16
O3 MAN C . 8.55 -1.27 -47.99
O4 MAN C . 5.65 -1.09 -47.61
O5 MAN C . 6.99 0.40 -44.51
O6 MAN C . 5.56 -1.84 -43.76
C1 BMA C . 10.36 -1.83 -45.46
C2 BMA C . 11.60 -1.05 -45.94
C3 BMA C . 12.85 -1.94 -45.96
C4 BMA C . 13.02 -2.66 -44.63
C5 BMA C . 11.76 -3.48 -44.35
C6 BMA C . 11.85 -4.29 -43.06
O2 BMA C . 11.82 0.08 -45.10
O3 BMA C . 14.01 -1.15 -46.26
O4 BMA C . 14.19 -3.50 -44.68
O5 BMA C . 10.65 -2.59 -44.27
O6 BMA C . 12.02 -3.42 -41.93
C1 MAN C . 6.20 9.26 -46.71
C2 MAN C . 6.24 10.58 -45.95
C3 MAN C . 5.06 10.70 -44.98
C4 MAN C . 3.75 10.43 -45.70
C5 MAN C . 3.81 9.08 -46.44
C6 MAN C . 2.51 8.74 -47.19
O2 MAN C . 6.19 11.69 -46.86
O3 MAN C . 4.99 12.02 -44.40
O4 MAN C . 2.69 10.42 -44.75
O5 MAN C . 4.92 9.06 -47.34
O6 MAN C . 1.98 9.86 -47.93
C1 MAN C . 5.48 12.05 -43.04
C2 MAN C . 5.03 13.34 -42.34
C3 MAN C . 5.74 14.55 -42.94
C4 MAN C . 7.25 14.34 -42.92
C5 MAN C . 7.63 13.02 -43.59
C6 MAN C . 9.11 12.72 -43.49
O2 MAN C . 5.34 13.25 -40.94
O3 MAN C . 5.39 15.72 -42.20
O4 MAN C . 7.91 15.45 -43.55
O5 MAN C . 6.91 11.95 -42.97
O6 MAN C . 9.47 11.82 -44.55
C1 NAG D . 14.81 9.46 -26.43
C2 NAG D . 14.41 10.35 -27.65
C3 NAG D . 14.53 11.83 -27.32
C4 NAG D . 13.77 12.15 -26.05
C5 NAG D . 14.27 11.21 -24.94
C6 NAG D . 13.60 11.47 -23.60
C7 NAG D . 14.81 9.27 -29.81
C8 NAG D . 15.86 8.95 -30.82
N2 NAG D . 15.23 9.98 -28.78
O3 NAG D . 14.06 12.65 -28.41
O4 NAG D . 14.01 13.50 -25.70
O5 NAG D . 14.04 9.85 -25.31
O6 NAG D . 12.22 11.16 -23.68
O7 NAG D . 13.64 8.88 -29.93
C1 NAG D . 12.82 14.23 -25.38
C2 NAG D . 13.19 15.58 -24.78
C3 NAG D . 11.96 16.41 -24.52
C4 NAG D . 11.04 16.45 -25.74
C5 NAG D . 10.76 15.04 -26.24
C6 NAG D . 9.84 15.00 -27.48
C7 NAG D . 15.26 15.33 -23.44
C8 NAG D . 15.78 15.22 -22.03
N2 NAG D . 13.92 15.43 -23.52
O3 NAG D . 12.36 17.73 -24.18
O4 NAG D . 9.81 17.03 -25.33
O5 NAG D . 12.01 14.44 -26.56
O6 NAG D . 10.46 15.75 -28.53
O7 NAG D . 15.99 15.32 -24.41
C1 BMA D . 9.59 18.36 -25.79
C2 BMA D . 8.10 18.56 -26.07
C3 BMA D . 7.81 19.99 -26.48
C4 BMA D . 8.39 20.97 -25.47
C5 BMA D . 9.86 20.66 -25.23
C6 BMA D . 10.42 21.55 -24.13
O2 BMA D . 7.39 18.27 -24.88
O3 BMA D . 6.38 20.18 -26.51
O4 BMA D . 8.25 22.31 -25.94
O5 BMA D . 10.01 19.30 -24.82
O6 BMA D . 11.81 21.24 -24.00
C1 MAN D . 5.92 20.78 -27.74
C2 MAN D . 4.48 21.22 -27.57
C3 MAN D . 3.59 20.01 -27.34
C4 MAN D . 3.74 19.02 -28.49
C5 MAN D . 5.22 18.72 -28.78
C6 MAN D . 5.34 17.98 -30.12
O2 MAN D . 4.10 21.91 -28.77
O3 MAN D . 2.23 20.42 -27.23
O4 MAN D . 3.05 17.81 -28.16
O5 MAN D . 6.02 19.90 -28.85
O6 MAN D . 6.67 17.46 -30.27
C1 MAN D . 3.34 23.11 -28.53
C2 MAN D . 2.70 23.55 -29.85
C3 MAN D . 3.80 24.05 -30.80
C4 MAN D . 4.58 25.19 -30.15
C5 MAN D . 5.11 24.81 -28.75
C6 MAN D . 5.65 26.05 -28.04
O2 MAN D . 1.73 24.59 -29.68
O3 MAN D . 3.21 24.51 -32.01
O4 MAN D . 5.69 25.56 -31.00
O5 MAN D . 4.10 24.19 -27.94
O6 MAN D . 5.67 25.88 -26.63
C1 MAN D . 0.51 24.18 -29.02
C2 MAN D . -0.67 24.50 -29.91
C3 MAN D . -0.92 26.02 -30.00
C4 MAN D . -0.94 26.67 -28.62
C5 MAN D . 0.28 26.25 -27.79
C6 MAN D . 0.26 26.83 -26.37
O2 MAN D . -1.84 23.83 -29.42
O3 MAN D . -2.15 26.28 -30.69
O4 MAN D . -0.95 28.10 -28.79
O5 MAN D . 0.35 24.81 -27.74
O6 MAN D . -0.84 26.30 -25.62
C1 MAN D . 12.42 22.07 -23.01
C2 MAN D . 13.91 21.72 -22.97
C3 MAN D . 14.14 20.33 -22.36
C4 MAN D . 13.40 20.21 -21.04
C5 MAN D . 11.92 20.52 -21.28
C6 MAN D . 11.06 20.31 -20.05
O2 MAN D . 14.56 22.70 -22.18
O3 MAN D . 15.53 20.09 -22.13
O4 MAN D . 13.55 18.91 -20.51
O5 MAN D . 11.84 21.87 -21.72
O6 MAN D . 11.20 21.51 -19.30
C1 MAN D . 11.27 21.35 -17.88
C2 MAN D . 11.30 22.62 -17.03
C3 MAN D . 12.76 22.99 -16.79
C4 MAN D . 13.54 21.76 -16.25
C5 MAN D . 13.23 20.40 -16.92
C6 MAN D . 13.75 19.18 -16.16
O2 MAN D . 10.70 22.39 -15.75
O3 MAN D . 12.81 24.08 -15.88
O4 MAN D . 14.92 22.05 -16.48
O5 MAN D . 11.81 20.23 -17.16
O6 MAN D . 13.16 19.13 -14.87
C1 MAN D . 9.34 22.81 -15.62
C2 MAN D . 9.07 22.99 -14.12
C3 MAN D . 9.06 21.63 -13.42
C4 MAN D . 8.14 20.63 -14.11
C5 MAN D . 8.42 20.57 -15.62
C6 MAN D . 7.41 19.68 -16.32
O2 MAN D . 7.83 23.67 -13.94
O3 MAN D . 8.65 21.80 -12.05
O4 MAN D . 8.35 19.33 -13.55
O5 MAN D . 8.39 21.90 -16.18
O6 MAN D . 7.67 19.64 -17.73
C1 MAN D . 16.08 19.15 -23.03
C2 MAN D . 17.44 18.72 -22.49
C3 MAN D . 18.43 19.87 -22.57
C4 MAN D . 18.52 20.39 -24.00
C5 MAN D . 17.11 20.76 -24.50
C6 MAN D . 17.09 21.18 -25.96
O2 MAN D . 17.89 17.59 -23.25
O3 MAN D . 19.72 19.42 -22.12
O4 MAN D . 19.36 21.53 -24.10
O5 MAN D . 16.22 19.65 -24.37
O6 MAN D . 15.73 21.51 -26.31
C1 NAG E . -1.17 -29.62 -3.66
C2 NAG E . 0.14 -30.11 -3.03
C3 NAG E . -0.12 -30.65 -1.63
C4 NAG E . -0.97 -29.70 -0.78
C5 NAG E . -2.21 -29.26 -1.55
C6 NAG E . -3.05 -28.21 -0.80
C7 NAG E . 1.73 -30.96 -4.71
C8 NAG E . 2.15 -32.17 -5.50
N2 NAG E . 0.71 -31.15 -3.87
O3 NAG E . 1.14 -30.88 -0.99
O4 NAG E . -1.35 -30.42 0.40
O5 NAG E . -1.80 -28.69 -2.78
O6 NAG E . -2.29 -27.00 -0.65
O7 NAG E . 2.29 -29.89 -4.87
C1 NAG E . -1.07 -29.70 1.62
C2 NAG E . -1.88 -30.36 2.73
C3 NAG E . -1.48 -29.85 4.12
C4 NAG E . 0.02 -29.62 4.28
C5 NAG E . 0.60 -28.87 3.09
C6 NAG E . 2.11 -28.61 3.19
C7 NAG E . -4.19 -30.92 1.91
C8 NAG E . -3.81 -32.32 1.50
N2 NAG E . -3.29 -30.09 2.47
O3 NAG E . -1.90 -30.80 5.10
O4 NAG E . 0.25 -28.89 5.50
O5 NAG E . 0.33 -29.64 1.91
O6 NAG E . 2.83 -29.85 3.18
O7 NAG E . -5.34 -30.54 1.75
C1 NAG F . 16.99 25.64 21.07
C2 NAG F . 18.20 26.22 20.35
C3 NAG F . 18.18 27.73 20.41
C4 NAG F . 16.85 28.23 19.83
C5 NAG F . 15.66 27.55 20.50
C6 NAG F . 14.36 27.90 19.80
C7 NAG F . 20.39 25.10 20.22
C8 NAG F . 21.62 24.67 20.96
N2 NAG F . 19.45 25.73 20.92
O3 NAG F . 19.24 28.28 19.63
O4 NAG F . 16.80 29.67 19.83
O5 NAG F . 15.82 26.14 20.44
O6 NAG F . 13.24 27.72 20.66
O7 NAG F . 20.27 24.85 19.02
C1 NAG F . 16.52 30.29 21.09
C2 NAG F . 17.14 31.69 21.11
C3 NAG F . 16.81 32.39 22.42
C4 NAG F . 15.30 32.34 22.68
C5 NAG F . 14.77 30.91 22.57
C6 NAG F . 13.25 30.80 22.65
C7 NAG F . 19.19 31.81 19.73
C8 NAG F . 20.69 31.65 19.71
N2 NAG F . 18.58 31.60 20.91
O3 NAG F . 17.26 33.73 22.32
O4 NAG F . 14.97 32.78 24.01
O5 NAG F . 15.13 30.38 21.30
O6 NAG F . 12.91 29.41 22.72
O7 NAG F . 18.58 32.11 18.71
C1 BMA F . 14.54 34.15 24.08
C2 BMA F . 13.69 34.29 25.34
C3 BMA F . 13.24 35.74 25.49
C4 BMA F . 14.45 36.67 25.48
C5 BMA F . 15.36 36.43 24.29
C6 BMA F . 16.66 37.19 24.49
O2 BMA F . 14.45 33.87 26.48
O3 BMA F . 12.55 36.00 26.73
O4 BMA F . 13.97 38.01 25.43
O5 BMA F . 15.66 35.03 24.11
O6 BMA F . 17.49 36.95 23.34
C1 MAN F . 18.76 37.61 23.41
C2 MAN F . 19.40 37.53 22.02
C3 MAN F . 19.84 36.08 21.72
C4 MAN F . 20.72 35.54 22.85
C5 MAN F . 20.00 35.69 24.19
C6 MAN F . 20.84 35.17 25.38
O2 MAN F . 20.52 38.41 21.92
O3 MAN F . 20.61 36.02 20.50
O4 MAN F . 21.03 34.16 22.60
O5 MAN F . 19.63 37.07 24.42
O6 MAN F . 22.19 35.66 25.35
C1 MAN F . 19.85 35.51 19.38
C2 MAN F . 20.82 35.12 18.27
C3 MAN F . 21.46 36.36 17.66
C4 MAN F . 20.40 37.35 17.22
C5 MAN F . 19.42 37.66 18.36
C6 MAN F . 18.25 38.52 17.90
O2 MAN F . 20.11 34.37 17.27
O3 MAN F . 22.29 35.99 16.55
O4 MAN F . 21.04 38.55 16.75
O5 MAN F . 18.88 36.44 18.88
O6 MAN F . 17.69 39.17 19.05
C1 MAN F . 11.25 35.39 26.85
C2 MAN F . 10.36 36.28 27.73
C3 MAN F . 10.93 36.32 29.14
C4 MAN F . 11.16 34.91 29.71
C5 MAN F . 11.92 34.02 28.73
C6 MAN F . 12.03 32.56 29.19
O2 MAN F . 9.02 35.76 27.75
O3 MAN F . 10.05 37.06 29.99
O4 MAN F . 11.91 35.02 30.93
O5 MAN F . 11.30 34.08 27.43
O6 MAN F . 10.85 31.82 28.84
C1 NAG G . 6.55 30.45 6.62
C2 NAG G . 7.83 31.26 7.00
C3 NAG G . 8.66 31.58 5.77
C4 NAG G . 8.92 30.29 4.98
C5 NAG G . 7.58 29.62 4.65
C6 NAG G . 7.72 28.34 3.83
C7 NAG G . 7.55 32.64 9.01
C8 NAG G . 7.01 33.93 9.53
N2 NAG G . 7.42 32.47 7.70
O3 NAG G . 9.92 32.19 6.12
O4 NAG G . 9.62 30.68 3.79
O5 NAG G . 6.92 29.29 5.89
O6 NAG G . 8.42 27.34 4.57
O7 NAG G . 8.07 31.81 9.75
C1 NAG G . 10.73 29.83 3.52
C2 NAG G . 11.23 30.12 2.10
C3 NAG G . 12.50 29.34 1.81
C4 NAG G . 13.52 29.51 2.93
C5 NAG G . 12.89 29.20 4.28
C6 NAG G . 13.85 29.36 5.46
C7 NAG G . 9.30 30.60 0.61
C8 NAG G . 8.39 30.00 -0.43
N2 NAG G . 10.23 29.76 1.10
O3 NAG G . 13.05 29.76 0.55
O4 NAG G . 14.56 28.55 2.76
O5 NAG G . 11.77 30.06 4.48
O6 NAG G . 14.36 30.68 5.45
O7 NAG G . 9.17 31.76 0.98
C1 BMA G . 15.79 29.07 2.26
C2 BMA G . 16.94 28.23 2.82
C3 BMA G . 18.27 28.71 2.26
C4 BMA G . 18.21 28.77 0.74
C5 BMA G . 17.00 29.57 0.29
C6 BMA G . 16.92 29.54 -1.22
O2 BMA G . 16.74 26.86 2.43
O3 BMA G . 19.30 27.79 2.64
O4 BMA G . 19.41 29.34 0.20
O5 BMA G . 15.81 29.01 0.85
O6 BMA G . 15.73 30.25 -1.60
C1 MAN G . 20.40 28.46 3.27
C2 MAN G . 21.58 27.51 3.39
C3 MAN G . 21.24 26.38 4.34
C4 MAN G . 20.86 26.95 5.70
C5 MAN G . 19.74 28.00 5.56
C6 MAN G . 19.50 28.70 6.90
O2 MAN G . 22.70 28.27 3.89
O3 MAN G . 22.34 25.48 4.44
O4 MAN G . 20.42 25.89 6.57
O5 MAN G . 20.07 28.98 4.57
O6 MAN G . 18.64 29.84 6.75
C1 MAN G . 23.94 27.97 3.22
C2 MAN G . 25.10 28.52 4.05
C3 MAN G . 25.07 30.04 4.06
C4 MAN G . 25.09 30.58 2.62
C5 MAN G . 24.05 29.90 1.72
C6 MAN G . 24.36 30.22 0.28
O2 MAN G . 26.36 28.08 3.51
O3 MAN G . 26.20 30.55 4.78
O4 MAN G . 24.84 31.99 2.64
O5 MAN G . 24.02 28.47 1.88
O6 MAN G . 23.52 29.45 -0.59
C1 MAN G . 27.02 27.09 4.33
C2 MAN G . 28.48 26.93 3.90
C3 MAN G . 28.62 26.14 2.59
C4 MAN G . 27.79 24.87 2.60
C5 MAN G . 26.36 25.15 3.04
C6 MAN G . 25.50 23.88 3.13
O2 MAN G . 29.21 26.29 4.94
O3 MAN G . 29.99 25.81 2.36
O4 MAN G . 27.78 24.31 1.27
O5 MAN G . 26.36 25.81 4.32
O6 MAN G . 24.32 24.03 2.34
C1 MAN G . 15.62 30.30 -3.03
C2 MAN G . 14.45 31.21 -3.40
C3 MAN G . 13.14 30.57 -2.99
C4 MAN G . 13.05 29.14 -3.54
C5 MAN G . 14.26 28.35 -3.04
C6 MAN G . 14.26 26.89 -3.51
O2 MAN G . 14.44 31.45 -4.82
O3 MAN G . 12.02 31.31 -3.48
O4 MAN G . 11.81 28.55 -3.14
O5 MAN G . 15.44 28.99 -3.56
O6 MAN G . 14.41 26.95 -4.93
C1 MAN G . 14.10 25.70 -5.54
C2 MAN G . 14.68 25.72 -6.96
C3 MAN G . 13.97 26.77 -7.80
C4 MAN G . 12.44 26.61 -7.71
C5 MAN G . 11.95 26.43 -6.27
C6 MAN G . 10.46 26.09 -6.19
O2 MAN G . 14.46 24.45 -7.62
O3 MAN G . 14.41 26.66 -9.16
O4 MAN G . 11.83 27.79 -8.26
O5 MAN G . 12.70 25.43 -5.59
O6 MAN G . 10.21 24.87 -6.89
C1 MAN G . 15.52 23.49 -7.41
C2 MAN G . 15.36 22.38 -8.44
C3 MAN G . 14.05 21.60 -8.17
C4 MAN G . 13.96 21.13 -6.71
C5 MAN G . 14.33 22.24 -5.72
C6 MAN G . 14.47 21.68 -4.30
O2 MAN G . 16.50 21.51 -8.37
O3 MAN G . 13.94 20.48 -9.05
O4 MAN G . 12.63 20.71 -6.43
O5 MAN G . 15.55 22.90 -6.11
O6 MAN G . 14.97 22.70 -3.43
C1 MAN G . 11.31 32.01 -2.44
C2 MAN G . 10.00 32.50 -3.00
C3 MAN G . 10.23 33.59 -4.04
C4 MAN G . 11.03 34.74 -3.41
C5 MAN G . 12.33 34.15 -2.83
C6 MAN G . 13.20 35.20 -2.15
O2 MAN G . 9.19 32.97 -1.91
O3 MAN G . 8.97 34.05 -4.55
O4 MAN G . 11.35 35.76 -4.36
O5 MAN G . 12.04 33.11 -1.88
O6 MAN G . 14.38 34.58 -1.64
C1 NAG H . -18.68 -7.38 21.92
C2 NAG H . -20.04 -7.01 21.34
C3 NAG H . -20.76 -8.23 20.75
C4 NAG H . -19.84 -9.10 19.89
C5 NAG H . -18.52 -9.37 20.59
C6 NAG H . -17.52 -10.12 19.70
C7 NAG H . -21.11 -5.11 22.52
C8 NAG H . -21.94 -4.74 23.71
N2 NAG H . -20.84 -6.42 22.41
O3 NAG H . -21.86 -7.78 19.94
O4 NAG H . -20.51 -10.36 19.64
O5 NAG H . -17.92 -8.13 20.97
O6 NAG H . -17.11 -9.27 18.63
O7 NAG H . -20.74 -4.27 21.73
C1 NAG H . -20.74 -10.62 18.25
C2 NAG H . -21.06 -12.11 18.08
C3 NAG H . -21.57 -12.44 16.67
C4 NAG H . -22.63 -11.45 16.21
C5 NAG H . -22.07 -10.02 16.35
C6 NAG H . -23.02 -8.95 15.81
C7 NAG H . -19.57 -13.44 19.53
C8 NAG H . -18.26 -14.18 19.59
N2 NAG H . -19.85 -12.88 18.35
O3 NAG H . -22.11 -13.76 16.66
O4 NAG H . -22.99 -11.72 14.85
O5 NAG H . -21.79 -9.79 17.73
O6 NAG H . -24.28 -9.00 16.48
O7 NAG H . -20.29 -13.38 20.51
C1 GLC I . 14.65 -10.44 -29.65
C2 GLC I . 15.82 -11.44 -29.80
C3 GLC I . 16.27 -11.63 -31.24
C4 GLC I . 15.07 -11.89 -32.16
C5 GLC I . 14.00 -10.80 -31.97
C6 GLC I . 12.78 -11.03 -32.87
O2 GLC I . 16.93 -10.98 -29.01
O3 GLC I . 17.22 -12.70 -31.32
O4 GLC I . 15.52 -11.92 -33.51
O5 GLC I . 13.59 -10.74 -30.59
O6 GLC I . 12.13 -12.27 -32.53
C1 FRU I . 15.51 -8.00 -27.72
C2 FRU I . 14.72 -8.05 -29.01
C3 FRU I . 14.84 -6.75 -29.80
C4 FRU I . 13.59 -6.83 -30.67
C5 FRU I . 12.57 -7.32 -29.65
C6 FRU I . 11.42 -8.13 -30.22
O1 FRU I . 16.93 -7.92 -28.00
O2 FRU I . 15.17 -9.12 -29.86
O3 FRU I . 16.06 -6.65 -30.53
O4 FRU I . 13.28 -5.58 -31.27
O5 FRU I . 13.32 -8.12 -28.72
O6 FRU I . 10.76 -8.81 -29.13
C1 FRU I . 17.30 -7.94 -25.59
C2 FRU I . 17.84 -7.55 -26.95
C3 FRU I . 19.20 -8.19 -27.19
C4 FRU I . 19.80 -7.27 -28.23
C5 FRU I . 19.40 -5.93 -27.65
C6 FRU I . 19.34 -4.86 -28.72
O1 FRU I . 18.23 -7.69 -24.55
O3 FRU I . 19.12 -9.57 -27.55
O4 FRU I . 21.20 -7.40 -28.34
O5 FRU I . 18.12 -6.15 -27.02
O6 FRU I . 18.14 -5.00 -29.49
C1 FRU I . 16.97 -8.77 -22.71
C2 FRU I . 17.69 -7.52 -23.24
C3 FRU I . 18.83 -7.19 -22.31
C4 FRU I . 19.08 -5.72 -22.64
C5 FRU I . 17.66 -5.21 -22.95
C6 FRU I . 17.62 -4.17 -24.05
O1 FRU I . 15.97 -9.19 -23.65
O3 FRU I . 19.95 -8.05 -22.56
O4 FRU I . 19.63 -4.99 -21.55
O5 FRU I . 16.86 -6.35 -23.27
O6 FRU I . 16.29 -3.62 -24.14
C1 GLC J . -6.08 26.70 21.54
C2 GLC J . -7.51 27.14 21.87
C3 GLC J . -7.58 28.31 22.86
C4 GLC J . -6.71 28.05 24.08
C5 GLC J . -5.30 27.61 23.66
C6 GLC J . -4.43 27.27 24.86
O2 GLC J . -8.20 27.47 20.66
O3 GLC J . -8.94 28.50 23.28
O4 GLC J . -6.65 29.23 24.88
O5 GLC J . -5.38 26.47 22.78
O6 GLC J . -5.00 26.15 25.56
C1 FRU J . -5.34 26.85 18.42
C2 FRU J . -4.52 27.21 19.66
C3 FRU J . -3.53 28.32 19.32
C4 FRU J . -2.44 28.16 20.35
C5 FRU J . -2.41 26.65 20.59
C6 FRU J . -2.10 26.31 22.06
O1 FRU J . -6.15 27.99 18.01
O2 FRU J . -5.41 27.66 20.71
O3 FRU J . -4.11 29.63 19.37
O4 FRU J . -1.17 28.65 19.93
O5 FRU J . -3.68 26.13 20.14
O6 FRU J . -1.04 25.36 22.15
C1 FRU J . -7.27 26.54 16.34
C2 FRU J . -6.95 27.97 16.79
C3 FRU J . -8.22 28.79 17.00
C4 FRU J . -7.71 30.21 16.93
C5 FRU J . -6.70 30.10 15.80
C6 FRU J . -5.54 31.08 15.99
O1 FRU J . -8.21 26.48 15.27
O3 FRU J . -8.94 28.49 18.20
O4 FRU J . -8.73 31.14 16.59
O5 FRU J . -6.27 28.72 15.79
O6 FRU J . -4.59 30.53 16.92
C1 FRU J . -8.79 24.07 15.13
C2 FRU J . -8.20 25.30 14.44
C3 FRU J . -8.99 25.59 13.18
C4 FRU J . -8.00 26.37 12.35
C5 FRU J . -6.67 25.74 12.71
C6 FRU J . -5.53 26.74 12.77
O1 FRU J . -8.18 23.89 16.40
O3 FRU J . -10.20 26.28 13.49
O4 FRU J . -8.27 26.29 10.96
O5 FRU J . -6.86 25.08 13.97
O6 FRU J . -4.30 26.07 13.07
C1 NAG K . -6.07 -6.46 -45.47
C2 NAG K . -6.02 -7.24 -46.79
C3 NAG K . -4.69 -7.03 -47.49
C4 NAG K . -4.38 -5.53 -47.64
C5 NAG K . -4.48 -4.87 -46.27
C6 NAG K . -4.21 -3.37 -46.28
C7 NAG K . -7.29 -9.39 -46.98
C8 NAG K . -8.33 -8.77 -47.87
N2 NAG K . -6.26 -8.65 -46.52
O3 NAG K . -4.72 -7.64 -48.79
O4 NAG K . -3.09 -5.37 -48.19
O5 NAG K . -5.78 -5.08 -45.74
O6 NAG K . -4.03 -2.95 -44.91
O7 NAG K . -7.37 -10.58 -46.68
C1 NAG L . 1.62 14.45 -15.62
C2 NAG L . 0.28 14.18 -16.32
C3 NAG L . -0.01 15.22 -17.41
C4 NAG L . 0.17 16.66 -16.93
C5 NAG L . 1.46 16.81 -16.10
C6 NAG L . 1.51 18.18 -15.41
C7 NAG L . -0.55 11.86 -16.58
C8 NAG L . -0.45 10.62 -17.41
N2 NAG L . 0.22 12.88 -16.97
O3 NAG L . -1.36 15.07 -17.89
O4 NAG L . 0.21 17.52 -18.08
O5 NAG L . 1.54 15.78 -15.10
O6 NAG L . 2.87 18.63 -15.37
O7 NAG L . -1.29 11.91 -15.60
C1 NAG M . 38.46 -10.84 -32.39
C2 NAG M . 37.92 -9.99 -33.55
C3 NAG M . 39.06 -9.29 -34.30
C4 NAG M . 39.82 -8.40 -33.32
C5 NAG M . 40.32 -9.22 -32.12
C6 NAG M . 40.90 -8.30 -31.06
C7 NAG M . 37.43 -11.76 -35.24
C8 NAG M . 36.37 -12.33 -36.15
N2 NAG M . 37.06 -10.71 -34.50
O3 NAG M . 38.57 -8.53 -35.40
O4 NAG M . 40.92 -7.77 -33.98
O5 NAG M . 39.25 -9.98 -31.54
O6 NAG M . 41.17 -9.02 -29.85
O7 NAG M . 38.55 -12.26 -35.21
C1 NAG N . 40.51 -19.39 4.85
C2 NAG N . 39.75 -20.70 4.65
C3 NAG N . 39.29 -21.19 6.02
C4 NAG N . 40.48 -21.31 6.97
C5 NAG N . 41.29 -20.01 7.03
C6 NAG N . 42.60 -20.14 7.83
C7 NAG N . 38.61 -20.92 2.46
C8 NAG N . 37.38 -20.60 1.65
N2 NAG N . 38.63 -20.48 3.72
O3 NAG N . 38.69 -22.48 5.90
O4 NAG N . 39.99 -21.64 8.28
O5 NAG N . 41.64 -19.63 5.71
O6 NAG N . 43.47 -21.08 7.17
O7 NAG N . 39.51 -21.55 1.96
C1 NAG O . 47.73 -5.05 -4.80
C2 NAG O . 48.31 -5.22 -6.20
C3 NAG O . 49.82 -5.38 -6.10
C4 NAG O . 50.45 -4.20 -5.35
C5 NAG O . 49.70 -3.89 -4.06
C6 NAG O . 50.15 -2.54 -3.50
C7 NAG O . 47.25 -6.27 -8.16
C8 NAG O . 46.70 -7.53 -8.74
N2 NAG O . 47.74 -6.34 -6.91
O3 NAG O . 50.38 -5.47 -7.43
O4 NAG O . 51.82 -4.50 -5.06
O5 NAG O . 48.28 -3.86 -4.25
O6 NAG O . 49.42 -2.24 -2.31
O7 NAG O . 47.22 -5.23 -8.82
C1 NAG P . 30.21 -17.91 9.15
C2 NAG P . 31.66 -17.81 9.68
C3 NAG P . 31.79 -18.45 11.06
C4 NAG P . 30.70 -17.96 12.01
C5 NAG P . 29.33 -18.20 11.37
C6 NAG P . 28.19 -17.74 12.29
C7 NAG P . 33.43 -17.87 7.95
C8 NAG P . 34.25 -18.79 7.08
N2 NAG P . 32.55 -18.48 8.76
O3 NAG P . 33.09 -18.14 11.60
O4 NAG P . 30.81 -18.67 13.25
O5 NAG P . 29.27 -17.48 10.14
O6 NAG P . 26.94 -17.86 11.60
O7 NAG P . 33.58 -16.65 7.89
C1 NAG Q . 41.37 -16.07 -13.27
C2 NAG Q . 41.41 -15.06 -14.42
C3 NAG Q . 40.34 -15.37 -15.46
C4 NAG Q . 40.47 -16.82 -15.92
C5 NAG Q . 40.42 -17.76 -14.71
C6 NAG Q . 40.62 -19.22 -15.11
C7 NAG Q . 41.93 -12.62 -14.18
C8 NAG Q . 43.06 -12.68 -15.15
N2 NAG Q . 41.22 -13.73 -13.89
O3 NAG Q . 40.48 -14.48 -16.56
O4 NAG Q . 39.42 -17.14 -16.83
O5 NAG Q . 41.45 -17.40 -13.79
O6 NAG Q . 41.86 -19.38 -15.83
O7 NAG Q . 41.64 -11.56 -13.64
C1 NAG R . 19.68 -44.25 -3.70
C2 NAG R . 20.95 -45.10 -3.88
C3 NAG R . 20.79 -45.98 -5.11
C4 NAG R . 19.49 -46.81 -4.99
C5 NAG R . 18.27 -45.93 -4.69
C6 NAG R . 17.02 -46.76 -4.38
C7 NAG R . 23.06 -44.14 -3.02
C8 NAG R . 24.17 -43.15 -3.25
N2 NAG R . 22.11 -44.21 -3.95
O3 NAG R . 21.95 -46.83 -5.23
O4 NAG R . 19.25 -47.51 -6.21
O5 NAG R . 18.53 -45.09 -3.56
O6 NAG R . 17.15 -47.44 -3.12
O7 NAG R . 23.07 -44.85 -2.01
C1 NAG S . -8.15 -5.37 -3.32
C2 NAG S . -7.92 -5.85 -1.90
C3 NAG S . -7.04 -4.83 -1.12
C4 NAG S . -5.78 -4.49 -1.90
C5 NAG S . -6.18 -4.01 -3.30
C6 NAG S . -5.00 -3.58 -4.17
C7 NAG S . -9.59 -7.05 -0.48
C8 NAG S . -8.61 -8.13 -0.16
N2 NAG S . -9.22 -6.03 -1.27
O3 NAG S . -6.65 -5.36 0.14
O4 NAG S . -5.05 -3.47 -1.20
O5 NAG S . -6.88 -5.06 -3.94
O6 NAG S . -4.07 -4.66 -4.31
O7 NAG S . -10.73 -7.09 -0.01
C1 NAG T . -18.21 -40.83 -12.63
C2 NAG T . -18.65 -41.22 -11.23
C3 NAG T . -20.01 -40.64 -10.90
C4 NAG T . -20.02 -39.13 -11.15
C5 NAG T . -19.52 -38.82 -12.56
C6 NAG T . -19.37 -37.31 -12.80
C7 NAG T . -18.18 -43.34 -10.08
C8 NAG T . -18.30 -44.83 -10.15
N2 NAG T . -18.68 -42.68 -11.12
O3 NAG T . -20.33 -40.91 -9.53
O4 NAG T . -21.32 -38.60 -10.97
O5 NAG T . -18.24 -39.42 -12.76
O6 NAG T . -18.37 -36.77 -11.93
O7 NAG T . -17.66 -42.79 -9.12
C1 NAG U . 3.64 -48.08 -13.08
C2 NAG U . 4.71 -48.51 -14.08
C3 NAG U . 5.95 -48.97 -13.32
C4 NAG U . 6.46 -47.83 -12.44
C5 NAG U . 5.34 -47.26 -11.56
C6 NAG U . 5.81 -45.98 -10.87
C7 NAG U . 4.21 -49.54 -16.31
C8 NAG U . 4.73 -48.33 -17.05
N2 NAG U . 4.23 -49.57 -14.97
O3 NAG U . 6.98 -49.36 -14.25
O4 NAG U . 7.54 -48.27 -11.62
O5 NAG U . 4.16 -46.98 -12.33
O6 NAG U . 4.73 -45.38 -10.16
O7 NAG U . 3.78 -50.50 -16.94
C1 NAG V . 6.60 -34.72 -24.58
C2 NAG V . 6.25 -35.32 -25.95
C3 NAG V . 7.50 -35.73 -26.73
C4 NAG V . 8.50 -34.59 -26.81
C5 NAG V . 8.82 -34.07 -25.40
C6 NAG V . 9.73 -32.84 -25.45
C7 NAG V . 4.02 -36.37 -25.91
C8 NAG V . 3.25 -37.66 -25.88
N2 NAG V . 5.35 -36.47 -25.90
O3 NAG V . 7.11 -36.12 -28.05
O4 NAG V . 9.69 -35.05 -27.48
O5 NAG V . 7.61 -33.70 -24.73
O6 NAG V . 10.35 -32.66 -24.17
O7 NAG V . 3.43 -35.29 -25.89
C1 NAG W . -1.61 -21.90 -37.38
C2 NAG W . -2.89 -22.12 -38.20
C3 NAG W . -2.50 -22.59 -39.59
C4 NAG W . -1.65 -21.49 -40.23
C5 NAG W . -0.46 -21.11 -39.34
C6 NAG W . 0.27 -19.88 -39.86
C7 NAG W . -5.14 -22.86 -37.38
C8 NAG W . -5.81 -21.68 -38.03
N2 NAG W . -3.81 -23.03 -37.50
O3 NAG W . -3.68 -22.84 -40.37
O4 NAG W . -1.17 -21.95 -41.50
O5 NAG W . -0.88 -20.84 -37.99
O6 NAG W . 1.66 -19.98 -39.49
O7 NAG W . -5.82 -23.66 -36.76
C1 NAG X . -20.89 -16.54 -28.75
C2 NAG X . -22.27 -17.21 -28.77
C3 NAG X . -22.44 -17.96 -30.10
C4 NAG X . -22.32 -16.93 -31.23
C5 NAG X . -21.00 -16.15 -31.12
C6 NAG X . -20.94 -15.00 -32.12
C7 NAG X . -21.98 -18.99 -26.97
C8 NAG X . -20.67 -19.48 -27.46
N2 NAG X . -22.63 -17.99 -27.59
O3 NAG X . -23.70 -18.63 -30.13
O4 NAG X . -22.37 -17.60 -32.50
O5 NAG X . -20.84 -15.58 -29.80
O6 NAG X . -21.83 -13.96 -31.70
O7 NAG X . -22.45 -19.52 -25.98
C1 NAG Y . -7.23 5.44 -27.55
C2 NAG Y . -8.22 5.29 -28.71
C3 NAG Y . -7.57 5.67 -30.04
C4 NAG Y . -6.89 7.04 -29.93
C5 NAG Y . -5.92 7.04 -28.74
C6 NAG Y . -5.20 8.37 -28.57
C7 NAG Y . -9.80 3.49 -28.22
C8 NAG Y . -10.10 2.03 -28.39
N2 NAG Y . -8.67 3.91 -28.78
O3 NAG Y . -8.55 5.67 -31.07
O4 NAG Y . -6.17 7.30 -31.14
O5 NAG Y . -6.67 6.75 -27.55
O6 NAG Y . -6.12 9.43 -28.31
O7 NAG Y . -10.56 4.22 -27.58
C1 NAG Z . 15.09 23.19 37.13
C2 NAG Z . 14.68 23.86 38.43
C3 NAG Z . 14.23 25.32 38.19
C4 NAG Z . 15.18 26.08 37.27
C5 NAG Z . 15.48 25.26 36.01
C6 NAG Z . 16.45 25.92 35.03
C7 NAG Z . 13.71 22.33 40.12
C8 NAG Z . 12.43 21.67 40.57
N2 NAG Z . 13.58 23.13 39.05
O3 NAG Z . 14.15 26.00 39.44
O4 NAG Z . 14.57 27.34 36.92
O5 NAG Z . 16.03 24.01 36.42
O6 NAG Z . 16.22 25.36 33.73
O7 NAG Z . 14.77 22.13 40.71
C1 NAG AA . 14.48 15.83 0.67
C2 NAG AA . 15.38 15.19 1.73
C3 NAG AA . 16.69 15.96 1.95
C4 NAG AA . 17.36 16.39 0.65
C5 NAG AA . 16.35 17.02 -0.30
C6 NAG AA . 16.95 17.34 -1.67
C7 NAG AA . 14.50 14.05 3.75
C8 NAG AA . 13.81 14.28 5.07
N2 NAG AA . 14.71 15.15 3.03
O3 NAG AA . 17.60 15.17 2.72
O4 NAG AA . 18.42 17.31 0.96
O5 NAG AA . 15.25 16.10 -0.50
O6 NAG AA . 16.09 18.27 -2.34
O7 NAG AA . 14.81 12.92 3.41
C1 NAG BA . -20.46 44.64 15.67
C2 NAG BA . -19.35 45.29 16.49
C3 NAG BA . -19.01 46.73 16.07
C4 NAG BA . -19.18 47.03 14.58
C5 NAG BA . -20.39 46.33 13.97
C6 NAG BA . -20.43 46.50 12.45
C7 NAG BA . -18.85 45.18 18.91
C8 NAG BA . -19.46 45.19 20.29
N2 NAG BA . -19.72 45.27 17.90
O3 NAG BA . -17.64 47.00 16.41
O4 NAG BA . -19.32 48.44 14.41
O5 NAG BA . -20.33 44.94 14.28
O6 NAG BA . -21.50 45.71 11.90
O7 NAG BA . -17.63 45.10 18.76
C1 NAG CA . -31.98 34.79 -10.12
C2 NAG CA . -31.92 36.18 -9.51
C3 NAG CA . -33.11 37.00 -10.02
C4 NAG CA . -33.07 37.05 -11.55
C5 NAG CA . -32.97 35.64 -12.16
C6 NAG CA . -32.73 35.75 -13.67
C7 NAG CA . -31.15 36.76 -7.22
C8 NAG CA . -30.13 37.76 -7.73
N2 NAG CA . -31.93 36.08 -8.05
O3 NAG CA . -33.06 38.32 -9.47
O4 NAG CA . -34.24 37.71 -12.04
O5 NAG CA . -31.91 34.89 -11.55
O6 NAG CA . -32.43 34.46 -14.20
O7 NAG CA . -31.25 36.59 -6.01
C1 NAG DA . -34.53 9.89 -5.20
C2 NAG DA . -35.03 10.40 -6.56
C3 NAG DA . -35.89 9.37 -7.29
C4 NAG DA . -35.24 7.99 -7.26
C5 NAG DA . -34.96 7.60 -5.82
C6 NAG DA . -34.41 6.19 -5.65
C7 NAG DA . -35.26 12.87 -6.49
C8 NAG DA . -36.23 14.00 -6.25
N2 NAG DA . -35.78 11.64 -6.37
O3 NAG DA . -36.09 9.78 -8.65
O4 NAG DA . -36.10 7.05 -7.92
O5 NAG DA . -34.03 8.55 -5.28
O6 NAG DA . -33.08 6.11 -6.19
O7 NAG DA . -34.10 13.09 -6.78
C1 NAG EA . -32.52 32.70 5.12
C2 NAG EA . -31.46 33.81 5.19
C3 NAG EA . -30.59 33.64 6.44
C4 NAG EA . -31.49 33.59 7.67
C5 NAG EA . -32.50 32.46 7.51
C6 NAG EA . -33.44 32.31 8.71
C7 NAG EA . -30.11 34.91 3.46
C8 NAG EA . -29.28 34.72 2.22
N2 NAG EA . -30.63 33.80 4.00
O3 NAG EA . -29.68 34.73 6.56
O4 NAG EA . -30.69 33.43 8.85
O5 NAG EA . -33.27 32.70 6.34
O6 NAG EA . -34.14 33.54 8.94
O7 NAG EA . -30.29 36.03 3.95
C1 NAG FA . -41.46 3.37 24.79
C2 NAG FA . -42.65 4.19 25.34
C3 NAG FA . -42.40 4.76 26.74
C4 NAG FA . -41.92 3.68 27.68
C5 NAG FA . -40.77 2.89 27.06
C6 NAG FA . -40.43 1.69 27.92
C7 NAG FA . -43.87 5.20 23.50
C8 NAG FA . -44.07 6.38 22.61
N2 NAG FA . -42.94 5.28 24.43
O3 NAG FA . -43.61 5.32 27.24
O4 NAG FA . -41.47 4.27 28.91
O5 NAG FA . -41.05 2.41 25.74
O6 NAG FA . -41.23 0.57 27.54
O7 NAG FA . -44.56 4.20 23.36
C1 NAG GA . 2.49 -5.08 8.47
C2 NAG GA . 1.49 -5.97 7.72
C3 NAG GA . 1.35 -5.56 6.25
C4 NAG GA . 1.08 -4.06 6.13
C5 NAG GA . 2.19 -3.31 6.88
C6 NAG GA . 2.09 -1.78 6.80
C7 NAG GA . 1.04 -8.34 8.14
C8 NAG GA . 1.64 -9.72 8.22
N2 NAG GA . 1.90 -7.36 7.84
O3 NAG GA . 0.25 -6.30 5.68
O4 NAG GA . 1.06 -3.65 4.75
O5 NAG GA . 2.13 -3.71 8.24
O6 NAG GA . 0.79 -1.33 7.22
O7 NAG GA . -0.16 -8.16 8.32
C1 NAG HA . -12.80 -17.16 40.98
C2 NAG HA . -13.31 -18.47 40.42
C3 NAG HA . -12.17 -19.48 40.28
C4 NAG HA . -10.98 -18.90 39.53
C5 NAG HA . -10.61 -17.51 40.04
C6 NAG HA . -9.56 -16.83 39.15
C7 NAG HA . -15.51 -19.52 40.84
C8 NAG HA . -16.44 -20.10 41.87
N2 NAG HA . -14.33 -19.05 41.29
O3 NAG HA . -12.67 -20.63 39.59
O4 NAG HA . -9.86 -19.77 39.72
O5 NAG HA . -11.78 -16.68 40.09
O6 NAG HA . -10.14 -16.47 37.88
O7 NAG HA . -15.83 -19.50 39.65
C1 NAG IA . -19.66 9.96 36.86
C2 NAG IA . -19.50 10.36 38.34
C3 NAG IA . -20.41 11.52 38.69
C4 NAG IA . -20.23 12.70 37.72
C5 NAG IA . -20.36 12.23 36.27
C6 NAG IA . -20.00 13.33 35.27
C7 NAG IA . -18.84 8.61 39.96
C8 NAG IA . -19.31 7.47 40.84
N2 NAG IA . -19.78 9.24 39.23
O3 NAG IA . -20.13 11.94 40.03
O4 NAG IA . -21.21 13.71 38.00
O5 NAG IA . -19.49 11.11 36.01
O6 NAG IA . -20.79 13.18 34.09
O7 NAG IA . -17.66 8.90 39.95
C1 NAG JA . -1.39 16.29 40.17
C2 NAG JA . -0.94 15.93 41.59
C3 NAG JA . -1.03 17.15 42.52
C4 NAG JA . -0.39 18.39 41.91
C5 NAG JA . -0.89 18.62 40.48
C6 NAG JA . -0.20 19.81 39.79
C7 NAG JA . -1.29 13.64 42.41
C8 NAG JA . -2.26 12.70 43.06
N2 NAG JA . -1.74 14.87 42.19
O3 NAG JA . -0.39 16.80 43.74
O4 NAG JA . -0.69 19.54 42.72
O5 NAG JA . -0.67 17.44 39.71
O6 NAG JA . 1.18 19.48 39.55
O7 NAG JA . -0.17 13.27 42.11
C1 NAG KA . 17.89 14.58 17.57
C2 NAG KA . 18.81 14.60 18.80
C3 NAG KA . 19.13 16.03 19.21
C4 NAG KA . 19.65 16.82 18.02
C5 NAG KA . 18.61 16.76 16.89
C6 NAG KA . 19.00 17.57 15.67
C7 NAG KA . 18.38 12.62 20.15
C8 NAG KA . 17.61 12.03 21.31
N2 NAG KA . 18.16 13.90 19.89
O3 NAG KA . 20.10 16.02 20.27
O4 NAG KA . 19.92 18.17 18.41
O5 NAG KA . 18.43 15.38 16.53
O6 NAG KA . 20.22 17.05 15.11
O7 NAG KA . 19.16 11.92 19.51
#